data_2MUX
#
_entry.id   2MUX
#
_entity_poly.entity_id   1
_entity_poly.type   'polypeptide(L)'
_entity_poly.pdbx_seq_one_letter_code
;MGSSHHHHHHSSGLVPRGSHMTVEQNVLQQSAAQKHQQTFLNQLREITGINDTQILQQALKDSNGNLELAVAFLTAKNAK
TPQQEETTYYQTALPGNDRYISVGSQADTNVIDLTGDDKDDLQRAIALSLAESNRAFRETGITDEEQAISRVLEASIAEN
KACLKR
;
_entity_poly.pdbx_strand_id   A
#
# COMPACT_ATOMS: atom_id res chain seq x y z
N MET A 21 -46.34 24.97 -14.84
CA MET A 21 -45.26 25.45 -13.95
C MET A 21 -45.01 26.94 -14.20
N THR A 22 -44.35 27.24 -15.32
CA THR A 22 -44.07 28.63 -15.67
C THR A 22 -45.09 29.17 -16.65
N VAL A 23 -46.37 29.10 -16.28
CA VAL A 23 -47.43 29.57 -17.14
C VAL A 23 -47.14 30.97 -17.65
N GLU A 24 -47.19 31.15 -18.97
CA GLU A 24 -46.91 32.46 -19.57
C GLU A 24 -48.13 33.36 -19.43
N GLN A 25 -48.77 33.32 -18.27
CA GLN A 25 -49.94 34.15 -18.02
C GLN A 25 -50.18 34.32 -16.52
N ASN A 26 -51.31 34.91 -16.17
CA ASN A 26 -51.64 35.14 -14.78
C ASN A 26 -52.81 36.11 -14.65
N VAL A 27 -52.57 37.35 -15.05
CA VAL A 27 -53.61 38.37 -14.98
C VAL A 27 -53.14 39.66 -15.65
N LEU A 28 -53.62 39.91 -16.86
CA LEU A 28 -53.24 41.11 -17.59
C LEU A 28 -54.06 42.31 -17.12
N GLN A 29 -53.43 43.48 -17.10
CA GLN A 29 -54.10 44.69 -16.66
C GLN A 29 -53.82 45.84 -17.61
N GLN A 30 -54.76 46.10 -18.51
CA GLN A 30 -54.61 47.19 -19.46
C GLN A 30 -53.23 47.15 -20.12
N SER A 31 -52.67 48.32 -20.38
CA SER A 31 -51.35 48.40 -21.00
C SER A 31 -51.40 47.85 -22.42
N ALA A 32 -52.34 48.37 -23.22
CA ALA A 32 -52.49 47.93 -24.59
C ALA A 32 -51.43 48.56 -25.48
N ALA A 33 -51.27 49.87 -25.37
CA ALA A 33 -50.28 50.58 -26.17
C ALA A 33 -48.90 49.98 -25.95
N GLN A 34 -48.62 49.59 -24.71
CA GLN A 34 -47.34 48.99 -24.37
C GLN A 34 -47.26 47.57 -24.92
N LYS A 35 -48.41 46.93 -25.07
CA LYS A 35 -48.47 45.57 -25.58
C LYS A 35 -47.82 45.50 -26.95
N HIS A 36 -47.69 46.65 -27.61
CA HIS A 36 -47.08 46.70 -28.94
C HIS A 36 -45.56 46.54 -28.86
N GLN A 37 -44.91 47.45 -28.14
CA GLN A 37 -43.46 47.38 -28.01
C GLN A 37 -43.06 46.05 -27.40
N GLN A 38 -43.93 45.52 -26.54
CA GLN A 38 -43.66 44.24 -25.88
C GLN A 38 -43.54 43.14 -26.91
N THR A 39 -44.56 43.02 -27.76
CA THR A 39 -44.59 41.98 -28.78
C THR A 39 -43.44 42.15 -29.78
N PHE A 40 -43.33 43.35 -30.32
CA PHE A 40 -42.28 43.65 -31.30
C PHE A 40 -40.91 43.31 -30.73
N LEU A 41 -40.64 43.85 -29.55
CA LEU A 41 -39.37 43.60 -28.86
C LEU A 41 -39.26 42.12 -28.55
N ASN A 42 -40.33 41.58 -27.96
CA ASN A 42 -40.37 40.17 -27.61
C ASN A 42 -39.97 39.34 -28.82
N GLN A 43 -40.50 39.73 -29.96
CA GLN A 43 -40.19 39.04 -31.21
C GLN A 43 -38.69 39.03 -31.44
N LEU A 44 -38.07 40.22 -31.41
CA LEU A 44 -36.63 40.35 -31.64
C LEU A 44 -35.88 39.25 -30.89
N ARG A 45 -36.36 38.89 -29.72
CA ARG A 45 -35.71 37.84 -28.94
C ARG A 45 -36.04 36.48 -29.53
N GLU A 46 -37.13 36.43 -30.29
CA GLU A 46 -37.58 35.17 -30.89
C GLU A 46 -36.95 34.87 -32.26
N ILE A 47 -37.12 35.77 -33.23
CA ILE A 47 -36.59 35.54 -34.59
C ILE A 47 -35.07 35.35 -34.58
N THR A 48 -34.34 36.35 -34.12
CA THR A 48 -32.89 36.28 -34.10
C THR A 48 -32.40 35.52 -32.86
N GLY A 49 -33.35 35.12 -32.01
CA GLY A 49 -33.01 34.36 -30.81
C GLY A 49 -32.06 35.16 -29.91
N ILE A 50 -32.11 36.48 -30.03
CA ILE A 50 -31.25 37.33 -29.20
C ILE A 50 -31.71 37.28 -27.74
N ASN A 51 -30.81 37.65 -26.83
CA ASN A 51 -31.14 37.62 -25.41
C ASN A 51 -30.74 38.92 -24.72
N ASP A 52 -30.60 39.98 -25.49
CA ASP A 52 -30.23 41.28 -24.95
C ASP A 52 -31.44 42.19 -24.87
N THR A 53 -31.76 42.65 -23.67
CA THR A 53 -32.91 43.52 -23.47
C THR A 53 -32.57 44.97 -23.80
N GLN A 54 -31.30 45.33 -23.67
CA GLN A 54 -30.87 46.70 -23.95
C GLN A 54 -30.62 46.90 -25.45
N ILE A 55 -29.90 45.96 -26.05
CA ILE A 55 -29.58 46.06 -27.47
C ILE A 55 -30.84 45.93 -28.32
N LEU A 56 -31.88 45.34 -27.74
CA LEU A 56 -33.14 45.16 -28.48
C LEU A 56 -33.89 46.47 -28.63
N GLN A 57 -34.30 47.06 -27.51
CA GLN A 57 -35.02 48.33 -27.57
C GLN A 57 -34.24 49.32 -28.41
N GLN A 58 -32.94 49.10 -28.49
CA GLN A 58 -32.08 49.96 -29.30
C GLN A 58 -32.28 49.64 -30.78
N ALA A 59 -32.42 48.35 -31.07
CA ALA A 59 -32.64 47.90 -32.44
C ALA A 59 -33.99 48.42 -32.94
N LEU A 60 -34.86 48.79 -32.01
CA LEU A 60 -36.17 49.31 -32.35
C LEU A 60 -36.08 50.77 -32.78
N LYS A 61 -35.46 51.60 -31.94
CA LYS A 61 -35.32 53.01 -32.24
C LYS A 61 -34.71 53.20 -33.63
N ASP A 62 -33.83 52.28 -34.01
CA ASP A 62 -33.19 52.36 -35.31
C ASP A 62 -34.07 51.75 -36.40
N SER A 63 -34.90 50.79 -36.01
CA SER A 63 -35.78 50.12 -36.96
C SER A 63 -37.02 50.97 -37.24
N ASN A 64 -37.43 51.75 -36.25
CA ASN A 64 -38.59 52.60 -36.40
C ASN A 64 -39.86 51.79 -36.67
N GLY A 65 -39.95 50.59 -36.08
CA GLY A 65 -41.13 49.75 -36.27
C GLY A 65 -40.85 48.62 -37.24
N ASN A 66 -39.60 48.50 -37.69
CA ASN A 66 -39.22 47.45 -38.62
C ASN A 66 -38.67 46.25 -37.85
N LEU A 67 -39.17 45.05 -38.17
CA LEU A 67 -38.75 43.84 -37.46
C LEU A 67 -37.46 43.26 -38.05
N GLU A 68 -37.52 42.85 -39.32
CA GLU A 68 -36.36 42.27 -39.98
C GLU A 68 -35.16 43.20 -39.85
N LEU A 69 -35.44 44.48 -39.60
CA LEU A 69 -34.38 45.46 -39.45
C LEU A 69 -33.81 45.40 -38.06
N ALA A 70 -34.67 45.53 -37.06
CA ALA A 70 -34.21 45.47 -35.69
C ALA A 70 -33.41 44.18 -35.56
N VAL A 71 -33.89 43.16 -36.25
CA VAL A 71 -33.22 41.87 -36.27
C VAL A 71 -31.85 42.03 -36.92
N ALA A 72 -31.84 42.67 -38.07
CA ALA A 72 -30.60 42.90 -38.81
C ALA A 72 -29.59 43.65 -37.94
N PHE A 73 -30.04 44.67 -37.23
CA PHE A 73 -29.12 45.43 -36.38
C PHE A 73 -28.51 44.53 -35.31
N LEU A 74 -29.20 43.45 -34.97
CA LEU A 74 -28.70 42.52 -33.96
C LEU A 74 -27.80 41.47 -34.59
N THR A 75 -28.30 40.80 -35.62
CA THR A 75 -27.52 39.78 -36.30
C THR A 75 -26.77 40.41 -37.46
N ALA A 76 -27.44 41.34 -38.14
CA ALA A 76 -26.84 42.05 -39.26
C ALA A 76 -25.92 41.14 -40.07
N LYS A 77 -26.12 39.83 -39.92
CA LYS A 77 -25.32 38.84 -40.65
C LYS A 77 -26.23 37.73 -41.18
N ASN A 78 -26.23 36.60 -40.47
CA ASN A 78 -27.06 35.46 -40.86
C ASN A 78 -28.22 35.31 -39.88
N ALA A 79 -28.87 34.14 -39.90
CA ALA A 79 -29.99 33.90 -38.99
C ALA A 79 -30.91 32.82 -39.54
N LYS A 80 -31.37 31.93 -38.66
CA LYS A 80 -32.27 30.86 -39.06
C LYS A 80 -33.57 30.93 -38.28
N THR A 81 -33.92 29.85 -37.60
CA THR A 81 -35.15 29.82 -36.81
C THR A 81 -35.16 28.69 -35.78
N PRO A 82 -34.61 27.55 -36.12
CA PRO A 82 -34.56 26.39 -35.20
C PRO A 82 -33.32 26.41 -34.31
N GLN A 83 -32.67 27.57 -34.25
CA GLN A 83 -31.47 27.72 -33.44
C GLN A 83 -31.75 27.38 -31.99
N GLN A 84 -32.25 28.35 -31.23
CA GLN A 84 -32.56 28.14 -29.83
C GLN A 84 -34.02 28.47 -29.55
N GLU A 85 -34.85 27.43 -29.46
CA GLU A 85 -36.27 27.64 -29.19
C GLU A 85 -36.49 28.15 -27.78
N GLU A 86 -37.10 29.33 -27.67
CA GLU A 86 -37.36 29.93 -26.37
C GLU A 86 -37.74 28.86 -25.36
N THR A 87 -36.74 28.37 -24.61
CA THR A 87 -36.98 27.33 -23.62
C THR A 87 -37.12 27.94 -22.22
N THR A 88 -36.19 28.83 -21.87
CA THR A 88 -36.22 29.46 -20.56
C THR A 88 -35.40 30.74 -20.54
N TYR A 89 -35.35 31.39 -19.39
CA TYR A 89 -34.59 32.63 -19.24
C TYR A 89 -34.24 32.85 -17.78
N TYR A 90 -33.32 32.03 -17.26
CA TYR A 90 -32.90 32.14 -15.87
C TYR A 90 -31.44 31.73 -15.71
N GLN A 91 -31.21 30.43 -15.56
CA GLN A 91 -29.86 29.92 -15.40
C GLN A 91 -29.31 29.42 -16.74
N THR A 92 -29.69 30.10 -17.81
CA THR A 92 -29.24 29.73 -19.14
C THR A 92 -29.33 28.21 -19.33
N ALA A 93 -30.10 27.56 -18.48
CA ALA A 93 -30.27 26.12 -18.56
C ALA A 93 -28.93 25.45 -18.83
N LEU A 94 -27.85 26.19 -18.64
CA LEU A 94 -26.50 25.66 -18.86
C LEU A 94 -26.48 24.15 -18.65
N PRO A 95 -26.65 23.39 -19.69
CA PRO A 95 -26.64 21.91 -19.60
C PRO A 95 -25.22 21.34 -19.57
N GLY A 96 -24.26 22.20 -19.28
CA GLY A 96 -22.86 21.78 -19.21
C GLY A 96 -21.93 22.98 -19.22
N ASN A 97 -20.78 22.85 -18.58
CA ASN A 97 -19.81 23.92 -18.51
C ASN A 97 -18.70 23.72 -19.54
N ASP A 98 -17.66 22.99 -19.13
CA ASP A 98 -16.54 22.72 -20.03
C ASP A 98 -15.26 22.49 -19.22
N ARG A 99 -14.29 21.81 -19.83
CA ARG A 99 -13.04 21.53 -19.15
C ARG A 99 -12.27 22.83 -18.91
N TYR A 100 -11.90 23.07 -17.67
CA TYR A 100 -11.16 24.28 -17.30
C TYR A 100 -9.67 24.10 -17.60
N ILE A 101 -8.87 25.04 -17.13
CA ILE A 101 -7.42 25.00 -17.33
C ILE A 101 -6.97 23.56 -17.61
N SER A 102 -6.73 22.81 -16.55
CA SER A 102 -6.28 21.42 -16.69
C SER A 102 -6.31 20.71 -15.33
N VAL A 103 -5.74 19.51 -15.29
CA VAL A 103 -5.70 18.74 -14.06
C VAL A 103 -4.69 19.33 -13.08
N GLY A 104 -4.57 18.71 -11.92
CA GLY A 104 -3.64 19.19 -10.90
C GLY A 104 -2.22 18.79 -11.25
N SER A 105 -2.01 17.51 -11.52
CA SER A 105 -0.69 17.00 -11.88
C SER A 105 0.25 17.10 -10.68
N GLN A 106 0.01 16.25 -9.68
CA GLN A 106 0.83 16.25 -8.48
C GLN A 106 2.19 15.60 -8.76
N ALA A 107 3.08 15.65 -7.78
CA ALA A 107 4.41 15.07 -7.93
C ALA A 107 4.32 13.54 -7.93
N ASP A 108 5.13 12.90 -8.78
CA ASP A 108 5.13 11.45 -8.85
C ASP A 108 6.22 10.86 -7.97
N THR A 109 6.54 11.55 -6.88
CA THR A 109 7.58 11.09 -5.97
C THR A 109 7.15 9.78 -5.30
N ASN A 110 7.96 8.74 -5.46
CA ASN A 110 7.65 7.45 -4.87
C ASN A 110 8.82 6.50 -5.04
N VAL A 111 10.02 7.07 -5.13
CA VAL A 111 11.23 6.29 -5.31
C VAL A 111 11.96 6.12 -3.99
N ILE A 112 13.18 6.66 -3.93
CA ILE A 112 14.01 6.57 -2.74
C ILE A 112 13.74 5.28 -1.96
N ASP A 113 14.15 5.28 -0.71
CA ASP A 113 13.97 4.12 0.15
C ASP A 113 13.86 4.56 1.62
N LEU A 114 12.90 4.00 2.33
CA LEU A 114 12.70 4.35 3.73
C LEU A 114 13.75 3.70 4.62
N THR A 115 14.15 2.48 4.27
CA THR A 115 15.15 1.76 5.05
C THR A 115 16.53 1.93 4.43
N GLY A 116 16.62 1.73 3.13
CA GLY A 116 17.89 1.86 2.43
C GLY A 116 18.74 0.62 2.61
N ASP A 117 18.11 -0.44 3.11
CA ASP A 117 18.82 -1.70 3.33
C ASP A 117 20.24 -1.43 3.83
N ASP A 118 20.36 -1.15 5.13
CA ASP A 118 21.67 -0.88 5.73
C ASP A 118 21.94 -1.85 6.87
N LYS A 119 22.39 -3.05 6.51
CA LYS A 119 22.69 -4.07 7.51
C LYS A 119 24.15 -4.02 7.92
N ASP A 120 24.91 -3.11 7.31
CA ASP A 120 26.33 -2.98 7.63
C ASP A 120 26.52 -2.45 9.05
N ASP A 121 25.44 -1.91 9.63
CA ASP A 121 25.50 -1.38 10.98
C ASP A 121 26.11 -2.39 11.96
N LEU A 122 25.53 -3.58 12.01
CA LEU A 122 26.03 -4.61 12.91
C LEU A 122 27.49 -4.88 12.65
N GLN A 123 27.88 -4.81 11.38
CA GLN A 123 29.27 -5.02 11.02
C GLN A 123 30.13 -4.07 11.85
N ARG A 124 29.47 -3.04 12.36
CA ARG A 124 30.14 -2.05 13.19
C ARG A 124 30.16 -2.51 14.64
N ALA A 125 29.11 -3.23 15.04
CA ALA A 125 29.03 -3.72 16.40
C ALA A 125 30.26 -4.56 16.73
N ILE A 126 30.54 -5.55 15.89
CA ILE A 126 31.70 -6.41 16.10
C ILE A 126 32.98 -5.63 15.93
N ALA A 127 33.04 -4.87 14.85
CA ALA A 127 34.21 -4.07 14.55
C ALA A 127 34.61 -3.24 15.78
N LEU A 128 33.66 -2.44 16.26
CA LEU A 128 33.91 -1.61 17.43
C LEU A 128 34.58 -2.43 18.53
N SER A 129 34.07 -3.63 18.75
CA SER A 129 34.64 -4.50 19.77
C SER A 129 36.07 -4.88 19.41
N LEU A 130 36.27 -5.23 18.15
CA LEU A 130 37.60 -5.60 17.68
C LEU A 130 38.59 -4.54 18.14
N ALA A 131 38.07 -3.36 18.49
CA ALA A 131 38.91 -2.27 18.96
C ALA A 131 39.15 -2.37 20.46
N GLU A 132 38.07 -2.38 21.23
CA GLU A 132 38.18 -2.48 22.67
C GLU A 132 39.14 -3.60 23.05
N SER A 133 39.39 -4.50 22.10
CA SER A 133 40.30 -5.62 22.36
C SER A 133 41.73 -5.24 21.99
N ASN A 134 41.93 -4.78 20.76
CA ASN A 134 43.26 -4.40 20.31
C ASN A 134 43.75 -3.23 21.16
N ARG A 135 42.95 -2.85 22.15
CA ARG A 135 43.31 -1.75 23.04
C ARG A 135 43.41 -2.27 24.47
N ALA A 136 42.66 -3.32 24.76
CA ALA A 136 42.68 -3.92 26.09
C ALA A 136 43.81 -4.95 26.18
N PHE A 137 44.29 -5.39 25.02
CA PHE A 137 45.38 -6.36 24.98
C PHE A 137 46.69 -5.72 25.40
N ARG A 138 47.73 -6.52 25.51
CA ARG A 138 49.04 -6.00 25.91
C ARG A 138 50.12 -6.42 24.91
N GLU A 139 49.71 -6.71 23.68
CA GLU A 139 50.64 -7.13 22.64
C GLU A 139 51.28 -8.46 23.01
N THR A 140 51.49 -8.67 24.30
CA THR A 140 52.10 -9.91 24.77
C THR A 140 51.13 -11.08 24.59
N GLY A 141 50.60 -11.58 25.71
CA GLY A 141 49.67 -12.69 25.65
C GLY A 141 50.19 -13.90 26.40
N ILE A 142 51.50 -14.12 26.34
CA ILE A 142 52.11 -15.24 27.02
C ILE A 142 52.15 -15.02 28.53
N THR A 143 51.96 -13.77 28.94
CA THR A 143 51.98 -13.42 30.36
C THR A 143 53.28 -13.86 31.00
N ASP A 144 54.39 -13.32 30.50
CA ASP A 144 55.70 -13.66 31.04
C ASP A 144 55.97 -12.90 32.33
N GLU A 145 54.98 -12.14 32.77
CA GLU A 145 55.11 -11.37 34.01
C GLU A 145 55.39 -12.28 35.20
N GLU A 146 54.72 -13.43 35.22
CA GLU A 146 54.90 -14.38 36.31
C GLU A 146 56.37 -14.76 36.46
N GLN A 147 56.97 -15.20 35.37
CA GLN A 147 58.37 -15.60 35.40
C GLN A 147 59.25 -14.46 35.91
N ALA A 148 58.80 -13.23 35.70
CA ALA A 148 59.55 -12.07 36.14
C ALA A 148 59.47 -11.93 37.66
N ILE A 149 58.40 -11.30 38.15
CA ILE A 149 58.22 -11.11 39.58
C ILE A 149 58.94 -12.19 40.36
N SER A 150 58.87 -13.42 39.87
CA SER A 150 59.52 -14.54 40.54
C SER A 150 61.03 -14.34 40.60
N ARG A 151 61.67 -14.41 39.44
CA ARG A 151 63.11 -14.24 39.36
C ARG A 151 63.57 -13.06 40.23
N VAL A 152 62.65 -12.12 40.47
CA VAL A 152 62.97 -10.95 41.27
C VAL A 152 62.99 -11.32 42.75
N LEU A 153 61.85 -11.77 43.28
CA LEU A 153 61.78 -12.15 44.69
C LEU A 153 63.08 -12.84 45.09
N GLU A 154 63.43 -13.90 44.36
CA GLU A 154 64.65 -14.64 44.64
C GLU A 154 65.84 -13.69 44.59
N ALA A 155 65.84 -12.80 43.61
CA ALA A 155 66.94 -11.84 43.50
C ALA A 155 67.41 -11.43 44.87
N SER A 156 66.51 -10.82 45.65
CA SER A 156 66.84 -10.40 47.00
C SER A 156 66.90 -11.63 47.91
N ILE A 157 66.50 -12.76 47.34
CA ILE A 157 66.47 -14.05 48.04
C ILE A 157 65.06 -14.39 48.46
N ALA A 158 64.12 -14.09 47.56
CA ALA A 158 62.70 -14.35 47.80
C ALA A 158 62.43 -14.62 49.28
N GLU A 159 62.47 -15.89 49.66
CA GLU A 159 62.23 -16.27 51.04
C GLU A 159 63.36 -15.77 51.95
N ASN A 160 63.70 -16.58 52.96
CA ASN A 160 64.76 -16.21 53.90
C ASN A 160 65.33 -17.45 54.57
N LYS A 161 66.65 -17.52 54.66
CA LYS A 161 67.31 -18.65 55.30
C LYS A 161 67.44 -18.42 56.80
N ALA A 162 68.48 -17.69 57.19
CA ALA A 162 68.71 -17.40 58.61
C ALA A 162 68.02 -16.10 59.00
N CYS A 163 66.78 -16.20 59.46
CA CYS A 163 66.02 -15.03 59.87
C CYS A 163 66.87 -14.12 60.76
N LEU A 164 66.53 -12.83 60.77
CA LEU A 164 67.27 -11.87 61.58
C LEU A 164 66.61 -11.71 62.96
N LYS A 165 66.91 -10.60 63.62
CA LYS A 165 66.35 -10.34 64.94
C LYS A 165 64.88 -9.92 64.83
N ARG A 166 64.44 -9.65 63.60
CA ARG A 166 63.07 -9.23 63.36
C ARG A 166 62.11 -10.39 63.62
N MET A 21 -33.28 -25.74 14.63
CA MET A 21 -34.56 -26.23 14.06
C MET A 21 -34.32 -26.78 12.66
N THR A 22 -35.39 -27.18 11.98
CA THR A 22 -35.27 -27.73 10.65
C THR A 22 -34.58 -26.73 9.72
N VAL A 23 -33.25 -26.68 9.79
CA VAL A 23 -32.48 -25.77 8.96
C VAL A 23 -33.02 -25.74 7.53
N GLU A 24 -32.27 -26.34 6.62
CA GLU A 24 -32.69 -26.40 5.23
C GLU A 24 -33.45 -27.68 4.94
N GLN A 25 -32.72 -28.78 4.79
CA GLN A 25 -33.35 -30.07 4.53
C GLN A 25 -34.37 -29.94 3.40
N ASN A 26 -35.56 -29.44 3.74
CA ASN A 26 -36.62 -29.27 2.76
C ASN A 26 -37.47 -30.54 2.66
N VAL A 27 -38.40 -30.56 1.72
CA VAL A 27 -39.27 -31.71 1.55
C VAL A 27 -39.47 -32.00 0.07
N LEU A 28 -39.56 -33.28 -0.27
CA LEU A 28 -39.75 -33.69 -1.67
C LEU A 28 -40.73 -34.85 -1.74
N GLN A 29 -41.97 -34.54 -2.12
CA GLN A 29 -43.00 -35.56 -2.24
C GLN A 29 -42.50 -36.72 -3.08
N GLN A 30 -43.37 -37.72 -3.28
CA GLN A 30 -42.99 -38.89 -4.08
C GLN A 30 -43.98 -39.09 -5.22
N SER A 31 -44.49 -40.31 -5.35
CA SER A 31 -45.45 -40.62 -6.41
C SER A 31 -46.71 -41.23 -5.82
N ALA A 32 -46.79 -42.56 -5.85
CA ALA A 32 -47.96 -43.26 -5.32
C ALA A 32 -48.32 -42.74 -3.94
N ALA A 33 -47.39 -42.02 -3.32
CA ALA A 33 -47.63 -41.46 -1.99
C ALA A 33 -48.48 -40.20 -2.05
N GLN A 34 -48.43 -39.52 -3.19
CA GLN A 34 -49.20 -38.29 -3.37
C GLN A 34 -50.63 -38.60 -3.80
N LYS A 35 -50.75 -39.53 -4.74
CA LYS A 35 -52.07 -39.91 -5.24
C LYS A 35 -52.95 -40.45 -4.12
N HIS A 36 -52.32 -41.01 -3.10
CA HIS A 36 -53.07 -41.56 -1.97
C HIS A 36 -53.52 -40.45 -1.01
N GLN A 37 -52.58 -39.60 -0.63
CA GLN A 37 -52.87 -38.50 0.29
C GLN A 37 -54.05 -37.69 -0.22
N GLN A 38 -54.07 -37.45 -1.53
CA GLN A 38 -55.13 -36.66 -2.14
C GLN A 38 -56.50 -37.32 -1.92
N THR A 39 -56.56 -38.63 -2.09
CA THR A 39 -57.82 -39.34 -1.90
C THR A 39 -58.09 -39.61 -0.43
N PHE A 40 -57.04 -39.99 0.27
CA PHE A 40 -57.15 -40.29 1.69
C PHE A 40 -57.71 -39.08 2.45
N LEU A 41 -57.01 -37.95 2.31
CA LEU A 41 -57.43 -36.72 2.97
C LEU A 41 -58.78 -36.27 2.44
N ASN A 42 -58.96 -36.40 1.12
CA ASN A 42 -60.22 -36.01 0.49
C ASN A 42 -61.38 -36.75 1.14
N GLN A 43 -61.15 -38.03 1.42
CA GLN A 43 -62.17 -38.85 2.05
C GLN A 43 -62.60 -38.23 3.37
N LEU A 44 -61.63 -37.84 4.19
CA LEU A 44 -61.91 -37.23 5.48
C LEU A 44 -62.89 -36.08 5.32
N ARG A 45 -62.58 -35.14 4.44
CA ARG A 45 -63.45 -34.01 4.19
C ARG A 45 -64.79 -34.50 3.70
N GLU A 46 -64.82 -35.75 3.27
CA GLU A 46 -66.04 -36.34 2.73
C GLU A 46 -67.00 -36.85 3.82
N ILE A 47 -66.53 -37.76 4.67
CA ILE A 47 -67.42 -38.33 5.70
C ILE A 47 -67.64 -37.41 6.89
N THR A 48 -66.57 -36.85 7.41
CA THR A 48 -66.72 -36.00 8.58
C THR A 48 -66.90 -34.54 8.20
N GLY A 49 -66.84 -34.26 6.89
CA GLY A 49 -67.05 -32.91 6.38
C GLY A 49 -66.03 -31.90 6.87
N ILE A 50 -65.17 -32.28 7.81
CA ILE A 50 -64.17 -31.34 8.31
C ILE A 50 -63.27 -30.85 7.17
N ASN A 51 -63.62 -29.68 6.65
CA ASN A 51 -62.84 -29.10 5.55
C ASN A 51 -61.61 -28.36 6.05
N ASP A 52 -60.99 -28.91 7.11
CA ASP A 52 -59.79 -28.29 7.66
C ASP A 52 -58.57 -29.12 7.29
N THR A 53 -58.01 -28.84 6.12
CA THR A 53 -56.84 -29.57 5.65
C THR A 53 -55.81 -29.73 6.76
N GLN A 54 -55.69 -28.70 7.60
CA GLN A 54 -54.73 -28.74 8.69
C GLN A 54 -55.01 -29.92 9.61
N ILE A 55 -56.28 -30.10 9.97
CA ILE A 55 -56.65 -31.20 10.85
C ILE A 55 -56.66 -32.52 10.09
N LEU A 56 -57.01 -32.47 8.80
CA LEU A 56 -57.03 -33.67 7.99
C LEU A 56 -55.62 -34.23 7.83
N GLN A 57 -54.75 -33.44 7.20
CA GLN A 57 -53.37 -33.86 7.00
C GLN A 57 -52.76 -34.32 8.32
N GLN A 58 -53.27 -33.76 9.42
CA GLN A 58 -52.78 -34.12 10.75
C GLN A 58 -53.37 -35.46 11.18
N ALA A 59 -54.64 -35.66 10.86
CA ALA A 59 -55.32 -36.90 11.21
C ALA A 59 -54.60 -38.08 10.58
N LEU A 60 -54.15 -37.90 9.34
CA LEU A 60 -53.43 -38.94 8.62
C LEU A 60 -52.07 -39.19 9.27
N LYS A 61 -51.40 -38.10 9.62
CA LYS A 61 -50.09 -38.19 10.25
C LYS A 61 -50.11 -39.20 11.39
N ASP A 62 -51.19 -39.21 12.16
CA ASP A 62 -51.32 -40.14 13.27
C ASP A 62 -51.90 -41.47 12.82
N SER A 63 -52.90 -41.40 11.93
CA SER A 63 -53.54 -42.62 11.44
C SER A 63 -52.57 -43.49 10.65
N ASN A 64 -51.53 -42.86 10.12
CA ASN A 64 -50.52 -43.58 9.35
C ASN A 64 -51.17 -44.46 8.28
N GLY A 65 -52.18 -43.93 7.59
CA GLY A 65 -52.84 -44.69 6.53
C GLY A 65 -54.18 -45.26 6.97
N ASN A 66 -54.54 -45.03 8.23
CA ASN A 66 -55.81 -45.53 8.75
C ASN A 66 -56.87 -44.43 8.68
N LEU A 67 -57.97 -44.69 7.99
CA LEU A 67 -59.02 -43.69 7.85
C LEU A 67 -59.97 -43.72 9.04
N GLU A 68 -60.65 -44.84 9.25
CA GLU A 68 -61.56 -44.95 10.37
C GLU A 68 -60.91 -44.33 11.60
N LEU A 69 -59.58 -44.26 11.54
CA LEU A 69 -58.80 -43.68 12.61
C LEU A 69 -58.63 -42.19 12.37
N ALA A 70 -58.42 -41.82 11.11
CA ALA A 70 -58.27 -40.41 10.76
C ALA A 70 -59.60 -39.70 10.99
N VAL A 71 -60.67 -40.22 10.37
CA VAL A 71 -61.98 -39.62 10.57
C VAL A 71 -62.26 -39.55 12.05
N ALA A 72 -62.12 -40.69 12.69
CA ALA A 72 -62.33 -40.79 14.12
C ALA A 72 -61.49 -39.74 14.83
N PHE A 73 -60.24 -39.61 14.42
CA PHE A 73 -59.34 -38.63 15.01
C PHE A 73 -60.01 -37.27 15.08
N LEU A 74 -60.93 -37.01 14.16
CA LEU A 74 -61.63 -35.72 14.13
C LEU A 74 -62.84 -35.75 15.06
N THR A 75 -63.68 -36.76 14.89
CA THR A 75 -64.88 -36.87 15.73
C THR A 75 -64.54 -37.53 17.06
N ALA A 76 -63.76 -38.60 17.01
CA ALA A 76 -63.37 -39.30 18.23
C ALA A 76 -63.25 -38.32 19.39
N LYS A 77 -63.62 -38.77 20.58
CA LYS A 77 -63.54 -37.92 21.76
C LYS A 77 -62.51 -38.45 22.75
N ASN A 78 -61.67 -37.56 23.25
CA ASN A 78 -60.64 -37.94 24.21
C ASN A 78 -60.00 -36.70 24.83
N ALA A 79 -60.83 -35.71 25.13
CA ALA A 79 -60.34 -34.47 25.73
C ALA A 79 -59.55 -33.66 24.70
N LYS A 80 -58.53 -32.95 25.16
CA LYS A 80 -57.70 -32.15 24.26
C LYS A 80 -56.56 -32.99 23.70
N THR A 81 -55.37 -32.40 23.65
CA THR A 81 -54.20 -33.11 23.14
C THR A 81 -52.95 -32.63 23.84
N PRO A 82 -52.86 -32.88 25.12
CA PRO A 82 -51.70 -32.48 25.96
C PRO A 82 -50.57 -33.50 25.89
N GLN A 83 -50.48 -34.33 26.92
CA GLN A 83 -49.43 -35.35 26.98
C GLN A 83 -48.07 -34.72 26.69
N GLN A 84 -47.63 -33.84 27.58
CA GLN A 84 -46.34 -33.18 27.41
C GLN A 84 -46.21 -32.59 26.01
N GLU A 85 -46.65 -31.34 25.86
CA GLU A 85 -46.59 -30.67 24.57
C GLU A 85 -45.35 -29.78 24.49
N GLU A 86 -44.51 -29.84 25.52
CA GLU A 86 -43.30 -29.03 25.54
C GLU A 86 -42.21 -29.67 24.69
N THR A 87 -41.32 -30.41 25.34
CA THR A 87 -40.23 -31.08 24.63
C THR A 87 -40.71 -31.66 23.30
N THR A 88 -40.43 -30.95 22.21
CA THR A 88 -40.83 -31.40 20.89
C THR A 88 -40.11 -30.60 19.82
N TYR A 89 -40.45 -30.87 18.56
CA TYR A 89 -39.83 -30.16 17.45
C TYR A 89 -40.79 -30.07 16.27
N TYR A 90 -40.89 -28.88 15.69
CA TYR A 90 -41.78 -28.67 14.56
C TYR A 90 -40.97 -28.46 13.27
N GLN A 91 -41.65 -28.11 12.19
CA GLN A 91 -40.97 -27.88 10.92
C GLN A 91 -41.21 -26.45 10.44
N THR A 92 -42.07 -25.74 11.15
CA THR A 92 -42.39 -24.36 10.80
C THR A 92 -41.39 -23.40 11.45
N ALA A 93 -40.43 -22.92 10.65
CA ALA A 93 -39.42 -22.01 11.16
C ALA A 93 -38.58 -21.45 10.01
N LEU A 94 -38.55 -20.12 9.90
CA LEU A 94 -37.79 -19.47 8.85
C LEU A 94 -36.36 -19.17 9.29
N PRO A 95 -36.14 -18.99 10.58
CA PRO A 95 -34.78 -18.69 11.13
C PRO A 95 -33.76 -19.77 10.75
N GLY A 96 -33.62 -20.02 9.46
CA GLY A 96 -32.68 -21.02 8.98
C GLY A 96 -31.60 -20.39 8.11
N ASN A 97 -30.58 -19.85 8.75
CA ASN A 97 -29.48 -19.21 8.02
C ASN A 97 -28.22 -19.18 8.87
N ASP A 98 -27.08 -19.44 8.24
CA ASP A 98 -25.81 -19.45 8.95
C ASP A 98 -24.84 -18.47 8.31
N ARG A 99 -23.58 -18.53 8.72
CA ARG A 99 -22.56 -17.64 8.18
C ARG A 99 -21.25 -18.39 7.95
N TYR A 100 -20.41 -18.44 8.97
CA TYR A 100 -19.14 -19.13 8.87
C TYR A 100 -18.17 -18.35 7.98
N ILE A 101 -16.89 -18.63 8.13
CA ILE A 101 -15.86 -17.96 7.33
C ILE A 101 -15.72 -16.51 7.77
N SER A 102 -14.54 -16.14 8.23
CA SER A 102 -14.28 -14.78 8.68
C SER A 102 -12.91 -14.67 9.34
N VAL A 103 -12.42 -15.78 9.86
CA VAL A 103 -11.11 -15.80 10.51
C VAL A 103 -10.15 -16.72 9.78
N GLY A 104 -8.88 -16.34 9.74
CA GLY A 104 -7.86 -17.15 9.07
C GLY A 104 -6.85 -17.68 10.06
N SER A 105 -5.75 -16.93 10.24
CA SER A 105 -4.71 -17.34 11.17
C SER A 105 -3.43 -16.53 10.93
N GLN A 106 -3.51 -15.23 11.17
CA GLN A 106 -2.35 -14.36 10.98
C GLN A 106 -1.51 -14.84 9.81
N ALA A 107 -0.23 -14.46 9.80
CA ALA A 107 0.67 -14.87 8.74
C ALA A 107 2.06 -15.18 9.29
N ASP A 108 2.76 -16.08 8.63
CA ASP A 108 4.09 -16.47 9.07
C ASP A 108 5.00 -15.25 9.15
N THR A 109 4.63 -14.20 8.40
CA THR A 109 5.42 -12.98 8.39
C THR A 109 6.88 -13.28 8.06
N ASN A 110 7.68 -12.23 7.93
CA ASN A 110 9.09 -12.39 7.62
C ASN A 110 9.81 -11.05 7.75
N VAL A 111 9.41 -10.28 8.74
CA VAL A 111 10.01 -8.97 8.98
C VAL A 111 10.74 -8.94 10.31
N ILE A 112 10.12 -8.30 11.31
CA ILE A 112 10.70 -8.19 12.63
C ILE A 112 12.22 -8.16 12.56
N ASP A 113 12.84 -8.52 13.66
CA ASP A 113 14.30 -8.54 13.75
C ASP A 113 14.87 -7.14 13.53
N LEU A 114 15.23 -6.48 14.63
CA LEU A 114 15.78 -5.13 14.55
C LEU A 114 17.27 -5.18 14.21
N THR A 115 17.68 -6.20 13.48
CA THR A 115 19.08 -6.34 13.08
C THR A 115 19.18 -6.56 11.58
N GLY A 116 18.13 -7.13 10.99
CA GLY A 116 18.12 -7.38 9.55
C GLY A 116 18.05 -6.07 8.77
N ASP A 117 17.50 -5.04 9.39
CA ASP A 117 17.39 -3.74 8.75
C ASP A 117 18.62 -3.45 7.90
N ASP A 118 19.78 -3.44 8.55
CA ASP A 118 21.03 -3.16 7.84
C ASP A 118 22.12 -4.13 8.33
N LYS A 119 22.99 -4.54 7.41
CA LYS A 119 24.08 -5.45 7.76
C LYS A 119 25.30 -4.67 8.24
N ASP A 120 25.70 -3.67 7.46
CA ASP A 120 26.85 -2.85 7.81
C ASP A 120 26.70 -2.29 9.23
N ASP A 121 25.46 -2.25 9.70
CA ASP A 121 25.19 -1.74 11.04
C ASP A 121 25.84 -2.63 12.09
N LEU A 122 25.65 -3.94 11.94
CA LEU A 122 26.25 -4.88 12.89
C LEU A 122 27.74 -4.97 12.65
N GLN A 123 28.10 -5.10 11.40
CA GLN A 123 29.52 -5.17 11.05
C GLN A 123 30.26 -4.08 11.81
N ARG A 124 29.48 -3.10 12.26
CA ARG A 124 30.03 -1.99 13.01
C ARG A 124 30.11 -2.35 14.50
N ALA A 125 29.04 -2.93 15.02
CA ALA A 125 29.01 -3.33 16.42
C ALA A 125 30.20 -4.22 16.72
N ILE A 126 30.44 -5.21 15.87
CA ILE A 126 31.55 -6.12 16.05
C ILE A 126 32.86 -5.36 15.99
N ALA A 127 33.05 -4.69 14.87
CA ALA A 127 34.25 -3.90 14.65
C ALA A 127 34.55 -3.06 15.89
N LEU A 128 33.52 -2.45 16.45
CA LEU A 128 33.67 -1.63 17.65
C LEU A 128 34.37 -2.42 18.74
N SER A 129 34.01 -3.70 18.86
CA SER A 129 34.61 -4.56 19.87
C SER A 129 36.04 -4.91 19.48
N LEU A 130 36.22 -5.31 18.22
CA LEU A 130 37.55 -5.66 17.74
C LEU A 130 38.52 -4.56 18.12
N ALA A 131 37.97 -3.40 18.46
CA ALA A 131 38.80 -2.26 18.85
C ALA A 131 39.08 -2.29 20.35
N GLU A 132 38.01 -2.29 21.15
CA GLU A 132 38.18 -2.33 22.60
C GLU A 132 39.17 -3.42 22.98
N SER A 133 39.30 -4.40 22.09
CA SER A 133 40.22 -5.51 22.31
C SER A 133 41.60 -5.15 21.78
N ASN A 134 41.63 -4.61 20.56
CA ASN A 134 42.90 -4.22 19.96
C ASN A 134 43.73 -3.45 20.99
N ARG A 135 43.06 -3.03 22.05
CA ARG A 135 43.73 -2.29 23.12
C ARG A 135 43.97 -3.22 24.31
N ALA A 136 43.02 -4.10 24.56
CA ALA A 136 43.12 -5.05 25.66
C ALA A 136 43.65 -6.39 25.17
N PHE A 137 44.45 -6.35 24.11
CA PHE A 137 45.01 -7.58 23.54
C PHE A 137 46.47 -7.74 23.96
N ARG A 138 47.21 -6.64 23.95
CA ARG A 138 48.62 -6.68 24.32
C ARG A 138 48.86 -7.72 25.40
N GLU A 139 47.91 -7.87 26.30
CA GLU A 139 48.02 -8.84 27.38
C GLU A 139 49.49 -9.09 27.72
N THR A 140 50.20 -8.02 28.06
CA THR A 140 51.61 -8.12 28.41
C THR A 140 51.82 -9.13 29.53
N GLY A 141 52.88 -9.93 29.40
CA GLY A 141 53.19 -10.93 30.41
C GLY A 141 54.69 -11.16 30.52
N ILE A 142 55.36 -10.30 31.28
CA ILE A 142 56.81 -10.41 31.45
C ILE A 142 57.15 -10.63 32.92
N THR A 143 58.24 -11.37 33.16
CA THR A 143 58.66 -11.64 34.53
C THR A 143 58.95 -10.33 35.27
N ASP A 144 58.80 -10.36 36.59
CA ASP A 144 59.06 -9.17 37.41
C ASP A 144 59.89 -9.53 38.64
N GLU A 145 60.31 -10.80 38.71
CA GLU A 145 61.11 -11.26 39.83
C GLU A 145 62.55 -10.76 39.71
N GLU A 146 63.00 -10.57 38.47
CA GLU A 146 64.36 -10.09 38.23
C GLU A 146 64.56 -8.71 38.85
N GLN A 147 63.63 -7.79 38.57
CA GLN A 147 63.73 -6.44 39.10
C GLN A 147 63.53 -6.45 40.61
N ALA A 148 62.74 -7.40 41.10
CA ALA A 148 62.47 -7.51 42.53
C ALA A 148 63.77 -7.72 43.29
N ILE A 149 64.55 -8.70 42.85
CA ILE A 149 65.82 -9.00 43.51
C ILE A 149 66.75 -7.79 43.47
N SER A 150 67.05 -7.32 42.27
CA SER A 150 67.92 -6.16 42.12
C SER A 150 67.56 -5.08 43.13
N ARG A 151 66.26 -4.91 43.38
CA ARG A 151 65.80 -3.91 44.33
C ARG A 151 66.36 -4.19 45.72
N VAL A 152 66.10 -5.38 46.23
CA VAL A 152 66.59 -5.75 47.55
C VAL A 152 68.05 -5.32 47.72
N LEU A 153 68.82 -5.42 46.64
CA LEU A 153 70.22 -5.03 46.66
C LEU A 153 70.34 -3.52 46.86
N GLU A 154 70.37 -2.79 45.75
CA GLU A 154 70.46 -1.33 45.83
C GLU A 154 69.73 -0.84 47.06
N ALA A 155 68.49 -1.31 47.25
CA ALA A 155 67.71 -0.92 48.42
C ALA A 155 68.62 -0.82 49.64
N SER A 156 69.10 -1.96 50.11
CA SER A 156 69.99 -1.99 51.26
C SER A 156 71.34 -1.37 50.89
N ILE A 157 71.36 -0.73 49.71
CA ILE A 157 72.56 -0.09 49.18
C ILE A 157 73.54 -1.12 48.66
N ALA A 158 72.98 -2.10 47.95
CA ALA A 158 73.78 -3.17 47.36
C ALA A 158 75.26 -3.04 47.70
N GLU A 159 75.89 -2.01 47.15
CA GLU A 159 77.31 -1.78 47.39
C GLU A 159 77.51 -0.94 48.65
N ASN A 160 78.52 -1.29 49.44
CA ASN A 160 78.82 -0.56 50.66
C ASN A 160 80.31 -0.24 50.75
N LYS A 161 80.85 0.35 49.68
CA LYS A 161 82.26 0.71 49.64
C LYS A 161 82.55 1.87 50.58
N ALA A 162 82.99 2.98 50.02
CA ALA A 162 83.30 4.16 50.81
C ALA A 162 84.01 3.77 52.11
N CYS A 163 83.91 4.63 53.11
CA CYS A 163 84.53 4.36 54.40
C CYS A 163 86.04 4.19 54.24
N LEU A 164 86.45 2.97 53.93
CA LEU A 164 87.87 2.68 53.75
C LEU A 164 88.46 3.56 52.66
N LYS A 165 89.39 4.42 53.03
CA LYS A 165 90.03 5.31 52.06
C LYS A 165 91.35 5.86 52.62
N ARG A 166 91.69 5.43 53.84
CA ARG A 166 92.92 5.89 54.47
C ARG A 166 93.33 4.94 55.60
N MET A 21 -25.75 -10.61 -28.96
CA MET A 21 -26.96 -10.24 -28.16
C MET A 21 -27.19 -8.74 -28.23
N THR A 22 -28.31 -8.29 -27.69
CA THR A 22 -28.63 -6.87 -27.69
C THR A 22 -27.79 -6.12 -26.67
N VAL A 23 -27.80 -4.79 -26.76
CA VAL A 23 -27.03 -3.97 -25.83
C VAL A 23 -27.05 -4.55 -24.43
N GLU A 24 -27.82 -3.94 -23.55
CA GLU A 24 -27.92 -4.41 -22.16
C GLU A 24 -29.38 -4.49 -21.73
N GLN A 25 -30.15 -5.32 -22.43
CA GLN A 25 -31.57 -5.48 -22.10
C GLN A 25 -31.87 -6.91 -21.67
N ASN A 26 -32.86 -7.07 -20.81
CA ASN A 26 -33.25 -8.39 -20.32
C ASN A 26 -32.05 -9.13 -19.75
N VAL A 27 -31.20 -8.40 -19.01
CA VAL A 27 -30.02 -8.99 -18.39
C VAL A 27 -29.62 -10.28 -19.09
N LEU A 28 -28.56 -10.21 -19.88
CA LEU A 28 -28.08 -11.39 -20.60
C LEU A 28 -26.81 -11.94 -19.96
N GLN A 29 -26.39 -11.32 -18.85
CA GLN A 29 -25.20 -11.77 -18.15
C GLN A 29 -25.52 -12.92 -17.20
N GLN A 30 -24.73 -13.98 -17.26
CA GLN A 30 -24.95 -15.13 -16.39
C GLN A 30 -26.27 -15.81 -16.71
N SER A 31 -27.11 -15.12 -17.49
CA SER A 31 -28.42 -15.66 -17.88
C SER A 31 -28.76 -16.92 -17.11
N ALA A 32 -29.23 -16.76 -15.88
CA ALA A 32 -29.60 -17.91 -15.05
C ALA A 32 -30.76 -18.66 -15.68
N ALA A 33 -31.47 -18.02 -16.60
CA ALA A 33 -32.60 -18.65 -17.26
C ALA A 33 -32.26 -20.07 -17.68
N GLN A 34 -31.00 -20.28 -18.06
CA GLN A 34 -30.55 -21.61 -18.48
C GLN A 34 -30.93 -22.65 -17.44
N LYS A 35 -31.22 -22.19 -16.23
CA LYS A 35 -31.60 -23.10 -15.14
C LYS A 35 -32.77 -23.97 -15.56
N HIS A 36 -33.68 -23.40 -16.35
CA HIS A 36 -34.84 -24.15 -16.81
C HIS A 36 -34.47 -25.12 -17.93
N GLN A 37 -33.90 -24.59 -19.01
CA GLN A 37 -33.50 -25.43 -20.13
C GLN A 37 -32.60 -26.56 -19.65
N GLN A 38 -31.83 -26.30 -18.61
CA GLN A 38 -30.93 -27.31 -18.06
C GLN A 38 -31.70 -28.53 -17.59
N THR A 39 -32.69 -28.31 -16.72
CA THR A 39 -33.49 -29.40 -16.21
C THR A 39 -34.37 -29.97 -17.31
N PHE A 40 -35.03 -29.08 -18.01
CA PHE A 40 -35.91 -29.47 -19.10
C PHE A 40 -35.20 -30.48 -20.01
N LEU A 41 -34.08 -30.05 -20.58
CA LEU A 41 -33.30 -30.92 -21.46
C LEU A 41 -32.80 -32.13 -20.67
N ASN A 42 -32.15 -31.88 -19.54
CA ASN A 42 -31.65 -32.96 -18.71
C ASN A 42 -32.71 -34.05 -18.59
N GLN A 43 -33.97 -33.62 -18.58
CA GLN A 43 -35.08 -34.57 -18.48
C GLN A 43 -35.21 -35.34 -19.78
N LEU A 44 -35.22 -34.62 -20.91
CA LEU A 44 -35.34 -35.27 -22.21
C LEU A 44 -34.39 -36.47 -22.25
N ARG A 45 -33.34 -36.41 -21.46
CA ARG A 45 -32.38 -37.50 -21.38
C ARG A 45 -32.83 -38.51 -20.32
N GLU A 46 -33.63 -38.03 -19.36
CA GLU A 46 -34.10 -38.85 -18.25
C GLU A 46 -35.39 -39.64 -18.56
N ILE A 47 -36.46 -38.93 -18.92
CA ILE A 47 -37.75 -39.59 -19.18
C ILE A 47 -37.59 -40.73 -20.20
N THR A 48 -37.12 -40.37 -21.39
CA THR A 48 -36.94 -41.36 -22.45
C THR A 48 -35.61 -42.09 -22.29
N GLY A 49 -34.81 -41.66 -21.31
CA GLY A 49 -33.53 -42.29 -21.06
C GLY A 49 -32.53 -42.04 -22.19
N ILE A 50 -32.63 -40.88 -22.83
CA ILE A 50 -31.72 -40.55 -23.93
C ILE A 50 -30.45 -39.87 -23.40
N ASN A 51 -29.36 -40.01 -24.14
CA ASN A 51 -28.09 -39.41 -23.74
C ASN A 51 -27.74 -38.21 -24.62
N ASP A 52 -27.72 -38.44 -25.94
CA ASP A 52 -27.40 -37.37 -26.87
C ASP A 52 -28.08 -36.08 -26.44
N THR A 53 -27.31 -35.18 -25.82
CA THR A 53 -27.84 -33.91 -25.36
C THR A 53 -28.24 -33.02 -26.53
N GLN A 54 -27.64 -33.25 -27.70
CA GLN A 54 -27.94 -32.45 -28.87
C GLN A 54 -29.35 -32.76 -29.38
N ILE A 55 -29.65 -34.02 -29.57
CA ILE A 55 -30.96 -34.44 -30.05
C ILE A 55 -32.08 -33.85 -29.20
N LEU A 56 -31.72 -33.46 -27.97
CA LEU A 56 -32.72 -32.89 -27.06
C LEU A 56 -32.97 -31.41 -27.39
N GLN A 57 -31.92 -30.61 -27.30
CA GLN A 57 -32.03 -29.18 -27.59
C GLN A 57 -32.87 -29.00 -28.85
N GLN A 58 -32.87 -30.03 -29.68
CA GLN A 58 -33.63 -30.01 -30.93
C GLN A 58 -35.11 -30.30 -30.64
N ALA A 59 -35.34 -31.24 -29.73
CA ALA A 59 -36.69 -31.60 -29.36
C ALA A 59 -37.39 -30.40 -28.74
N LEU A 60 -36.64 -29.63 -27.98
CA LEU A 60 -37.19 -28.43 -27.33
C LEU A 60 -37.58 -27.40 -28.38
N LYS A 61 -36.73 -27.27 -29.40
CA LYS A 61 -37.00 -26.31 -30.46
C LYS A 61 -38.39 -26.55 -31.03
N ASP A 62 -38.75 -27.82 -31.16
CA ASP A 62 -40.06 -28.18 -31.69
C ASP A 62 -41.13 -28.20 -30.59
N SER A 63 -40.70 -28.52 -29.36
CA SER A 63 -41.64 -28.59 -28.24
C SER A 63 -41.96 -27.19 -27.71
N ASN A 64 -41.06 -26.23 -27.99
CA ASN A 64 -41.26 -24.87 -27.53
C ASN A 64 -41.28 -24.81 -26.00
N GLY A 65 -40.56 -25.73 -25.36
CA GLY A 65 -40.50 -25.75 -23.90
C GLY A 65 -41.41 -26.83 -23.33
N ASN A 66 -42.07 -27.57 -24.21
CA ASN A 66 -42.98 -28.64 -23.78
C ASN A 66 -42.20 -29.95 -23.61
N LEU A 67 -42.40 -30.61 -22.47
CA LEU A 67 -41.69 -31.86 -22.17
C LEU A 67 -42.40 -33.05 -22.80
N GLU A 68 -43.63 -33.32 -22.35
CA GLU A 68 -44.39 -34.44 -22.89
C GLU A 68 -44.28 -34.43 -24.41
N LEU A 69 -43.97 -33.27 -24.95
CA LEU A 69 -43.83 -33.11 -26.39
C LEU A 69 -42.40 -33.38 -26.81
N ALA A 70 -41.46 -32.89 -26.02
CA ALA A 70 -40.06 -33.11 -26.33
C ALA A 70 -39.77 -34.61 -26.26
N VAL A 71 -40.23 -35.26 -25.20
CA VAL A 71 -40.05 -36.70 -25.07
C VAL A 71 -40.67 -37.39 -26.26
N ALA A 72 -41.97 -37.18 -26.42
CA ALA A 72 -42.70 -37.76 -27.52
C ALA A 72 -41.97 -37.48 -28.83
N PHE A 73 -41.43 -36.26 -28.94
CA PHE A 73 -40.68 -35.88 -30.13
C PHE A 73 -39.57 -36.88 -30.40
N LEU A 74 -39.02 -37.45 -29.33
CA LEU A 74 -37.95 -38.43 -29.46
C LEU A 74 -38.54 -39.83 -29.66
N THR A 75 -39.45 -40.22 -28.78
CA THR A 75 -40.07 -41.53 -28.89
C THR A 75 -41.04 -41.55 -30.06
N ALA A 76 -41.92 -40.56 -30.12
CA ALA A 76 -42.90 -40.45 -31.21
C ALA A 76 -42.86 -41.69 -32.09
N LYS A 77 -42.24 -41.57 -33.26
CA LYS A 77 -42.14 -42.69 -34.17
C LYS A 77 -41.09 -43.67 -33.66
N ASN A 78 -41.35 -44.96 -33.79
CA ASN A 78 -40.40 -45.97 -33.31
C ASN A 78 -39.95 -45.60 -31.90
N ALA A 79 -38.82 -46.16 -31.48
CA ALA A 79 -38.30 -45.86 -30.14
C ALA A 79 -37.04 -46.67 -29.84
N LYS A 80 -36.12 -46.68 -30.79
CA LYS A 80 -34.87 -47.40 -30.61
C LYS A 80 -33.79 -46.83 -31.53
N THR A 81 -32.55 -46.80 -31.04
CA THR A 81 -31.44 -46.28 -31.83
C THR A 81 -30.11 -46.46 -31.11
N PRO A 82 -30.07 -46.26 -29.82
CA PRO A 82 -28.82 -46.40 -29.01
C PRO A 82 -28.32 -47.84 -28.96
N GLN A 83 -29.23 -48.78 -29.20
CA GLN A 83 -28.88 -50.20 -29.18
C GLN A 83 -27.91 -50.53 -30.31
N GLN A 84 -26.78 -51.15 -29.96
CA GLN A 84 -25.79 -51.53 -30.96
C GLN A 84 -25.64 -50.44 -32.01
N GLU A 85 -25.31 -49.22 -31.56
CA GLU A 85 -25.14 -48.11 -32.47
C GLU A 85 -23.72 -48.08 -33.02
N GLU A 86 -22.86 -48.91 -32.44
CA GLU A 86 -21.46 -48.97 -32.88
C GLU A 86 -21.36 -48.74 -34.38
N THR A 87 -20.63 -47.70 -34.77
CA THR A 87 -20.46 -47.39 -36.19
C THR A 87 -19.06 -46.87 -36.47
N THR A 88 -18.47 -46.20 -35.48
CA THR A 88 -17.13 -45.67 -35.64
C THR A 88 -16.95 -45.08 -37.04
N TYR A 89 -17.49 -43.89 -37.24
CA TYR A 89 -17.38 -43.22 -38.54
C TYR A 89 -18.07 -41.86 -38.50
N TYR A 90 -17.42 -40.90 -37.86
CA TYR A 90 -17.98 -39.55 -37.76
C TYR A 90 -16.87 -38.51 -37.77
N GLN A 91 -17.24 -37.25 -37.60
CA GLN A 91 -16.27 -36.16 -37.59
C GLN A 91 -15.79 -35.87 -36.17
N THR A 92 -16.21 -34.74 -35.63
CA THR A 92 -15.82 -34.37 -34.27
C THR A 92 -17.03 -33.92 -33.46
N ALA A 93 -18.20 -33.87 -34.11
CA ALA A 93 -19.42 -33.45 -33.43
C ALA A 93 -19.23 -32.09 -32.78
N LEU A 94 -20.28 -31.27 -32.80
CA LEU A 94 -20.20 -29.94 -32.21
C LEU A 94 -18.79 -29.38 -32.33
N PRO A 95 -18.54 -28.55 -33.31
CA PRO A 95 -17.19 -27.94 -33.52
C PRO A 95 -16.61 -27.38 -32.22
N GLY A 96 -17.39 -27.48 -31.15
CA GLY A 96 -16.94 -26.97 -29.85
C GLY A 96 -16.94 -25.45 -29.82
N ASN A 97 -17.61 -24.88 -28.82
CA ASN A 97 -17.68 -23.43 -28.69
C ASN A 97 -17.59 -23.03 -27.22
N ASP A 98 -17.11 -23.94 -26.40
CA ASP A 98 -16.97 -23.66 -24.97
C ASP A 98 -16.58 -22.21 -24.74
N ARG A 99 -16.96 -21.66 -23.60
CA ARG A 99 -16.65 -20.27 -23.28
C ARG A 99 -15.18 -19.99 -23.58
N TYR A 100 -14.91 -18.79 -24.10
CA TYR A 100 -13.54 -18.40 -24.41
C TYR A 100 -13.18 -17.12 -23.67
N ILE A 101 -11.96 -16.68 -23.84
CA ILE A 101 -11.48 -15.46 -23.19
C ILE A 101 -11.43 -15.66 -21.67
N SER A 102 -12.59 -15.97 -21.08
CA SER A 102 -12.66 -16.19 -19.64
C SER A 102 -11.87 -15.11 -18.90
N VAL A 103 -11.45 -15.43 -17.69
CA VAL A 103 -10.68 -14.48 -16.89
C VAL A 103 -9.70 -15.20 -15.97
N GLY A 104 -8.51 -14.63 -15.82
CA GLY A 104 -7.50 -15.23 -14.96
C GLY A 104 -6.80 -14.16 -14.12
N SER A 105 -5.64 -13.71 -14.58
CA SER A 105 -4.90 -12.69 -13.86
C SER A 105 -4.88 -12.98 -12.37
N GLN A 106 -4.25 -14.10 -12.00
CA GLN A 106 -4.17 -14.49 -10.60
C GLN A 106 -2.80 -14.16 -10.03
N ALA A 107 -1.77 -14.32 -10.85
CA ALA A 107 -0.40 -14.04 -10.43
C ALA A 107 -0.35 -12.76 -9.60
N ASP A 108 0.41 -12.80 -8.51
CA ASP A 108 0.54 -11.64 -7.63
C ASP A 108 2.01 -11.37 -7.32
N THR A 109 2.65 -10.56 -8.15
CA THR A 109 4.06 -10.24 -7.95
C THR A 109 4.26 -8.73 -8.01
N ASN A 110 4.66 -8.15 -6.87
CA ASN A 110 4.91 -6.72 -6.79
C ASN A 110 5.76 -6.41 -5.59
N VAL A 111 6.57 -7.39 -5.20
CA VAL A 111 7.45 -7.25 -4.04
C VAL A 111 8.91 -7.42 -4.44
N ILE A 112 9.79 -7.04 -3.53
CA ILE A 112 11.22 -7.18 -3.78
C ILE A 112 12.03 -6.67 -2.59
N ASP A 113 13.27 -6.34 -2.86
CA ASP A 113 14.16 -5.84 -1.82
C ASP A 113 15.21 -4.91 -2.43
N LEU A 114 16.25 -5.51 -3.01
CA LEU A 114 17.32 -4.73 -3.62
C LEU A 114 18.13 -4.00 -2.55
N THR A 115 17.42 -3.38 -1.61
CA THR A 115 18.08 -2.65 -0.53
C THR A 115 18.39 -3.58 0.63
N GLY A 116 17.51 -4.54 0.85
CA GLY A 116 17.69 -5.50 1.94
C GLY A 116 18.35 -4.84 3.15
N ASP A 117 18.19 -3.52 3.25
CA ASP A 117 18.76 -2.78 4.36
C ASP A 117 20.28 -2.93 4.39
N ASP A 118 20.93 -2.13 5.23
CA ASP A 118 22.39 -2.19 5.34
C ASP A 118 22.81 -2.99 6.57
N LYS A 119 23.65 -3.99 6.35
CA LYS A 119 24.11 -4.83 7.46
C LYS A 119 25.38 -4.24 8.07
N ASP A 120 25.95 -3.25 7.39
CA ASP A 120 27.16 -2.61 7.88
C ASP A 120 27.00 -2.19 9.34
N ASP A 121 25.78 -1.84 9.71
CA ASP A 121 25.51 -1.42 11.08
C ASP A 121 26.04 -2.46 12.06
N LEU A 122 25.75 -3.73 11.79
CA LEU A 122 26.22 -4.80 12.65
C LEU A 122 27.71 -4.99 12.50
N GLN A 123 28.13 -5.19 11.28
CA GLN A 123 29.54 -5.36 10.99
C GLN A 123 30.32 -4.32 11.79
N ARG A 124 29.59 -3.31 12.22
CA ARG A 124 30.19 -2.23 13.01
C ARG A 124 30.20 -2.59 14.49
N ALA A 125 29.14 -3.25 14.94
CA ALA A 125 29.05 -3.64 16.34
C ALA A 125 30.21 -4.57 16.70
N ILE A 126 30.56 -5.46 15.77
CA ILE A 126 31.67 -6.38 16.00
C ILE A 126 32.99 -5.66 15.88
N ALA A 127 33.03 -4.73 14.94
CA ALA A 127 34.22 -3.94 14.71
C ALA A 127 34.56 -3.11 15.94
N LEU A 128 33.60 -2.30 16.38
CA LEU A 128 33.80 -1.47 17.57
C LEU A 128 34.35 -2.30 18.71
N SER A 129 33.67 -3.40 19.03
CA SER A 129 34.12 -4.27 20.11
C SER A 129 35.52 -4.76 19.81
N LEU A 130 35.73 -5.26 18.59
CA LEU A 130 37.05 -5.73 18.20
C LEU A 130 38.08 -4.67 18.57
N ALA A 131 37.58 -3.46 18.80
CA ALA A 131 38.45 -2.35 19.16
C ALA A 131 38.82 -2.41 20.64
N GLU A 132 37.81 -2.48 21.49
CA GLU A 132 38.06 -2.56 22.93
C GLU A 132 39.14 -3.58 23.19
N SER A 133 39.30 -4.52 22.26
CA SER A 133 40.32 -5.55 22.40
C SER A 133 41.61 -5.09 21.76
N ASN A 134 41.54 -4.69 20.49
CA ASN A 134 42.72 -4.21 19.79
C ASN A 134 43.43 -3.16 20.63
N ARG A 135 42.78 -2.77 21.72
CA ARG A 135 43.35 -1.78 22.63
C ARG A 135 43.93 -2.48 23.86
N ALA A 136 43.12 -3.32 24.49
CA ALA A 136 43.57 -4.05 25.67
C ALA A 136 44.84 -4.81 25.35
N PHE A 137 44.97 -5.23 24.09
CA PHE A 137 46.14 -5.97 23.65
C PHE A 137 47.42 -5.25 24.07
N ARG A 138 47.74 -4.16 23.39
CA ARG A 138 48.94 -3.39 23.71
C ARG A 138 48.70 -2.54 24.96
N GLU A 139 48.79 -3.17 26.11
CA GLU A 139 48.59 -2.47 27.38
C GLU A 139 49.84 -1.69 27.77
N THR A 140 50.92 -1.91 27.04
CA THR A 140 52.18 -1.22 27.30
C THR A 140 51.95 0.28 27.41
N GLY A 141 52.36 0.86 28.53
CA GLY A 141 52.21 2.29 28.74
C GLY A 141 53.28 2.82 29.69
N ILE A 142 54.09 3.75 29.19
CA ILE A 142 55.16 4.33 30.01
C ILE A 142 55.00 5.85 30.11
N THR A 143 55.15 6.38 31.31
CA THR A 143 55.01 7.81 31.52
C THR A 143 56.32 8.40 32.07
N ASP A 144 56.34 8.64 33.39
CA ASP A 144 57.52 9.19 34.04
C ASP A 144 58.36 10.00 33.04
N GLU A 145 57.68 10.77 32.20
CA GLU A 145 58.36 11.60 31.21
C GLU A 145 58.78 12.94 31.81
N GLU A 146 57.84 13.60 32.48
CA GLU A 146 58.13 14.89 33.08
C GLU A 146 59.27 14.76 34.09
N GLN A 147 59.31 13.64 34.80
CA GLN A 147 60.35 13.41 35.79
C GLN A 147 61.66 13.00 35.11
N ALA A 148 61.60 12.01 34.23
CA ALA A 148 62.78 11.54 33.53
C ALA A 148 63.55 12.72 32.94
N ILE A 149 62.83 13.65 32.32
CA ILE A 149 63.46 14.83 31.72
C ILE A 149 64.10 15.70 32.81
N SER A 150 63.27 16.21 33.71
CA SER A 150 63.77 17.07 34.79
C SER A 150 64.83 16.34 35.61
N ARG A 151 64.88 15.02 35.47
CA ARG A 151 65.84 14.22 36.22
C ARG A 151 67.23 14.36 35.60
N VAL A 152 67.32 14.12 34.30
CA VAL A 152 68.60 14.23 33.60
C VAL A 152 69.11 15.66 33.63
N LEU A 153 68.27 16.59 33.20
CA LEU A 153 68.64 18.00 33.19
C LEU A 153 69.28 18.41 34.53
N GLU A 154 68.58 18.12 35.61
CA GLU A 154 69.08 18.45 36.94
C GLU A 154 70.49 17.92 37.11
N ALA A 155 70.67 16.63 36.85
CA ALA A 155 71.98 16.01 36.98
C ALA A 155 73.00 16.73 36.11
N SER A 156 72.51 17.58 35.21
CA SER A 156 73.38 18.33 34.31
C SER A 156 73.35 19.82 34.67
N ILE A 157 72.51 20.18 35.64
CA ILE A 157 72.40 21.57 36.06
C ILE A 157 73.26 21.84 37.29
N ALA A 158 73.77 20.77 37.90
CA ALA A 158 74.61 20.89 39.08
C ALA A 158 76.08 20.99 38.69
N GLU A 159 76.93 21.25 39.67
CA GLU A 159 78.36 21.37 39.41
C GLU A 159 79.01 19.99 39.30
N ASN A 160 79.72 19.75 38.21
CA ASN A 160 80.39 18.48 37.99
C ASN A 160 81.32 18.15 39.16
N LYS A 161 82.28 17.27 38.91
CA LYS A 161 83.23 16.88 39.94
C LYS A 161 82.52 16.25 41.13
N ALA A 162 83.25 16.02 42.22
CA ALA A 162 82.68 15.42 43.41
C ALA A 162 82.42 16.49 44.48
N CYS A 163 81.20 16.50 45.00
CA CYS A 163 80.84 17.47 46.04
C CYS A 163 81.95 17.58 47.08
N LEU A 164 82.03 16.59 47.95
CA LEU A 164 83.05 16.57 49.00
C LEU A 164 83.91 15.32 48.90
N LYS A 165 85.16 15.44 49.30
CA LYS A 165 86.09 14.30 49.26
C LYS A 165 85.85 13.46 48.01
N ARG A 166 86.43 12.27 47.99
CA ARG A 166 86.28 11.37 46.86
C ARG A 166 84.82 10.96 46.69
N MET A 21 9.27 1.28 -41.38
CA MET A 21 9.07 0.99 -39.94
C MET A 21 8.70 2.29 -39.22
N THR A 22 9.00 3.42 -39.85
CA THR A 22 8.70 4.72 -39.27
C THR A 22 7.23 5.07 -39.47
N VAL A 23 6.80 5.08 -40.74
CA VAL A 23 5.42 5.41 -41.08
C VAL A 23 4.74 6.20 -39.96
N GLU A 24 4.97 7.50 -39.94
CA GLU A 24 4.38 8.36 -38.92
C GLU A 24 2.96 8.77 -39.32
N GLN A 25 2.31 7.93 -40.12
CA GLN A 25 0.96 8.22 -40.58
C GLN A 25 -0.04 7.22 -39.98
N ASN A 26 -0.55 7.53 -38.80
CA ASN A 26 -1.50 6.66 -38.14
C ASN A 26 -2.80 6.57 -38.94
N VAL A 27 -3.85 6.06 -38.30
CA VAL A 27 -5.14 5.93 -38.95
C VAL A 27 -5.15 4.72 -39.90
N LEU A 28 -4.02 4.03 -39.99
CA LEU A 28 -3.93 2.87 -40.87
C LEU A 28 -3.76 1.59 -40.06
N GLN A 29 -3.57 1.73 -38.76
CA GLN A 29 -3.40 0.57 -37.89
C GLN A 29 -4.60 0.41 -36.96
N GLN A 30 -5.78 0.29 -37.55
CA GLN A 30 -7.00 0.14 -36.76
C GLN A 30 -8.17 -0.27 -37.67
N SER A 31 -8.30 -1.57 -37.92
CA SER A 31 -9.36 -2.06 -38.77
C SER A 31 -10.69 -2.08 -38.01
N ALA A 32 -10.64 -1.67 -36.74
CA ALA A 32 -11.83 -1.65 -35.90
C ALA A 32 -12.68 -0.41 -36.21
N ALA A 33 -12.01 0.73 -36.39
CA ALA A 33 -12.72 1.96 -36.69
C ALA A 33 -13.76 1.75 -37.78
N GLN A 34 -13.53 0.74 -38.62
CA GLN A 34 -14.44 0.44 -39.71
C GLN A 34 -15.69 -0.28 -39.19
N LYS A 35 -15.48 -1.21 -38.27
CA LYS A 35 -16.59 -1.97 -37.69
C LYS A 35 -17.26 -1.17 -36.57
N HIS A 36 -16.55 -0.19 -36.04
CA HIS A 36 -17.09 0.63 -34.96
C HIS A 36 -18.32 1.41 -35.42
N GLN A 37 -18.42 1.64 -36.73
CA GLN A 37 -19.55 2.37 -37.27
C GLN A 37 -20.86 1.86 -36.65
N GLN A 38 -20.83 0.64 -36.15
CA GLN A 38 -22.01 0.04 -35.53
C GLN A 38 -22.54 0.95 -34.42
N THR A 39 -21.64 1.45 -33.59
CA THR A 39 -22.04 2.32 -32.49
C THR A 39 -22.52 3.67 -33.02
N PHE A 40 -21.80 4.19 -33.98
CA PHE A 40 -22.14 5.47 -34.58
C PHE A 40 -23.61 5.48 -35.02
N LEU A 41 -23.97 4.54 -35.89
CA LEU A 41 -25.34 4.43 -36.36
C LEU A 41 -26.27 4.08 -35.21
N ASN A 42 -25.84 3.17 -34.36
CA ASN A 42 -26.64 2.78 -33.21
C ASN A 42 -27.12 4.04 -32.47
N GLN A 43 -26.22 5.01 -32.33
CA GLN A 43 -26.55 6.25 -31.65
C GLN A 43 -27.69 6.95 -32.38
N LEU A 44 -27.59 7.03 -33.71
CA LEU A 44 -28.64 7.67 -34.49
C LEU A 44 -30.01 7.09 -34.11
N ARG A 45 -30.15 5.78 -34.25
CA ARG A 45 -31.39 5.12 -33.90
C ARG A 45 -31.70 5.34 -32.43
N GLU A 46 -30.68 5.75 -31.69
CA GLU A 46 -30.82 5.96 -30.26
C GLU A 46 -31.50 7.29 -29.92
N ILE A 47 -31.03 8.38 -30.53
CA ILE A 47 -31.60 9.70 -30.22
C ILE A 47 -32.76 10.05 -31.13
N THR A 48 -32.60 9.85 -32.43
CA THR A 48 -33.64 10.22 -33.35
C THR A 48 -34.65 9.09 -33.53
N GLY A 49 -34.38 7.95 -32.88
CA GLY A 49 -35.27 6.79 -32.94
C GLY A 49 -35.49 6.29 -34.36
N ILE A 50 -34.48 6.41 -35.20
CA ILE A 50 -34.60 5.94 -36.58
C ILE A 50 -34.16 4.48 -36.67
N ASN A 51 -35.02 3.64 -37.27
CA ASN A 51 -34.71 2.21 -37.41
C ASN A 51 -34.06 1.92 -38.75
N ASP A 52 -34.64 2.44 -39.83
CA ASP A 52 -34.10 2.21 -41.16
C ASP A 52 -32.58 2.30 -41.15
N THR A 53 -31.93 1.14 -41.09
CA THR A 53 -30.47 1.09 -41.06
C THR A 53 -29.87 1.67 -42.34
N GLN A 54 -30.65 1.70 -43.41
CA GLN A 54 -30.16 2.22 -44.68
C GLN A 54 -30.15 3.74 -44.66
N ILE A 55 -31.19 4.35 -44.07
CA ILE A 55 -31.27 5.80 -44.00
C ILE A 55 -30.25 6.34 -43.00
N LEU A 56 -29.82 5.48 -42.09
CA LEU A 56 -28.85 5.90 -41.07
C LEU A 56 -27.46 5.99 -41.69
N GLN A 57 -26.94 4.86 -42.15
CA GLN A 57 -25.63 4.85 -42.78
C GLN A 57 -25.57 5.95 -43.81
N GLN A 58 -26.74 6.32 -44.33
CA GLN A 58 -26.84 7.38 -45.31
C GLN A 58 -26.64 8.73 -44.63
N ALA A 59 -27.16 8.85 -43.41
CA ALA A 59 -27.03 10.08 -42.66
C ALA A 59 -25.55 10.38 -42.42
N LEU A 60 -24.79 9.34 -42.08
CA LEU A 60 -23.37 9.49 -41.84
C LEU A 60 -22.64 9.83 -43.14
N LYS A 61 -23.10 9.25 -44.25
CA LYS A 61 -22.48 9.50 -45.54
C LYS A 61 -22.42 11.01 -45.80
N ASP A 62 -23.49 11.72 -45.45
CA ASP A 62 -23.53 13.15 -45.64
C ASP A 62 -22.92 13.87 -44.44
N SER A 63 -22.93 13.20 -43.29
CA SER A 63 -22.38 13.78 -42.06
C SER A 63 -20.85 13.71 -42.07
N ASN A 64 -20.31 13.02 -43.07
CA ASN A 64 -18.86 12.89 -43.19
C ASN A 64 -18.26 12.27 -41.93
N GLY A 65 -19.05 11.51 -41.19
CA GLY A 65 -18.56 10.87 -39.96
C GLY A 65 -19.04 11.62 -38.72
N ASN A 66 -19.69 12.76 -38.93
CA ASN A 66 -20.20 13.56 -37.82
C ASN A 66 -21.57 13.03 -37.40
N LEU A 67 -21.76 12.83 -36.09
CA LEU A 67 -23.02 12.28 -35.59
C LEU A 67 -24.07 13.37 -35.42
N GLU A 68 -23.82 14.32 -34.52
CA GLU A 68 -24.77 15.40 -34.33
C GLU A 68 -25.25 15.85 -35.68
N LEU A 69 -24.45 15.53 -36.69
CA LEU A 69 -24.75 15.86 -38.06
C LEU A 69 -25.60 14.78 -38.69
N ALA A 70 -25.19 13.52 -38.47
CA ALA A 70 -25.93 12.39 -39.01
C ALA A 70 -27.38 12.49 -38.54
N VAL A 71 -27.56 12.61 -37.23
CA VAL A 71 -28.90 12.75 -36.66
C VAL A 71 -29.58 13.95 -37.29
N ALA A 72 -29.00 15.10 -37.05
CA ALA A 72 -29.53 16.33 -37.60
C ALA A 72 -29.86 16.12 -39.06
N PHE A 73 -29.06 15.31 -39.73
CA PHE A 73 -29.28 15.01 -41.15
C PHE A 73 -30.60 14.26 -41.31
N LEU A 74 -30.96 13.49 -40.29
CA LEU A 74 -32.20 12.72 -40.33
C LEU A 74 -33.39 13.53 -39.82
N THR A 75 -33.18 14.25 -38.72
CA THR A 75 -34.26 15.06 -38.14
C THR A 75 -34.29 16.45 -38.78
N ALA A 76 -33.13 16.94 -39.21
CA ALA A 76 -33.04 18.25 -39.83
C ALA A 76 -34.40 18.71 -40.35
N LYS A 77 -35.09 17.80 -41.05
CA LYS A 77 -36.40 18.11 -41.60
C LYS A 77 -37.50 17.48 -40.75
N ASN A 78 -38.54 18.24 -40.47
CA ASN A 78 -39.66 17.74 -39.67
C ASN A 78 -40.81 18.74 -39.67
N ALA A 79 -41.79 18.49 -38.81
CA ALA A 79 -42.95 19.37 -38.72
C ALA A 79 -43.61 19.25 -37.35
N LYS A 80 -44.90 18.94 -37.35
CA LYS A 80 -45.64 18.80 -36.11
C LYS A 80 -45.85 17.33 -35.78
N THR A 81 -46.33 17.07 -34.56
CA THR A 81 -46.57 15.70 -34.12
C THR A 81 -47.45 15.69 -32.87
N PRO A 82 -48.70 16.05 -33.02
CA PRO A 82 -49.67 16.09 -31.89
C PRO A 82 -50.38 14.76 -31.71
N GLN A 83 -50.18 13.86 -32.65
CA GLN A 83 -50.81 12.54 -32.59
C GLN A 83 -50.67 11.95 -31.18
N GLN A 84 -49.91 12.63 -30.33
CA GLN A 84 -49.71 12.15 -28.97
C GLN A 84 -49.07 10.77 -28.97
N GLU A 85 -47.82 10.69 -29.42
CA GLU A 85 -47.11 9.41 -29.48
C GLU A 85 -46.10 9.31 -28.34
N GLU A 86 -44.91 9.86 -28.55
CA GLU A 86 -43.87 9.82 -27.53
C GLU A 86 -43.62 8.37 -27.09
N THR A 87 -42.39 8.09 -26.68
CA THR A 87 -42.03 6.74 -26.24
C THR A 87 -41.21 6.79 -24.96
N THR A 88 -40.96 8.00 -24.45
CA THR A 88 -40.18 8.17 -23.23
C THR A 88 -38.82 7.50 -23.38
N TYR A 89 -37.92 8.16 -24.12
CA TYR A 89 -36.58 7.62 -24.32
C TYR A 89 -35.54 8.72 -24.23
N TYR A 90 -34.89 8.82 -23.08
CA TYR A 90 -33.88 9.84 -22.87
C TYR A 90 -32.61 9.22 -22.26
N GLN A 91 -32.74 8.73 -21.04
CA GLN A 91 -31.60 8.11 -20.35
C GLN A 91 -30.66 7.46 -21.36
N THR A 92 -29.68 8.23 -21.83
CA THR A 92 -28.71 7.71 -22.79
C THR A 92 -27.59 6.96 -22.06
N ALA A 93 -26.89 7.66 -21.18
CA ALA A 93 -25.80 7.06 -20.42
C ALA A 93 -24.92 6.22 -21.32
N LEU A 94 -23.70 6.70 -21.57
CA LEU A 94 -22.75 5.98 -22.42
C LEU A 94 -21.39 5.88 -21.75
N PRO A 95 -21.38 5.47 -20.50
CA PRO A 95 -20.10 5.33 -19.72
C PRO A 95 -19.27 4.16 -20.24
N GLY A 96 -19.91 3.24 -20.96
CA GLY A 96 -19.22 2.08 -21.50
C GLY A 96 -18.00 1.72 -20.65
N ASN A 97 -16.96 1.23 -21.31
CA ASN A 97 -15.73 0.86 -20.61
C ASN A 97 -14.50 1.28 -21.41
N ASP A 98 -13.72 2.19 -20.84
CA ASP A 98 -12.52 2.67 -21.52
C ASP A 98 -11.68 1.50 -22.03
N ARG A 99 -11.23 1.61 -23.27
CA ARG A 99 -10.42 0.54 -23.87
C ARG A 99 -9.13 0.34 -23.08
N TYR A 100 -8.02 0.22 -23.80
CA TYR A 100 -6.73 0.03 -23.14
C TYR A 100 -5.70 1.01 -23.69
N ILE A 101 -4.42 0.73 -23.45
CA ILE A 101 -3.35 1.60 -23.92
C ILE A 101 -3.52 3.01 -23.38
N SER A 102 -2.40 3.65 -23.06
CA SER A 102 -2.43 5.00 -22.52
C SER A 102 -1.02 5.55 -22.35
N VAL A 103 -0.76 6.14 -21.18
CA VAL A 103 0.56 6.70 -20.90
C VAL A 103 1.49 5.62 -20.34
N GLY A 104 2.67 6.04 -19.90
CA GLY A 104 3.63 5.11 -19.33
C GLY A 104 4.84 4.95 -20.25
N SER A 105 5.46 6.07 -20.60
CA SER A 105 6.62 6.05 -21.48
C SER A 105 7.70 6.99 -20.96
N GLN A 106 7.75 7.17 -19.65
CA GLN A 106 8.74 8.05 -19.03
C GLN A 106 9.94 7.23 -18.55
N ALA A 107 11.12 7.85 -18.56
CA ALA A 107 12.33 7.17 -18.12
C ALA A 107 12.66 7.54 -16.68
N ASP A 108 12.20 6.73 -15.74
CA ASP A 108 12.46 6.98 -14.33
C ASP A 108 13.85 7.58 -14.14
N THR A 109 14.86 6.81 -14.52
CA THR A 109 16.24 7.28 -14.40
C THR A 109 16.38 8.22 -13.21
N ASN A 110 15.92 7.77 -12.05
CA ASN A 110 15.99 8.59 -10.84
C ASN A 110 15.74 7.70 -9.64
N VAL A 111 16.03 6.42 -9.80
CA VAL A 111 15.83 5.45 -8.75
C VAL A 111 17.16 4.94 -8.21
N ILE A 112 17.10 3.86 -7.45
CA ILE A 112 18.31 3.26 -6.89
C ILE A 112 18.01 1.92 -6.27
N ASP A 113 18.91 1.47 -5.41
CA ASP A 113 18.76 0.19 -4.74
C ASP A 113 18.17 0.38 -3.34
N LEU A 114 17.07 -0.31 -3.06
CA LEU A 114 16.43 -0.22 -1.76
C LEU A 114 16.47 -1.57 -1.05
N THR A 115 17.18 -2.51 -1.65
CA THR A 115 17.31 -3.85 -1.06
C THR A 115 18.70 -4.05 -0.49
N GLY A 116 19.68 -3.37 -1.06
CA GLY A 116 21.05 -3.49 -0.59
C GLY A 116 21.28 -2.63 0.66
N ASP A 117 20.31 -2.67 1.57
CA ASP A 117 20.40 -1.89 2.80
C ASP A 117 21.83 -1.91 3.33
N ASP A 118 22.15 -0.94 4.17
CA ASP A 118 23.49 -0.86 4.75
C ASP A 118 23.58 -1.73 6.01
N LYS A 119 24.07 -2.95 5.84
CA LYS A 119 24.20 -3.87 6.96
C LYS A 119 25.44 -3.55 7.79
N ASP A 120 26.23 -2.59 7.30
CA ASP A 120 27.45 -2.20 8.01
C ASP A 120 27.15 -1.93 9.47
N ASP A 121 25.88 -1.67 9.78
CA ASP A 121 25.47 -1.39 11.15
C ASP A 121 25.98 -2.48 12.09
N LEU A 122 25.74 -3.73 11.73
CA LEU A 122 26.18 -4.85 12.57
C LEU A 122 27.69 -5.00 12.51
N GLN A 123 28.20 -5.09 11.31
CA GLN A 123 29.64 -5.22 11.13
C GLN A 123 30.31 -4.22 12.06
N ARG A 124 29.53 -3.25 12.49
CA ARG A 124 30.02 -2.21 13.38
C ARG A 124 29.92 -2.65 14.84
N ALA A 125 28.83 -3.34 15.17
CA ALA A 125 28.63 -3.82 16.53
C ALA A 125 29.84 -4.64 16.99
N ILE A 126 30.14 -5.69 16.25
CA ILE A 126 31.27 -6.55 16.58
C ILE A 126 32.56 -5.76 16.48
N ALA A 127 32.77 -5.22 15.30
CA ALA A 127 33.95 -4.42 15.03
C ALA A 127 34.21 -3.46 16.19
N LEU A 128 33.15 -2.89 16.73
CA LEU A 128 33.27 -1.97 17.85
C LEU A 128 33.95 -2.67 19.02
N SER A 129 33.52 -3.89 19.31
CA SER A 129 34.11 -4.65 20.39
C SER A 129 35.54 -5.01 20.05
N LEU A 130 35.73 -5.54 18.85
CA LEU A 130 37.06 -5.90 18.39
C LEU A 130 37.99 -4.71 18.58
N ALA A 131 37.38 -3.54 18.75
CA ALA A 131 38.14 -2.30 18.93
C ALA A 131 38.64 -2.17 20.36
N GLU A 132 37.71 -2.17 21.32
CA GLU A 132 38.08 -2.05 22.71
C GLU A 132 39.22 -3.01 23.01
N SER A 133 39.29 -4.07 22.22
CA SER A 133 40.34 -5.07 22.36
C SER A 133 41.53 -4.70 21.50
N ASN A 134 41.25 -4.28 20.27
CA ASN A 134 42.31 -3.89 19.36
C ASN A 134 43.41 -3.17 20.13
N ARG A 135 43.05 -2.60 21.29
CA ARG A 135 44.01 -1.91 22.12
C ARG A 135 44.35 -2.75 23.34
N ALA A 136 43.32 -3.31 23.97
CA ALA A 136 43.53 -4.16 25.13
C ALA A 136 43.97 -5.55 24.68
N PHE A 137 44.50 -5.62 23.47
CA PHE A 137 44.96 -6.89 22.91
C PHE A 137 46.46 -6.84 22.65
N ARG A 138 46.84 -6.26 21.51
CA ARG A 138 48.26 -6.15 21.15
C ARG A 138 48.98 -5.19 22.07
N GLU A 139 49.57 -5.72 23.13
CA GLU A 139 50.31 -4.89 24.09
C GLU A 139 51.77 -5.30 24.14
N THR A 140 52.37 -5.50 22.97
CA THR A 140 53.77 -5.89 22.89
C THR A 140 54.67 -4.69 23.17
N GLY A 141 55.87 -4.96 23.67
CA GLY A 141 56.82 -3.89 23.97
C GLY A 141 57.87 -4.37 24.97
N ILE A 142 58.57 -5.44 24.63
CA ILE A 142 59.61 -5.98 25.49
C ILE A 142 60.86 -5.12 25.43
N THR A 143 61.43 -4.83 26.60
CA THR A 143 62.63 -4.01 26.67
C THR A 143 63.75 -4.78 27.35
N ASP A 144 63.38 -5.86 28.03
CA ASP A 144 64.35 -6.70 28.74
C ASP A 144 65.60 -5.91 29.08
N GLU A 145 65.42 -4.74 29.68
CA GLU A 145 66.55 -3.89 30.06
C GLU A 145 67.23 -4.46 31.30
N GLU A 146 66.42 -4.92 32.25
CA GLU A 146 66.95 -5.49 33.49
C GLU A 146 67.89 -6.65 33.16
N GLN A 147 67.51 -7.45 32.18
CA GLN A 147 68.32 -8.60 31.78
C GLN A 147 69.59 -8.11 31.07
N ALA A 148 69.45 -7.03 30.31
CA ALA A 148 70.58 -6.48 29.58
C ALA A 148 71.57 -5.84 30.55
N ILE A 149 71.18 -4.70 31.13
CA ILE A 149 72.04 -4.00 32.08
C ILE A 149 72.66 -4.99 33.06
N SER A 150 71.87 -5.97 33.49
CA SER A 150 72.35 -6.98 34.42
C SER A 150 73.61 -7.65 33.88
N ARG A 151 73.49 -8.23 32.69
CA ARG A 151 74.62 -8.90 32.06
C ARG A 151 75.82 -7.96 32.03
N VAL A 152 75.61 -6.76 31.51
CA VAL A 152 76.69 -5.78 31.43
C VAL A 152 77.43 -5.69 32.77
N LEU A 153 76.76 -5.12 33.76
CA LEU A 153 77.35 -4.98 35.09
C LEU A 153 78.34 -6.12 35.35
N GLU A 154 77.81 -7.33 35.49
CA GLU A 154 78.64 -8.50 35.74
C GLU A 154 79.81 -8.54 34.77
N ALA A 155 79.50 -8.61 33.48
CA ALA A 155 80.53 -8.66 32.45
C ALA A 155 81.45 -7.44 32.56
N SER A 156 81.24 -6.63 33.59
CA SER A 156 82.06 -5.45 33.79
C SER A 156 82.88 -5.58 35.06
N ILE A 157 82.42 -6.41 35.98
CA ILE A 157 83.12 -6.62 37.25
C ILE A 157 83.78 -8.00 37.29
N ALA A 158 83.05 -9.01 36.82
CA ALA A 158 83.59 -10.37 36.81
C ALA A 158 84.36 -10.65 38.09
N GLU A 159 83.73 -10.36 39.23
CA GLU A 159 84.36 -10.58 40.53
C GLU A 159 84.08 -12.00 41.04
N ASN A 160 85.15 -12.71 41.38
CA ASN A 160 85.02 -14.06 41.90
C ASN A 160 85.82 -14.23 43.18
N LYS A 161 87.06 -14.67 43.04
CA LYS A 161 87.93 -14.86 44.20
C LYS A 161 87.24 -15.73 45.25
N ALA A 162 87.40 -17.04 45.13
CA ALA A 162 86.80 -17.97 46.08
C ALA A 162 87.17 -17.57 47.51
N CYS A 163 86.28 -17.86 48.45
CA CYS A 163 86.53 -17.53 49.85
C CYS A 163 87.81 -18.19 50.33
N LEU A 164 88.76 -17.39 50.80
CA LEU A 164 90.02 -17.91 51.29
C LEU A 164 90.03 -17.93 52.82
N LYS A 165 89.75 -16.79 53.43
CA LYS A 165 89.72 -16.68 54.88
C LYS A 165 91.03 -17.19 55.49
N ARG A 166 91.40 -16.62 56.64
CA ARG A 166 92.62 -17.02 57.32
C ARG A 166 93.83 -16.33 56.68
N MET A 21 13.18 -1.60 -26.82
CA MET A 21 12.72 -2.73 -27.68
C MET A 21 11.92 -3.72 -26.82
N THR A 22 12.34 -3.88 -25.57
CA THR A 22 11.65 -4.79 -24.66
C THR A 22 11.63 -4.22 -23.24
N VAL A 23 11.10 -3.01 -23.11
CA VAL A 23 11.04 -2.36 -21.81
C VAL A 23 9.89 -2.92 -20.96
N GLU A 24 10.19 -3.98 -20.22
CA GLU A 24 9.19 -4.60 -19.36
C GLU A 24 7.89 -4.85 -20.13
N GLN A 25 7.95 -4.71 -21.44
CA GLN A 25 6.78 -4.92 -22.27
C GLN A 25 6.20 -6.32 -22.03
N ASN A 26 4.88 -6.43 -22.17
CA ASN A 26 4.21 -7.71 -21.97
C ASN A 26 2.71 -7.57 -22.17
N VAL A 27 2.17 -8.41 -23.05
CA VAL A 27 0.73 -8.37 -23.34
C VAL A 27 -0.06 -8.84 -22.12
N LEU A 28 0.40 -8.45 -20.93
CA LEU A 28 -0.29 -8.84 -19.70
C LEU A 28 -1.80 -8.87 -19.93
N GLN A 29 -2.34 -7.81 -20.50
CA GLN A 29 -3.77 -7.74 -20.77
C GLN A 29 -4.04 -7.71 -22.27
N GLN A 30 -4.81 -8.69 -22.74
CA GLN A 30 -5.13 -8.77 -24.16
C GLN A 30 -6.36 -9.66 -24.38
N SER A 31 -6.91 -10.16 -23.28
CA SER A 31 -8.09 -11.03 -23.37
C SER A 31 -9.28 -10.26 -23.93
N ALA A 32 -9.06 -8.98 -24.23
CA ALA A 32 -10.13 -8.16 -24.78
C ALA A 32 -10.31 -8.45 -26.27
N ALA A 33 -9.21 -8.80 -26.93
CA ALA A 33 -9.26 -9.11 -28.35
C ALA A 33 -10.31 -10.17 -28.64
N GLN A 34 -10.44 -11.13 -27.73
CA GLN A 34 -11.41 -12.20 -27.91
C GLN A 34 -12.83 -11.65 -27.92
N LYS A 35 -12.99 -10.44 -27.40
CA LYS A 35 -14.31 -9.81 -27.37
C LYS A 35 -14.70 -9.31 -28.75
N HIS A 36 -13.71 -8.85 -29.51
CA HIS A 36 -13.98 -8.34 -30.87
C HIS A 36 -14.41 -9.48 -31.78
N GLN A 37 -13.53 -10.48 -31.93
CA GLN A 37 -13.86 -11.63 -32.78
C GLN A 37 -15.19 -12.23 -32.35
N GLN A 38 -15.53 -12.04 -31.08
CA GLN A 38 -16.79 -12.56 -30.55
C GLN A 38 -17.97 -11.87 -31.24
N THR A 39 -17.99 -10.54 -31.16
CA THR A 39 -19.07 -9.77 -31.77
C THR A 39 -18.89 -9.69 -33.27
N PHE A 40 -17.68 -9.38 -33.67
CA PHE A 40 -17.34 -9.27 -35.09
C PHE A 40 -17.88 -10.48 -35.85
N LEU A 41 -17.58 -11.67 -35.34
CA LEU A 41 -18.03 -12.90 -35.96
C LEU A 41 -19.54 -13.04 -35.79
N ASN A 42 -20.03 -12.92 -34.56
CA ASN A 42 -21.46 -13.02 -34.30
C ASN A 42 -22.19 -12.20 -35.35
N GLN A 43 -21.60 -11.05 -35.69
CA GLN A 43 -22.18 -10.18 -36.71
C GLN A 43 -22.24 -10.94 -38.03
N LEU A 44 -21.08 -11.42 -38.45
CA LEU A 44 -20.97 -12.17 -39.69
C LEU A 44 -22.09 -13.20 -39.78
N ARG A 45 -22.63 -13.56 -38.63
CA ARG A 45 -23.73 -14.52 -38.59
C ARG A 45 -25.08 -13.81 -38.75
N GLU A 46 -25.09 -12.52 -38.41
CA GLU A 46 -26.31 -11.72 -38.48
C GLU A 46 -26.55 -11.09 -39.85
N ILE A 47 -25.61 -10.28 -40.32
CA ILE A 47 -25.78 -9.58 -41.61
C ILE A 47 -26.12 -10.56 -42.73
N THR A 48 -25.23 -11.50 -42.98
CA THR A 48 -25.44 -12.49 -44.04
C THR A 48 -26.29 -13.64 -43.54
N GLY A 49 -26.59 -13.65 -42.24
CA GLY A 49 -27.42 -14.69 -41.66
C GLY A 49 -26.70 -16.05 -41.64
N ILE A 50 -25.39 -16.03 -41.48
CA ILE A 50 -24.62 -17.27 -41.44
C ILE A 50 -24.51 -17.82 -40.01
N ASN A 51 -24.18 -19.09 -39.89
CA ASN A 51 -24.05 -19.71 -38.57
C ASN A 51 -22.68 -20.37 -38.42
N ASP A 52 -22.05 -20.68 -39.56
CA ASP A 52 -20.73 -21.30 -39.55
C ASP A 52 -19.69 -20.35 -38.99
N THR A 53 -18.98 -20.80 -37.97
CA THR A 53 -17.95 -19.97 -37.33
C THR A 53 -16.64 -20.05 -38.10
N GLN A 54 -16.45 -21.11 -38.87
CA GLN A 54 -15.22 -21.27 -39.62
C GLN A 54 -15.26 -20.47 -40.92
N ILE A 55 -16.41 -20.51 -41.60
CA ILE A 55 -16.56 -19.77 -42.85
C ILE A 55 -16.38 -18.28 -42.61
N LEU A 56 -16.99 -17.77 -41.54
CA LEU A 56 -16.89 -16.36 -41.22
C LEU A 56 -15.48 -16.00 -40.76
N GLN A 57 -15.00 -16.67 -39.71
CA GLN A 57 -13.66 -16.40 -39.21
C GLN A 57 -12.69 -16.31 -40.36
N GLN A 58 -13.02 -17.00 -41.45
CA GLN A 58 -12.19 -16.98 -42.64
C GLN A 58 -12.31 -15.62 -43.31
N ALA A 59 -13.53 -15.09 -43.32
CA ALA A 59 -13.78 -13.79 -43.91
C ALA A 59 -13.09 -12.70 -43.08
N LEU A 60 -12.88 -12.99 -41.80
CA LEU A 60 -12.22 -12.05 -40.90
C LEU A 60 -10.74 -11.97 -41.23
N LYS A 61 -10.12 -13.13 -41.39
CA LYS A 61 -8.69 -13.19 -41.70
C LYS A 61 -8.39 -12.43 -42.99
N ASP A 62 -9.35 -12.43 -43.90
CA ASP A 62 -9.18 -11.76 -45.19
C ASP A 62 -9.58 -10.28 -45.10
N SER A 63 -10.75 -10.01 -44.53
CA SER A 63 -11.24 -8.64 -44.42
C SER A 63 -10.33 -7.78 -43.54
N ASN A 64 -9.34 -8.42 -42.92
CA ASN A 64 -8.39 -7.71 -42.06
C ASN A 64 -9.08 -7.01 -40.89
N GLY A 65 -10.22 -7.54 -40.44
CA GLY A 65 -10.92 -6.95 -39.30
C GLY A 65 -12.14 -6.14 -39.73
N ASN A 66 -12.29 -5.88 -41.01
CA ASN A 66 -13.42 -5.12 -41.51
C ASN A 66 -14.62 -6.05 -41.74
N LEU A 67 -15.79 -5.66 -41.23
CA LEU A 67 -16.99 -6.48 -41.38
C LEU A 67 -17.63 -6.29 -42.74
N GLU A 68 -18.06 -5.07 -43.02
CA GLU A 68 -18.69 -4.79 -44.30
C GLU A 68 -17.96 -5.52 -45.42
N LEU A 69 -16.69 -5.80 -45.17
CA LEU A 69 -15.88 -6.52 -46.14
C LEU A 69 -15.99 -8.01 -45.89
N ALA A 70 -16.09 -8.37 -44.62
CA ALA A 70 -16.22 -9.77 -44.26
C ALA A 70 -17.53 -10.28 -44.84
N VAL A 71 -18.62 -9.56 -44.54
CA VAL A 71 -19.93 -9.91 -45.07
C VAL A 71 -19.85 -9.95 -46.58
N ALA A 72 -19.43 -8.83 -47.14
CA ALA A 72 -19.28 -8.71 -48.57
C ALA A 72 -18.41 -9.85 -49.08
N PHE A 73 -17.42 -10.23 -48.29
CA PHE A 73 -16.55 -11.33 -48.68
C PHE A 73 -17.38 -12.57 -49.01
N LEU A 74 -18.51 -12.70 -48.32
CA LEU A 74 -19.39 -13.84 -48.54
C LEU A 74 -20.23 -13.63 -49.80
N THR A 75 -20.94 -12.51 -49.86
CA THR A 75 -21.77 -12.20 -51.02
C THR A 75 -20.89 -11.60 -52.12
N ALA A 76 -20.12 -10.59 -51.74
CA ALA A 76 -19.21 -9.93 -52.67
C ALA A 76 -19.80 -9.85 -54.07
N LYS A 77 -18.93 -9.70 -55.06
CA LYS A 77 -19.38 -9.60 -56.45
C LYS A 77 -19.80 -8.17 -56.77
N ASN A 78 -18.82 -7.32 -57.07
CA ASN A 78 -19.11 -5.92 -57.38
C ASN A 78 -19.52 -5.18 -56.11
N ALA A 79 -18.97 -5.61 -54.98
CA ALA A 79 -19.30 -4.97 -53.70
C ALA A 79 -18.03 -4.63 -52.92
N LYS A 80 -16.90 -5.17 -53.36
CA LYS A 80 -15.63 -4.91 -52.68
C LYS A 80 -15.39 -3.41 -52.54
N THR A 81 -14.52 -3.03 -51.61
CA THR A 81 -14.21 -1.62 -51.41
C THR A 81 -13.05 -1.47 -50.44
N PRO A 82 -11.85 -1.72 -50.91
CA PRO A 82 -10.62 -1.61 -50.08
C PRO A 82 -10.08 -0.19 -50.04
N GLN A 83 -9.55 0.27 -51.17
CA GLN A 83 -9.01 1.62 -51.26
C GLN A 83 -8.09 1.91 -50.07
N GLN A 84 -6.80 1.66 -50.25
CA GLN A 84 -5.81 1.89 -49.20
C GLN A 84 -6.47 2.25 -47.88
N GLU A 85 -6.81 1.23 -47.09
CA GLU A 85 -7.45 1.45 -45.80
C GLU A 85 -6.59 2.36 -44.93
N GLU A 86 -7.17 2.87 -43.85
CA GLU A 86 -6.45 3.74 -42.93
C GLU A 86 -6.62 3.26 -41.50
N THR A 87 -5.73 2.37 -41.07
CA THR A 87 -5.79 1.84 -39.71
C THR A 87 -4.70 2.46 -38.84
N THR A 88 -5.00 3.62 -38.27
CA THR A 88 -4.03 4.31 -37.41
C THR A 88 -4.71 4.79 -36.12
N TYR A 89 -4.19 4.33 -34.99
CA TYR A 89 -4.73 4.72 -33.71
C TYR A 89 -3.66 5.42 -32.86
N TYR A 90 -3.05 6.44 -33.45
CA TYR A 90 -2.00 7.18 -32.76
C TYR A 90 -2.24 7.16 -31.25
N GLN A 91 -3.37 7.72 -30.82
CA GLN A 91 -3.70 7.74 -29.40
C GLN A 91 -3.21 6.47 -28.72
N THR A 92 -3.80 5.35 -29.09
CA THR A 92 -3.41 4.07 -28.51
C THR A 92 -3.76 4.02 -27.03
N ALA A 93 -3.93 5.18 -26.42
CA ALA A 93 -4.26 5.27 -25.00
C ALA A 93 -3.21 4.55 -24.16
N LEU A 94 -2.04 5.16 -24.06
CA LEU A 94 -0.96 4.56 -23.28
C LEU A 94 -0.37 5.59 -22.31
N PRO A 95 -1.14 5.95 -21.32
CA PRO A 95 -0.71 6.94 -20.28
C PRO A 95 0.73 6.71 -19.83
N GLY A 96 1.09 5.44 -19.68
CA GLY A 96 2.45 5.10 -19.25
C GLY A 96 2.47 4.74 -17.77
N ASN A 97 2.62 3.45 -17.48
CA ASN A 97 2.66 2.98 -16.10
C ASN A 97 4.08 2.59 -15.72
N ASP A 98 4.97 2.56 -16.71
CA ASP A 98 6.35 2.19 -16.48
C ASP A 98 6.93 2.98 -15.31
N ARG A 99 8.18 2.67 -14.95
CA ARG A 99 8.85 3.36 -13.85
C ARG A 99 7.96 3.38 -12.61
N TYR A 100 8.35 2.63 -11.58
CA TYR A 100 7.58 2.58 -10.35
C TYR A 100 7.60 3.94 -9.66
N ILE A 101 8.80 4.43 -9.36
CA ILE A 101 8.95 5.71 -8.71
C ILE A 101 9.91 6.61 -9.48
N SER A 102 10.61 7.49 -8.77
CA SER A 102 11.56 8.39 -9.41
C SER A 102 12.80 8.57 -8.53
N VAL A 103 12.65 9.36 -7.47
CA VAL A 103 13.76 9.60 -6.56
C VAL A 103 13.24 10.07 -5.21
N GLY A 104 13.64 9.37 -4.15
CA GLY A 104 13.22 9.73 -2.80
C GLY A 104 14.41 10.02 -1.90
N SER A 105 14.73 9.08 -1.03
CA SER A 105 15.86 9.25 -0.12
C SER A 105 15.98 8.05 0.82
N GLN A 106 14.87 7.71 1.48
CA GLN A 106 14.87 6.58 2.40
C GLN A 106 14.36 5.33 1.71
N ALA A 107 13.89 4.37 2.50
CA ALA A 107 13.39 3.11 1.94
C ALA A 107 12.10 3.35 1.16
N ASP A 108 12.24 3.55 -0.14
CA ASP A 108 11.07 3.78 -1.00
C ASP A 108 10.43 2.46 -1.38
N THR A 109 10.17 1.61 -0.39
CA THR A 109 9.56 0.31 -0.65
C THR A 109 10.27 -0.37 -1.81
N ASN A 110 11.20 -1.28 -1.48
CA ASN A 110 11.94 -2.00 -2.50
C ASN A 110 12.98 -2.88 -1.83
N VAL A 111 12.61 -3.45 -0.70
CA VAL A 111 13.51 -4.32 0.06
C VAL A 111 13.35 -5.77 -0.36
N ILE A 112 14.12 -6.64 0.28
CA ILE A 112 14.07 -8.06 -0.01
C ILE A 112 15.06 -8.83 0.86
N ASP A 113 15.39 -10.02 0.40
CA ASP A 113 16.34 -10.88 1.13
C ASP A 113 15.58 -11.78 2.11
N LEU A 114 16.24 -12.85 2.55
CA LEU A 114 15.62 -13.78 3.48
C LEU A 114 15.35 -13.09 4.81
N THR A 115 16.20 -12.14 5.19
CA THR A 115 16.03 -11.43 6.44
C THR A 115 16.03 -9.93 6.21
N GLY A 116 16.68 -9.49 5.13
CA GLY A 116 16.75 -8.07 4.81
C GLY A 116 17.27 -7.28 6.00
N ASP A 117 17.92 -7.97 6.93
CA ASP A 117 18.46 -7.31 8.11
C ASP A 117 19.69 -6.50 7.75
N ASP A 118 19.68 -5.22 8.14
CA ASP A 118 20.80 -4.34 7.85
C ASP A 118 22.06 -4.78 8.61
N LYS A 119 23.00 -5.36 7.88
CA LYS A 119 24.24 -5.83 8.49
C LYS A 119 25.30 -4.74 8.45
N ASP A 120 24.99 -3.66 7.73
CA ASP A 120 25.92 -2.54 7.61
C ASP A 120 26.31 -1.99 8.98
N ASP A 121 25.33 -1.87 9.86
CA ASP A 121 25.57 -1.36 11.20
C ASP A 121 26.10 -2.45 12.13
N LEU A 122 25.84 -3.69 11.77
CA LEU A 122 26.32 -4.80 12.60
C LEU A 122 27.81 -4.97 12.44
N GLN A 123 28.24 -5.02 11.21
CA GLN A 123 29.66 -5.14 10.93
C GLN A 123 30.41 -4.15 11.82
N ARG A 124 29.67 -3.16 12.29
CA ARG A 124 30.23 -2.13 13.16
C ARG A 124 30.18 -2.57 14.61
N ALA A 125 29.16 -3.36 14.94
CA ALA A 125 28.98 -3.84 16.31
C ALA A 125 30.19 -4.68 16.75
N ILE A 126 30.50 -5.73 16.00
CA ILE A 126 31.62 -6.59 16.36
C ILE A 126 32.95 -5.92 16.05
N ALA A 127 32.96 -5.15 14.99
CA ALA A 127 34.18 -4.44 14.60
C ALA A 127 34.59 -3.48 15.70
N LEU A 128 33.68 -2.57 16.05
CA LEU A 128 33.96 -1.60 17.10
C LEU A 128 34.53 -2.32 18.33
N SER A 129 33.92 -3.44 18.68
CA SER A 129 34.39 -4.22 19.82
C SER A 129 35.81 -4.69 19.58
N LEU A 130 36.07 -5.22 18.40
CA LEU A 130 37.40 -5.68 18.05
C LEU A 130 38.41 -4.59 18.42
N ALA A 131 37.89 -3.37 18.57
CA ALA A 131 38.73 -2.23 18.93
C ALA A 131 38.98 -2.20 20.43
N GLU A 132 37.91 -2.19 21.21
CA GLU A 132 38.04 -2.16 22.65
C GLU A 132 39.08 -3.19 23.09
N SER A 133 39.30 -4.17 22.24
CA SER A 133 40.29 -5.20 22.52
C SER A 133 41.65 -4.80 21.98
N ASN A 134 41.68 -4.38 20.73
CA ASN A 134 42.93 -3.95 20.11
C ASN A 134 43.79 -3.22 21.12
N ARG A 135 43.15 -2.72 22.18
CA ARG A 135 43.88 -2.00 23.22
C ARG A 135 43.95 -2.83 24.49
N ALA A 136 42.90 -3.61 24.75
CA ALA A 136 42.88 -4.45 25.93
C ALA A 136 43.43 -5.84 25.60
N PHE A 137 43.95 -5.98 24.38
CA PHE A 137 44.51 -7.25 23.94
C PHE A 137 45.97 -7.38 24.38
N ARG A 138 46.59 -8.51 24.05
CA ARG A 138 47.98 -8.73 24.40
C ARG A 138 48.80 -7.47 24.20
N GLU A 139 48.43 -6.69 23.19
CA GLU A 139 49.15 -5.44 22.88
C GLU A 139 50.58 -5.49 23.40
N THR A 140 51.28 -6.58 23.07
CA THR A 140 52.67 -6.76 23.51
C THR A 140 53.24 -5.49 24.12
N GLY A 141 53.37 -4.44 23.30
CA GLY A 141 53.90 -3.18 23.77
C GLY A 141 55.40 -3.26 23.99
N ILE A 142 56.05 -2.10 24.07
CA ILE A 142 57.49 -2.06 24.28
C ILE A 142 57.87 -2.77 25.57
N THR A 143 59.15 -3.07 25.72
CA THR A 143 59.63 -3.76 26.91
C THR A 143 61.07 -3.36 27.23
N ASP A 144 61.21 -2.33 28.06
CA ASP A 144 62.54 -1.85 28.43
C ASP A 144 62.73 -1.92 29.95
N GLU A 145 61.69 -2.37 30.65
CA GLU A 145 61.76 -2.48 32.10
C GLU A 145 62.70 -3.61 32.51
N GLU A 146 62.59 -4.75 31.83
CA GLU A 146 63.45 -5.89 32.13
C GLU A 146 64.91 -5.47 32.13
N GLN A 147 65.28 -4.63 31.18
CA GLN A 147 66.66 -4.16 31.07
C GLN A 147 67.01 -3.25 32.24
N ALA A 148 66.04 -2.48 32.71
CA ALA A 148 66.26 -1.57 33.82
C ALA A 148 66.32 -2.34 35.15
N ILE A 149 65.17 -2.85 35.58
CA ILE A 149 65.10 -3.61 36.82
C ILE A 149 66.33 -4.49 36.99
N SER A 150 66.87 -4.96 35.88
CA SER A 150 68.06 -5.82 35.92
C SER A 150 69.30 -5.02 36.31
N ARG A 151 69.85 -4.30 35.34
CA ARG A 151 71.05 -3.50 35.58
C ARG A 151 71.18 -3.11 37.05
N VAL A 152 70.15 -2.44 37.58
CA VAL A 152 70.18 -2.00 38.96
C VAL A 152 70.37 -3.18 39.91
N LEU A 153 69.35 -4.02 40.03
CA LEU A 153 69.43 -5.18 40.92
C LEU A 153 70.80 -5.84 40.81
N GLU A 154 71.18 -6.20 39.58
CA GLU A 154 72.47 -6.85 39.36
C GLU A 154 73.55 -6.21 40.23
N ALA A 155 73.66 -4.89 40.14
CA ALA A 155 74.65 -4.16 40.92
C ALA A 155 74.48 -4.41 42.41
N SER A 156 73.26 -4.79 42.81
CA SER A 156 72.98 -5.06 44.22
C SER A 156 73.33 -6.50 44.58
N ILE A 157 72.46 -7.43 44.19
CA ILE A 157 72.68 -8.84 44.48
C ILE A 157 74.13 -9.23 44.20
N ALA A 158 74.67 -8.72 43.11
CA ALA A 158 76.05 -9.03 42.73
C ALA A 158 77.03 -8.47 43.76
N GLU A 159 77.22 -9.21 44.84
CA GLU A 159 78.15 -8.78 45.90
C GLU A 159 79.59 -8.88 45.41
N ASN A 160 80.37 -7.82 45.62
CA ASN A 160 81.77 -7.82 45.20
C ASN A 160 82.69 -7.78 46.42
N LYS A 161 83.82 -8.48 46.31
CA LYS A 161 84.79 -8.52 47.41
C LYS A 161 86.16 -8.07 46.93
N ALA A 162 86.71 -7.05 47.58
CA ALA A 162 88.03 -6.54 47.22
C ALA A 162 89.12 -7.31 47.95
N CYS A 163 88.78 -7.84 49.12
CA CYS A 163 89.74 -8.60 49.91
C CYS A 163 91.00 -7.77 50.17
N LEU A 164 92.13 -8.46 50.36
CA LEU A 164 93.40 -7.78 50.61
C LEU A 164 93.38 -7.10 51.98
N LYS A 165 93.04 -7.86 53.01
CA LYS A 165 93.00 -7.32 54.36
C LYS A 165 94.03 -8.02 55.24
N ARG A 166 95.07 -8.55 54.61
CA ARG A 166 96.12 -9.25 55.35
C ARG A 166 96.79 -8.31 56.34
N MET A 21 -21.36 21.76 -24.99
CA MET A 21 -20.59 21.19 -23.85
C MET A 21 -20.96 19.73 -23.68
N THR A 22 -20.88 18.97 -24.77
CA THR A 22 -21.20 17.55 -24.72
C THR A 22 -19.93 16.70 -24.72
N VAL A 23 -18.80 17.35 -24.99
CA VAL A 23 -17.51 16.66 -25.03
C VAL A 23 -17.70 15.18 -25.30
N GLU A 24 -18.55 14.87 -26.28
CA GLU A 24 -18.83 13.48 -26.66
C GLU A 24 -18.13 12.48 -25.74
N GLN A 25 -18.71 12.26 -24.57
CA GLN A 25 -18.14 11.34 -23.60
C GLN A 25 -18.16 9.91 -24.14
N ASN A 26 -18.88 9.05 -23.43
CA ASN A 26 -18.98 7.65 -23.85
C ASN A 26 -19.70 6.84 -22.77
N VAL A 27 -20.70 7.45 -22.15
CA VAL A 27 -21.47 6.77 -21.11
C VAL A 27 -22.97 6.93 -21.36
N LEU A 28 -23.38 8.15 -21.68
CA LEU A 28 -24.80 8.42 -21.95
C LEU A 28 -25.01 9.90 -22.25
N GLN A 29 -25.79 10.19 -23.28
CA GLN A 29 -26.07 11.57 -23.66
C GLN A 29 -27.12 12.18 -22.73
N GLN A 30 -26.74 12.37 -21.47
CA GLN A 30 -27.65 12.94 -20.48
C GLN A 30 -28.26 14.24 -21.00
N SER A 31 -29.36 14.66 -20.38
CA SER A 31 -30.04 15.89 -20.76
C SER A 31 -29.73 16.25 -22.22
N ALA A 32 -30.49 15.70 -23.15
CA ALA A 32 -30.30 15.98 -24.55
C ALA A 32 -30.99 17.29 -24.94
N ALA A 33 -31.96 17.69 -24.13
CA ALA A 33 -32.69 18.93 -24.38
C ALA A 33 -31.78 20.13 -24.19
N GLN A 34 -31.04 20.14 -23.08
CA GLN A 34 -30.13 21.24 -22.78
C GLN A 34 -29.23 21.51 -23.98
N LYS A 35 -29.05 20.52 -24.84
CA LYS A 35 -28.21 20.67 -26.02
C LYS A 35 -28.79 21.72 -26.95
N HIS A 36 -30.08 22.02 -26.78
CA HIS A 36 -30.74 23.01 -27.62
C HIS A 36 -30.02 24.35 -27.55
N GLN A 37 -29.83 24.86 -26.33
CA GLN A 37 -29.15 26.14 -26.15
C GLN A 37 -27.83 26.15 -26.90
N GLN A 38 -27.07 25.06 -26.76
CA GLN A 38 -25.79 24.96 -27.44
C GLN A 38 -25.92 25.38 -28.89
N THR A 39 -26.90 24.80 -29.59
CA THR A 39 -27.11 25.13 -31.00
C THR A 39 -27.70 26.52 -31.15
N PHE A 40 -28.75 26.78 -30.39
CA PHE A 40 -29.43 28.06 -30.42
C PHE A 40 -28.41 29.19 -30.37
N LEU A 41 -27.63 29.22 -29.30
CA LEU A 41 -26.60 30.23 -29.12
C LEU A 41 -25.52 30.10 -30.18
N ASN A 42 -25.01 28.88 -30.35
CA ASN A 42 -23.98 28.64 -31.36
C ASN A 42 -24.38 29.33 -32.65
N GLN A 43 -25.67 29.25 -32.98
CA GLN A 43 -26.17 29.87 -34.19
C GLN A 43 -25.96 31.38 -34.11
N LEU A 44 -26.37 31.99 -33.00
CA LEU A 44 -26.21 33.42 -32.83
C LEU A 44 -24.83 33.86 -33.28
N ARG A 45 -23.86 32.97 -33.12
CA ARG A 45 -22.50 33.27 -33.53
C ARG A 45 -22.31 32.97 -35.02
N GLU A 46 -23.22 32.18 -35.55
CA GLU A 46 -23.16 31.80 -36.97
C GLU A 46 -23.88 32.80 -37.88
N ILE A 47 -25.15 33.07 -37.60
CA ILE A 47 -25.94 33.99 -38.45
C ILE A 47 -25.37 35.41 -38.46
N THR A 48 -25.28 36.02 -37.28
CA THR A 48 -24.79 37.41 -37.20
C THR A 48 -23.28 37.45 -37.01
N GLY A 49 -22.67 36.28 -36.89
CA GLY A 49 -21.22 36.21 -36.73
C GLY A 49 -20.75 36.82 -35.41
N ILE A 50 -21.56 36.71 -34.36
CA ILE A 50 -21.17 37.25 -33.06
C ILE A 50 -20.79 36.14 -32.08
N ASN A 51 -19.50 36.03 -31.80
CA ASN A 51 -19.01 35.00 -30.90
C ASN A 51 -19.21 35.39 -29.43
N ASP A 52 -19.38 36.68 -29.17
CA ASP A 52 -19.57 37.15 -27.79
C ASP A 52 -20.57 36.25 -27.06
N THR A 53 -20.05 35.14 -26.52
CA THR A 53 -20.89 34.18 -25.80
C THR A 53 -21.75 34.85 -24.73
N GLN A 54 -21.31 36.01 -24.25
CA GLN A 54 -22.04 36.72 -23.22
C GLN A 54 -23.28 37.40 -23.80
N ILE A 55 -23.15 37.98 -24.99
CA ILE A 55 -24.26 38.65 -25.62
C ILE A 55 -25.26 37.66 -26.20
N LEU A 56 -24.77 36.49 -26.60
CA LEU A 56 -25.64 35.46 -27.17
C LEU A 56 -26.55 34.87 -26.08
N GLN A 57 -25.96 34.57 -24.92
CA GLN A 57 -26.74 34.01 -23.83
C GLN A 57 -27.78 35.01 -23.35
N GLN A 58 -27.48 36.29 -23.51
CA GLN A 58 -28.39 37.34 -23.10
C GLN A 58 -29.48 37.53 -24.15
N ALA A 59 -29.10 37.42 -25.41
CA ALA A 59 -30.06 37.58 -26.51
C ALA A 59 -31.08 36.45 -26.50
N LEU A 60 -30.66 35.28 -26.00
CA LEU A 60 -31.54 34.14 -25.93
C LEU A 60 -32.52 34.29 -24.77
N LYS A 61 -32.02 34.79 -23.64
CA LYS A 61 -32.85 34.98 -22.47
C LYS A 61 -34.04 35.88 -22.77
N ASP A 62 -33.81 36.87 -23.64
CA ASP A 62 -34.89 37.79 -24.00
C ASP A 62 -35.73 37.24 -25.16
N SER A 63 -35.05 36.73 -26.18
CA SER A 63 -35.75 36.19 -27.35
C SER A 63 -36.54 34.93 -26.97
N ASN A 64 -36.79 34.76 -25.68
CA ASN A 64 -37.54 33.61 -25.18
C ASN A 64 -37.32 32.37 -26.03
N GLY A 65 -36.16 32.26 -26.69
CA GLY A 65 -35.87 31.10 -27.51
C GLY A 65 -36.14 31.37 -28.99
N ASN A 66 -36.08 32.63 -29.39
CA ASN A 66 -36.31 32.99 -30.79
C ASN A 66 -34.99 33.40 -31.44
N LEU A 67 -34.72 32.83 -32.63
CA LEU A 67 -33.46 33.11 -33.34
C LEU A 67 -33.49 34.45 -34.05
N GLU A 68 -34.39 34.60 -35.02
CA GLU A 68 -34.49 35.85 -35.75
C GLU A 68 -34.56 37.00 -34.76
N LEU A 69 -34.94 36.67 -33.54
CA LEU A 69 -35.05 37.65 -32.48
C LEU A 69 -33.74 37.79 -31.74
N ALA A 70 -33.19 36.67 -31.28
CA ALA A 70 -31.92 36.72 -30.58
C ALA A 70 -30.90 37.43 -31.46
N VAL A 71 -30.85 37.03 -32.73
CA VAL A 71 -29.94 37.65 -33.69
C VAL A 71 -30.29 39.11 -33.87
N ALA A 72 -31.57 39.37 -34.13
CA ALA A 72 -32.04 40.72 -34.33
C ALA A 72 -31.78 41.55 -33.08
N PHE A 73 -31.76 40.87 -31.94
CA PHE A 73 -31.51 41.53 -30.66
C PHE A 73 -30.11 42.15 -30.68
N LEU A 74 -29.16 41.45 -31.29
CA LEU A 74 -27.79 41.94 -31.38
C LEU A 74 -27.70 43.12 -32.34
N THR A 75 -28.11 42.89 -33.58
CA THR A 75 -28.09 43.95 -34.58
C THR A 75 -29.30 44.85 -34.45
N ALA A 76 -30.47 44.22 -34.40
CA ALA A 76 -31.73 44.95 -34.25
C ALA A 76 -31.65 46.29 -34.99
N LYS A 77 -30.82 46.36 -36.02
CA LYS A 77 -30.69 47.58 -36.80
C LYS A 77 -29.92 47.32 -38.08
N ASN A 78 -28.95 46.40 -38.01
CA ASN A 78 -28.14 46.06 -39.18
C ASN A 78 -28.79 44.92 -39.97
N ALA A 79 -27.95 44.07 -40.56
CA ALA A 79 -28.44 42.95 -41.35
C ALA A 79 -28.95 43.41 -42.71
N LYS A 80 -28.14 43.20 -43.74
CA LYS A 80 -28.52 43.61 -45.09
C LYS A 80 -28.56 42.42 -46.05
N THR A 81 -27.39 41.83 -46.33
CA THR A 81 -27.33 40.70 -47.25
C THR A 81 -26.33 39.64 -46.78
N PRO A 82 -25.18 40.06 -46.34
CA PRO A 82 -24.11 39.13 -45.89
C PRO A 82 -24.28 38.77 -44.41
N GLN A 83 -25.43 38.22 -44.08
CA GLN A 83 -25.71 37.83 -42.71
C GLN A 83 -26.26 36.40 -42.65
N GLN A 84 -26.09 35.67 -43.75
CA GLN A 84 -26.56 34.29 -43.81
C GLN A 84 -25.53 33.41 -44.52
N GLU A 85 -24.28 33.53 -44.09
CA GLU A 85 -23.21 32.74 -44.69
C GLU A 85 -23.19 31.34 -44.11
N GLU A 86 -22.35 30.47 -44.68
CA GLU A 86 -22.25 29.09 -44.20
C GLU A 86 -21.02 28.92 -43.31
N THR A 87 -21.23 28.30 -42.16
CA THR A 87 -20.14 28.06 -41.21
C THR A 87 -20.47 26.87 -40.32
N THR A 88 -19.55 25.92 -40.24
CA THR A 88 -19.75 24.73 -39.42
C THR A 88 -18.66 24.62 -38.35
N TYR A 89 -18.96 23.88 -37.29
CA TYR A 89 -17.99 23.69 -36.21
C TYR A 89 -18.59 22.82 -35.11
N TYR A 90 -17.83 21.80 -34.69
CA TYR A 90 -18.30 20.89 -33.66
C TYR A 90 -17.29 20.81 -32.52
N GLN A 91 -17.55 19.93 -31.57
CA GLN A 91 -16.64 19.76 -30.43
C GLN A 91 -15.80 18.50 -30.59
N THR A 92 -14.53 18.59 -30.21
CA THR A 92 -13.63 17.45 -30.32
C THR A 92 -12.48 17.56 -29.32
N ALA A 93 -12.33 16.54 -28.48
CA ALA A 93 -11.27 16.53 -27.48
C ALA A 93 -11.25 15.20 -26.74
N LEU A 94 -10.12 14.89 -26.10
CA LEU A 94 -9.99 13.65 -25.35
C LEU A 94 -9.01 13.80 -24.20
N PRO A 95 -9.17 14.83 -23.42
CA PRO A 95 -8.27 15.11 -22.26
C PRO A 95 -8.41 14.04 -21.17
N GLY A 96 -9.39 13.18 -21.30
CA GLY A 96 -9.61 12.11 -20.32
C GLY A 96 -8.28 11.49 -19.91
N ASN A 97 -7.75 11.96 -18.79
CA ASN A 97 -6.48 11.44 -18.28
C ASN A 97 -6.70 10.21 -17.42
N ASP A 98 -5.63 9.44 -17.19
CA ASP A 98 -5.73 8.24 -16.38
C ASP A 98 -4.34 7.69 -16.08
N ARG A 99 -4.11 7.33 -14.81
CA ARG A 99 -2.82 6.79 -14.40
C ARG A 99 -3.03 5.62 -13.43
N TYR A 100 -1.93 5.12 -12.88
CA TYR A 100 -2.00 4.01 -11.95
C TYR A 100 -0.70 3.91 -11.16
N ILE A 101 -0.73 3.15 -10.07
CA ILE A 101 0.45 2.98 -9.24
C ILE A 101 0.83 4.30 -8.57
N SER A 102 0.23 4.54 -7.40
CA SER A 102 0.51 5.78 -6.67
C SER A 102 0.74 5.48 -5.19
N VAL A 103 2.00 5.30 -4.82
CA VAL A 103 2.33 5.01 -3.42
C VAL A 103 1.63 5.98 -2.49
N GLY A 104 0.96 5.45 -1.48
CA GLY A 104 0.24 6.28 -0.52
C GLY A 104 -0.14 5.48 0.72
N SER A 105 0.87 4.88 1.35
CA SER A 105 0.64 4.09 2.55
C SER A 105 1.19 4.81 3.78
N GLN A 106 1.19 6.14 3.72
CA GLN A 106 1.71 6.94 4.83
C GLN A 106 3.22 6.81 4.93
N ALA A 107 3.73 6.78 6.15
CA ALA A 107 5.16 6.66 6.38
C ALA A 107 5.49 6.65 7.87
N ASP A 108 6.28 5.68 8.30
CA ASP A 108 6.66 5.57 9.70
C ASP A 108 7.87 4.66 9.87
N THR A 109 8.89 4.87 9.04
CA THR A 109 10.11 4.07 9.09
C THR A 109 9.83 2.70 9.70
N ASN A 110 8.83 2.01 9.17
CA ASN A 110 8.47 0.69 9.67
C ASN A 110 7.39 0.08 8.78
N VAL A 111 7.54 0.29 7.48
CA VAL A 111 6.57 -0.20 6.51
C VAL A 111 7.19 -1.25 5.59
N ILE A 112 8.22 -0.84 4.86
CA ILE A 112 8.88 -1.75 3.92
C ILE A 112 9.22 -3.07 4.58
N ASP A 113 10.13 -3.79 3.95
CA ASP A 113 10.58 -5.09 4.46
C ASP A 113 10.42 -5.17 5.98
N LEU A 114 10.22 -6.37 6.49
CA LEU A 114 10.06 -6.57 7.93
C LEU A 114 11.39 -6.96 8.56
N THR A 115 12.16 -7.78 7.85
CA THR A 115 13.45 -8.24 8.35
C THR A 115 14.47 -7.11 8.26
N GLY A 116 14.76 -6.67 7.04
CA GLY A 116 15.73 -5.61 6.83
C GLY A 116 17.16 -6.12 7.02
N ASP A 117 17.68 -6.80 6.00
CA ASP A 117 19.03 -7.34 6.06
C ASP A 117 20.06 -6.21 6.05
N ASP A 118 20.43 -5.75 7.23
CA ASP A 118 21.41 -4.66 7.34
C ASP A 118 22.66 -5.14 8.06
N LYS A 119 23.67 -5.54 7.29
CA LYS A 119 24.93 -6.01 7.87
C LYS A 119 25.90 -4.86 8.05
N ASP A 120 25.62 -3.73 7.42
CA ASP A 120 26.48 -2.57 7.51
C ASP A 120 26.48 -1.99 8.93
N ASP A 121 25.43 -2.32 9.69
CA ASP A 121 25.32 -1.84 11.05
C ASP A 121 26.03 -2.77 12.03
N LEU A 122 25.81 -4.07 11.85
CA LEU A 122 26.44 -5.06 12.72
C LEU A 122 27.94 -5.06 12.53
N GLN A 123 28.35 -5.18 11.29
CA GLN A 123 29.76 -5.18 11.00
C GLN A 123 30.42 -4.07 11.80
N ARG A 124 29.58 -3.16 12.25
CA ARG A 124 30.03 -2.02 13.05
C ARG A 124 30.08 -2.40 14.52
N ALA A 125 29.13 -3.22 14.94
CA ALA A 125 29.07 -3.66 16.33
C ALA A 125 30.26 -4.56 16.64
N ILE A 126 30.51 -5.53 15.77
CA ILE A 126 31.63 -6.45 15.96
C ILE A 126 32.95 -5.72 15.83
N ALA A 127 32.96 -4.72 14.98
CA ALA A 127 34.15 -3.92 14.76
C ALA A 127 34.45 -3.06 15.98
N LEU A 128 33.45 -2.31 16.43
CA LEU A 128 33.62 -1.44 17.59
C LEU A 128 34.31 -2.19 18.72
N SER A 129 33.77 -3.35 19.08
CA SER A 129 34.35 -4.15 20.15
C SER A 129 35.75 -4.61 19.77
N LEU A 130 35.88 -5.12 18.56
CA LEU A 130 37.17 -5.58 18.07
C LEU A 130 38.23 -4.52 18.36
N ALA A 131 37.77 -3.31 18.62
CA ALA A 131 38.68 -2.20 18.90
C ALA A 131 39.02 -2.15 20.39
N GLU A 132 37.99 -2.02 21.23
CA GLU A 132 38.21 -1.97 22.66
C GLU A 132 39.17 -3.06 23.09
N SER A 133 39.27 -4.10 22.26
CA SER A 133 40.16 -5.21 22.55
C SER A 133 41.54 -4.96 21.95
N ASN A 134 41.57 -4.62 20.66
CA ASN A 134 42.83 -4.35 20.00
C ASN A 134 43.76 -3.59 20.93
N ARG A 135 43.20 -3.00 21.97
CA ARG A 135 44.01 -2.26 22.95
C ARG A 135 44.14 -3.06 24.23
N ALA A 136 43.05 -3.71 24.64
CA ALA A 136 43.06 -4.53 25.84
C ALA A 136 43.48 -5.95 25.51
N PHE A 137 44.31 -6.10 24.49
CA PHE A 137 44.77 -7.42 24.06
C PHE A 137 46.29 -7.48 24.03
N ARG A 138 46.81 -8.69 23.82
CA ARG A 138 48.25 -8.91 23.77
C ARG A 138 48.57 -10.40 23.85
N GLU A 139 47.87 -11.07 24.77
CA GLU A 139 48.04 -12.51 24.95
C GLU A 139 49.42 -12.96 24.46
N THR A 140 50.48 -12.40 25.05
CA THR A 140 51.84 -12.77 24.66
C THR A 140 52.21 -14.13 25.21
N GLY A 141 53.16 -14.80 24.56
CA GLY A 141 53.59 -16.12 24.99
C GLY A 141 55.04 -16.08 25.49
N ILE A 142 55.62 -17.27 25.67
CA ILE A 142 57.00 -17.37 26.16
C ILE A 142 57.73 -18.50 25.43
N THR A 143 58.94 -18.20 24.97
CA THR A 143 59.74 -19.20 24.25
C THR A 143 59.94 -20.44 25.11
N ASP A 144 60.65 -20.29 26.22
CA ASP A 144 60.91 -21.40 27.12
C ASP A 144 61.87 -20.96 28.22
N GLU A 145 61.69 -19.74 28.71
CA GLU A 145 62.55 -19.22 29.76
C GLU A 145 62.36 -20.02 31.06
N GLU A 146 61.22 -20.68 31.16
CA GLU A 146 60.92 -21.48 32.35
C GLU A 146 61.87 -22.66 32.46
N GLN A 147 61.96 -23.45 31.39
CA GLN A 147 62.84 -24.61 31.37
C GLN A 147 64.30 -24.18 31.45
N ALA A 148 64.63 -23.10 30.75
CA ALA A 148 66.00 -22.59 30.76
C ALA A 148 66.40 -22.16 32.16
N ILE A 149 65.80 -21.07 32.64
CA ILE A 149 66.10 -20.55 33.96
C ILE A 149 66.33 -21.70 34.95
N SER A 150 65.41 -22.65 34.95
CA SER A 150 65.51 -23.81 35.84
C SER A 150 66.88 -24.46 35.72
N ARG A 151 67.18 -24.95 34.52
CA ARG A 151 68.46 -25.61 34.28
C ARG A 151 69.62 -24.67 34.58
N VAL A 152 69.63 -23.51 33.93
CA VAL A 152 70.69 -22.54 34.15
C VAL A 152 70.93 -22.33 35.63
N LEU A 153 69.94 -21.76 36.32
CA LEU A 153 70.05 -21.52 37.75
C LEU A 153 70.85 -22.62 38.42
N GLU A 154 70.50 -23.87 38.13
CA GLU A 154 71.20 -25.00 38.72
C GLU A 154 72.65 -25.02 38.27
N ALA A 155 72.89 -24.72 37.00
CA ALA A 155 74.24 -24.71 36.45
C ALA A 155 75.08 -23.65 37.16
N SER A 156 74.45 -22.57 37.60
CA SER A 156 75.15 -21.50 38.28
C SER A 156 75.39 -21.86 39.74
N ILE A 157 74.66 -22.86 40.23
CA ILE A 157 74.80 -23.29 41.61
C ILE A 157 75.80 -24.42 41.73
N ALA A 158 76.05 -25.11 40.62
CA ALA A 158 77.00 -26.22 40.62
C ALA A 158 78.08 -26.00 41.66
N GLU A 159 78.94 -25.02 41.42
CA GLU A 159 80.02 -24.71 42.36
C GLU A 159 79.82 -23.32 42.94
N ASN A 160 78.57 -22.92 43.10
CA ASN A 160 78.25 -21.60 43.65
C ASN A 160 78.93 -20.51 42.83
N LYS A 161 79.62 -19.60 43.51
CA LYS A 161 80.30 -18.51 42.83
C LYS A 161 81.18 -17.73 43.82
N ALA A 162 82.48 -17.72 43.57
CA ALA A 162 83.41 -17.01 44.44
C ALA A 162 84.72 -16.75 43.70
N CYS A 163 84.63 -16.66 42.38
CA CYS A 163 85.81 -16.40 41.56
C CYS A 163 86.92 -17.39 41.92
N LEU A 164 88.13 -17.12 41.44
CA LEU A 164 89.25 -18.00 41.70
C LEU A 164 88.81 -19.45 41.77
N LYS A 165 87.73 -19.77 41.06
CA LYS A 165 87.21 -21.13 41.05
C LYS A 165 88.06 -22.02 40.15
N ARG A 166 88.10 -23.31 40.46
CA ARG A 166 88.88 -24.25 39.67
C ARG A 166 90.36 -23.91 39.74
N MET A 21 -39.34 -33.49 27.36
CA MET A 21 -39.42 -32.25 28.17
C MET A 21 -38.65 -31.13 27.46
N THR A 22 -39.27 -30.55 26.43
CA THR A 22 -38.63 -29.48 25.69
C THR A 22 -39.58 -28.29 25.54
N VAL A 23 -40.53 -28.40 24.61
CA VAL A 23 -41.49 -27.32 24.38
C VAL A 23 -40.95 -25.98 24.84
N GLU A 24 -39.67 -25.73 24.56
CA GLU A 24 -39.05 -24.48 24.94
C GLU A 24 -39.89 -23.30 24.46
N GLN A 25 -39.94 -22.24 25.27
CA GLN A 25 -40.70 -21.05 24.92
C GLN A 25 -40.56 -20.75 23.42
N ASN A 26 -41.70 -20.56 22.75
CA ASN A 26 -41.68 -20.27 21.33
C ASN A 26 -42.72 -19.19 21.00
N VAL A 27 -42.42 -17.95 21.37
CA VAL A 27 -43.34 -16.84 21.10
C VAL A 27 -42.76 -15.94 20.02
N LEU A 28 -41.64 -16.36 19.44
CA LEU A 28 -41.00 -15.58 18.38
C LEU A 28 -41.76 -15.72 17.07
N GLN A 29 -42.52 -16.81 16.95
CA GLN A 29 -43.29 -17.06 15.74
C GLN A 29 -44.58 -16.25 15.76
N GLN A 30 -44.51 -15.03 15.22
CA GLN A 30 -45.68 -14.15 15.17
C GLN A 30 -46.71 -14.70 14.19
N SER A 31 -47.67 -13.85 13.82
CA SER A 31 -48.71 -14.26 12.89
C SER A 31 -49.23 -13.05 12.10
N ALA A 32 -48.33 -12.10 11.85
CA ALA A 32 -48.70 -10.90 11.10
C ALA A 32 -48.78 -11.19 9.61
N ALA A 33 -47.80 -11.94 9.12
CA ALA A 33 -47.76 -12.29 7.70
C ALA A 33 -48.97 -13.14 7.33
N GLN A 34 -49.60 -13.74 8.33
CA GLN A 34 -50.77 -14.59 8.10
C GLN A 34 -51.77 -13.89 7.20
N LYS A 35 -51.86 -12.57 7.32
CA LYS A 35 -52.82 -11.80 6.53
C LYS A 35 -52.25 -11.33 5.19
N HIS A 36 -51.09 -10.69 5.22
CA HIS A 36 -50.52 -10.13 3.99
C HIS A 36 -49.62 -11.10 3.20
N GLN A 37 -48.53 -11.58 3.81
CA GLN A 37 -47.61 -12.45 3.07
C GLN A 37 -48.03 -13.91 3.08
N GLN A 38 -48.13 -14.50 4.26
CA GLN A 38 -48.52 -15.91 4.36
C GLN A 38 -49.74 -16.17 3.48
N THR A 39 -50.59 -15.17 3.35
CA THR A 39 -51.79 -15.33 2.55
C THR A 39 -51.43 -15.42 1.07
N PHE A 40 -50.60 -14.47 0.65
CA PHE A 40 -50.14 -14.42 -0.74
C PHE A 40 -49.38 -15.70 -1.07
N LEU A 41 -48.45 -16.04 -0.21
CA LEU A 41 -47.66 -17.25 -0.37
C LEU A 41 -48.56 -18.47 -0.23
N ASN A 42 -49.49 -18.38 0.72
CA ASN A 42 -50.43 -19.48 0.92
C ASN A 42 -51.19 -19.70 -0.37
N GLN A 43 -51.53 -18.58 -1.02
CA GLN A 43 -52.24 -18.63 -2.28
C GLN A 43 -51.44 -19.45 -3.27
N LEU A 44 -50.17 -19.10 -3.41
CA LEU A 44 -49.28 -19.82 -4.32
C LEU A 44 -49.45 -21.32 -4.16
N ARG A 45 -49.57 -21.75 -2.92
CA ARG A 45 -49.76 -23.17 -2.63
C ARG A 45 -51.14 -23.60 -3.09
N GLU A 46 -52.02 -22.64 -3.28
CA GLU A 46 -53.39 -22.92 -3.69
C GLU A 46 -53.55 -23.06 -5.21
N ILE A 47 -53.19 -22.02 -5.95
CA ILE A 47 -53.35 -22.04 -7.42
C ILE A 47 -52.47 -23.11 -8.08
N THR A 48 -51.15 -23.00 -7.90
CA THR A 48 -50.24 -23.96 -8.52
C THR A 48 -50.11 -25.23 -7.68
N GLY A 49 -50.78 -25.25 -6.53
CA GLY A 49 -50.74 -26.44 -5.66
C GLY A 49 -49.33 -26.72 -5.15
N ILE A 50 -48.45 -25.72 -5.18
CA ILE A 50 -47.07 -25.91 -4.72
C ILE A 50 -47.06 -26.19 -3.21
N ASN A 51 -45.96 -26.78 -2.73
CA ASN A 51 -45.85 -27.10 -1.31
C ASN A 51 -44.70 -26.32 -0.66
N ASP A 52 -43.49 -26.49 -1.20
CA ASP A 52 -42.33 -25.80 -0.66
C ASP A 52 -42.62 -24.32 -0.45
N THR A 53 -42.69 -23.90 0.81
CA THR A 53 -42.95 -22.50 1.13
C THR A 53 -41.76 -21.63 0.78
N GLN A 54 -40.59 -22.25 0.67
CA GLN A 54 -39.37 -21.51 0.36
C GLN A 54 -39.40 -21.03 -1.09
N ILE A 55 -39.83 -21.91 -1.98
CA ILE A 55 -39.90 -21.57 -3.40
C ILE A 55 -40.87 -20.41 -3.62
N LEU A 56 -42.00 -20.44 -2.91
CA LEU A 56 -43.00 -19.38 -3.04
C LEU A 56 -42.40 -18.03 -2.65
N GLN A 57 -41.98 -17.91 -1.40
CA GLN A 57 -41.39 -16.67 -0.93
C GLN A 57 -40.42 -16.13 -1.97
N GLN A 58 -39.85 -17.05 -2.76
CA GLN A 58 -38.92 -16.68 -3.81
C GLN A 58 -39.68 -16.11 -4.99
N ALA A 59 -40.84 -16.71 -5.29
CA ALA A 59 -41.67 -16.25 -6.39
C ALA A 59 -42.24 -14.87 -6.08
N LEU A 60 -42.60 -14.66 -4.82
CA LEU A 60 -43.14 -13.37 -4.39
C LEU A 60 -42.08 -12.29 -4.59
N LYS A 61 -40.83 -12.66 -4.35
CA LYS A 61 -39.71 -11.73 -4.51
C LYS A 61 -39.63 -11.22 -5.94
N ASP A 62 -39.79 -12.13 -6.90
CA ASP A 62 -39.70 -11.76 -8.31
C ASP A 62 -40.99 -11.11 -8.78
N SER A 63 -42.13 -11.70 -8.42
CA SER A 63 -43.42 -11.18 -8.82
C SER A 63 -43.71 -9.84 -8.17
N ASN A 64 -43.19 -9.65 -6.96
CA ASN A 64 -43.38 -8.39 -6.24
C ASN A 64 -44.85 -8.19 -5.84
N GLY A 65 -45.46 -9.22 -5.27
CA GLY A 65 -46.85 -9.12 -4.83
C GLY A 65 -47.82 -9.62 -5.89
N ASN A 66 -47.35 -9.77 -7.12
CA ASN A 66 -48.20 -10.25 -8.20
C ASN A 66 -48.32 -11.77 -8.12
N LEU A 67 -49.57 -12.26 -8.07
CA LEU A 67 -49.79 -13.71 -7.95
C LEU A 67 -49.77 -14.38 -9.31
N GLU A 68 -50.71 -14.01 -10.18
CA GLU A 68 -50.73 -14.60 -11.51
C GLU A 68 -49.31 -14.67 -12.01
N LEU A 69 -48.47 -13.84 -11.41
CA LEU A 69 -47.07 -13.78 -11.75
C LEU A 69 -46.31 -14.82 -10.95
N ALA A 70 -46.53 -14.82 -9.65
CA ALA A 70 -45.88 -15.80 -8.80
C ALA A 70 -46.26 -17.18 -9.29
N VAL A 71 -47.56 -17.45 -9.35
CA VAL A 71 -48.04 -18.73 -9.85
C VAL A 71 -47.37 -19.03 -11.16
N ALA A 72 -47.36 -18.03 -12.03
CA ALA A 72 -46.75 -18.16 -13.33
C ALA A 72 -45.28 -18.48 -13.17
N PHE A 73 -44.66 -17.89 -12.14
CA PHE A 73 -43.25 -18.14 -11.87
C PHE A 73 -43.03 -19.60 -11.51
N LEU A 74 -43.99 -20.17 -10.78
CA LEU A 74 -43.89 -21.56 -10.37
C LEU A 74 -44.03 -22.48 -11.58
N THR A 75 -45.14 -22.35 -12.28
CA THR A 75 -45.39 -23.16 -13.46
C THR A 75 -44.62 -22.62 -14.66
N ALA A 76 -44.73 -21.31 -14.87
CA ALA A 76 -44.04 -20.67 -16.00
C ALA A 76 -43.90 -21.67 -17.14
N LYS A 77 -42.68 -21.79 -17.67
CA LYS A 77 -42.43 -22.73 -18.76
C LYS A 77 -42.17 -24.12 -18.21
N ASN A 78 -41.60 -24.99 -19.04
CA ASN A 78 -41.31 -26.34 -18.61
C ASN A 78 -40.63 -27.14 -19.72
N ALA A 79 -40.02 -28.26 -19.35
CA ALA A 79 -39.33 -29.10 -20.32
C ALA A 79 -38.11 -28.40 -20.88
N LYS A 80 -37.16 -28.07 -20.01
CA LYS A 80 -35.94 -27.41 -20.42
C LYS A 80 -34.72 -28.26 -20.05
N THR A 81 -34.84 -28.95 -18.92
CA THR A 81 -33.76 -29.80 -18.44
C THR A 81 -34.04 -30.23 -17.00
N PRO A 82 -34.77 -31.30 -16.83
CA PRO A 82 -35.12 -31.84 -15.50
C PRO A 82 -34.07 -32.82 -14.98
N GLN A 83 -34.50 -33.74 -14.12
CA GLN A 83 -33.57 -34.72 -13.57
C GLN A 83 -32.46 -34.03 -12.77
N GLN A 84 -32.40 -32.71 -12.87
CA GLN A 84 -31.39 -31.94 -12.15
C GLN A 84 -32.03 -30.70 -11.54
N GLU A 85 -33.04 -30.91 -10.72
CA GLU A 85 -33.74 -29.80 -10.07
C GLU A 85 -34.01 -30.11 -8.61
N GLU A 86 -33.64 -29.19 -7.72
CA GLU A 86 -33.84 -29.37 -6.29
C GLU A 86 -33.77 -28.04 -5.56
N THR A 87 -34.90 -27.58 -5.04
CA THR A 87 -34.95 -26.31 -4.33
C THR A 87 -33.76 -26.19 -3.37
N THR A 88 -32.83 -25.31 -3.70
CA THR A 88 -31.65 -25.11 -2.86
C THR A 88 -30.76 -24.01 -3.43
N TYR A 89 -30.32 -24.20 -4.67
CA TYR A 89 -29.45 -23.21 -5.32
C TYR A 89 -28.15 -23.07 -4.54
N TYR A 90 -27.10 -23.71 -5.03
CA TYR A 90 -25.80 -23.66 -4.36
C TYR A 90 -25.14 -22.30 -4.59
N GLN A 91 -23.92 -22.14 -4.09
CA GLN A 91 -23.19 -20.90 -4.25
C GLN A 91 -22.32 -20.94 -5.50
N THR A 92 -22.38 -19.87 -6.29
CA THR A 92 -21.59 -19.79 -7.52
C THR A 92 -20.79 -18.50 -7.56
N ALA A 93 -21.29 -17.47 -6.92
CA ALA A 93 -20.61 -16.18 -6.89
C ALA A 93 -19.24 -16.32 -6.23
N LEU A 94 -18.23 -15.71 -6.84
CA LEU A 94 -16.89 -15.77 -6.30
C LEU A 94 -16.31 -14.36 -6.12
N PRO A 95 -17.07 -13.50 -5.49
CA PRO A 95 -16.64 -12.09 -5.25
C PRO A 95 -15.45 -12.01 -4.31
N GLY A 96 -14.31 -12.55 -4.74
CA GLY A 96 -13.11 -12.54 -3.92
C GLY A 96 -13.09 -11.33 -3.00
N ASN A 97 -13.08 -11.59 -1.70
CA ASN A 97 -13.07 -10.51 -0.72
C ASN A 97 -11.79 -10.55 0.12
N ASP A 98 -10.96 -9.53 -0.04
CA ASP A 98 -9.70 -9.46 0.70
C ASP A 98 -9.86 -8.55 1.91
N ARG A 99 -9.44 -9.03 3.07
CA ARG A 99 -9.54 -8.25 4.30
C ARG A 99 -8.51 -8.73 5.32
N TYR A 100 -8.24 -10.03 5.32
CA TYR A 100 -7.28 -10.61 6.26
C TYR A 100 -7.78 -10.46 7.70
N ILE A 101 -8.56 -9.41 7.95
CA ILE A 101 -9.11 -9.18 9.28
C ILE A 101 -10.35 -8.29 9.20
N SER A 102 -10.88 -7.93 10.36
CA SER A 102 -12.07 -7.08 10.41
C SER A 102 -11.80 -5.81 11.19
N VAL A 103 -12.84 -5.01 11.42
CA VAL A 103 -12.70 -3.78 12.16
C VAL A 103 -11.55 -3.88 13.17
N GLY A 104 -10.49 -3.14 12.92
CA GLY A 104 -9.34 -3.16 13.82
C GLY A 104 -9.74 -2.72 15.22
N SER A 105 -10.44 -1.60 15.31
CA SER A 105 -10.89 -1.09 16.60
C SER A 105 -9.69 -0.70 17.46
N GLN A 106 -8.51 -1.08 17.01
CA GLN A 106 -7.28 -0.76 17.75
C GLN A 106 -6.11 -0.62 16.79
N ALA A 107 -5.01 -0.04 17.29
CA ALA A 107 -3.83 0.15 16.46
C ALA A 107 -3.07 -1.17 16.28
N ASP A 108 -2.79 -1.52 15.04
CA ASP A 108 -2.07 -2.75 14.75
C ASP A 108 -0.61 -2.48 14.45
N THR A 109 -0.30 -1.21 14.16
CA THR A 109 1.08 -0.84 13.85
C THR A 109 2.03 -1.38 14.92
N ASN A 110 3.32 -1.43 14.59
CA ASN A 110 4.32 -1.92 15.53
C ASN A 110 5.70 -1.86 14.89
N VAL A 111 5.86 -0.90 13.99
CA VAL A 111 7.13 -0.73 13.28
C VAL A 111 8.08 0.15 14.09
N ILE A 112 9.33 0.17 13.67
CA ILE A 112 10.34 0.98 14.34
C ILE A 112 11.74 0.54 13.94
N ASP A 113 12.71 1.38 14.25
CA ASP A 113 14.10 1.08 13.93
C ASP A 113 14.88 0.67 15.18
N LEU A 114 15.79 -0.27 15.02
CA LEU A 114 16.60 -0.74 16.14
C LEU A 114 18.08 -0.58 15.85
N THR A 115 18.44 -0.75 14.58
CA THR A 115 19.83 -0.63 14.16
C THR A 115 20.12 0.78 13.67
N GLY A 116 19.07 1.55 13.42
CA GLY A 116 19.21 2.92 12.95
C GLY A 116 18.86 3.02 11.47
N ASP A 117 18.73 1.87 10.81
CA ASP A 117 18.39 1.86 9.39
C ASP A 117 18.72 0.51 8.77
N ASP A 118 19.99 0.34 8.39
CA ASP A 118 20.43 -0.92 7.78
C ASP A 118 20.87 -1.91 8.86
N LYS A 119 20.68 -3.19 8.58
CA LYS A 119 21.07 -4.23 9.53
C LYS A 119 22.55 -4.57 9.38
N ASP A 120 23.16 -4.09 8.30
CA ASP A 120 24.57 -4.34 8.06
C ASP A 120 25.44 -3.60 9.07
N ASP A 121 24.86 -2.56 9.67
CA ASP A 121 25.58 -1.76 10.66
C ASP A 121 26.12 -2.66 11.78
N LEU A 122 25.57 -3.87 11.88
CA LEU A 122 26.03 -4.79 12.91
C LEU A 122 27.50 -5.09 12.72
N GLN A 123 27.92 -5.16 11.47
CA GLN A 123 29.31 -5.39 11.17
C GLN A 123 30.12 -4.32 11.87
N ARG A 124 29.43 -3.25 12.23
CA ARG A 124 30.05 -2.12 12.91
C ARG A 124 30.15 -2.44 14.41
N ALA A 125 29.12 -3.09 14.93
CA ALA A 125 29.10 -3.45 16.34
C ALA A 125 30.33 -4.29 16.68
N ILE A 126 30.58 -5.32 15.87
CA ILE A 126 31.74 -6.18 16.09
C ILE A 126 33.01 -5.37 15.97
N ALA A 127 33.01 -4.50 14.99
CA ALA A 127 34.15 -3.63 14.73
C ALA A 127 34.51 -2.83 15.98
N LEU A 128 33.49 -2.22 16.59
CA LEU A 128 33.70 -1.43 17.79
C LEU A 128 34.38 -2.25 18.87
N SER A 129 34.06 -3.54 18.93
CA SER A 129 34.66 -4.42 19.94
C SER A 129 36.07 -4.80 19.54
N LEU A 130 36.24 -5.25 18.31
CA LEU A 130 37.55 -5.63 17.83
C LEU A 130 38.54 -4.53 18.16
N ALA A 131 38.01 -3.34 18.45
CA ALA A 131 38.85 -2.20 18.79
C ALA A 131 39.10 -2.16 20.29
N GLU A 132 38.03 -2.10 21.07
CA GLU A 132 38.15 -2.07 22.52
C GLU A 132 39.13 -3.13 22.96
N SER A 133 39.25 -4.17 22.14
CA SER A 133 40.17 -5.26 22.41
C SER A 133 41.55 -4.91 21.90
N ASN A 134 41.62 -4.35 20.69
CA ASN A 134 42.89 -3.97 20.11
C ASN A 134 43.76 -3.31 21.18
N ARG A 135 43.11 -2.87 22.24
CA ARG A 135 43.82 -2.22 23.34
C ARG A 135 43.96 -3.19 24.52
N ALA A 136 42.88 -3.88 24.84
CA ALA A 136 42.90 -4.84 25.94
C ALA A 136 43.52 -6.17 25.48
N PHE A 137 44.11 -6.14 24.29
CA PHE A 137 44.74 -7.33 23.74
C PHE A 137 46.18 -7.44 24.22
N ARG A 138 47.13 -7.13 23.34
CA ARG A 138 48.54 -7.20 23.69
C ARG A 138 48.97 -5.92 24.41
N GLU A 139 48.11 -5.43 25.29
CA GLU A 139 48.40 -4.21 26.05
C GLU A 139 49.42 -3.35 25.32
N THR A 140 49.26 -3.22 24.01
CA THR A 140 50.19 -2.41 23.22
C THR A 140 50.40 -1.07 23.90
N GLY A 141 51.38 -0.31 23.40
CA GLY A 141 51.68 1.00 23.97
C GLY A 141 52.54 1.82 23.02
N ILE A 142 52.44 1.53 21.73
CA ILE A 142 53.22 2.26 20.73
C ILE A 142 53.24 3.75 21.06
N THR A 143 54.25 4.45 20.55
CA THR A 143 54.37 5.87 20.80
C THR A 143 54.73 6.62 19.52
N ASP A 144 54.31 7.89 19.43
CA ASP A 144 54.59 8.70 18.26
C ASP A 144 55.40 9.93 18.64
N GLU A 145 54.70 10.97 19.08
CA GLU A 145 55.35 12.21 19.48
C GLU A 145 56.27 11.97 20.67
N GLU A 146 55.76 11.28 21.68
CA GLU A 146 56.53 10.99 22.88
C GLU A 146 57.85 10.32 22.51
N GLN A 147 57.82 9.51 21.45
CA GLN A 147 59.02 8.81 21.01
C GLN A 147 60.07 9.80 20.50
N ALA A 148 59.67 10.62 19.53
CA ALA A 148 60.58 11.60 18.95
C ALA A 148 61.34 12.33 20.06
N ILE A 149 60.61 13.08 20.88
CA ILE A 149 61.24 13.82 21.97
C ILE A 149 62.27 12.95 22.69
N SER A 150 61.94 11.68 22.86
CA SER A 150 62.85 10.75 23.54
C SER A 150 64.11 10.54 22.72
N ARG A 151 63.94 10.35 21.41
CA ARG A 151 65.08 10.13 20.53
C ARG A 151 66.15 11.20 20.74
N VAL A 152 65.70 12.42 21.01
CA VAL A 152 66.62 13.52 21.24
C VAL A 152 67.26 13.42 22.61
N LEU A 153 66.44 13.50 23.65
CA LEU A 153 66.92 13.42 25.02
C LEU A 153 67.92 12.28 25.17
N GLU A 154 67.62 11.15 24.56
CA GLU A 154 68.50 9.98 24.64
C GLU A 154 69.81 10.25 23.91
N ALA A 155 69.73 10.71 22.67
CA ALA A 155 70.92 10.99 21.88
C ALA A 155 71.58 12.28 22.34
N SER A 156 71.06 12.86 23.42
CA SER A 156 71.64 14.10 23.94
C SER A 156 71.88 13.99 25.44
N ILE A 157 71.65 12.81 26.00
CA ILE A 157 71.86 12.59 27.43
C ILE A 157 72.36 11.18 27.69
N ALA A 158 72.72 10.47 26.62
CA ALA A 158 73.22 9.11 26.73
C ALA A 158 72.77 8.45 28.04
N GLU A 159 71.80 7.55 27.93
CA GLU A 159 71.28 6.84 29.10
C GLU A 159 71.58 5.36 29.00
N ASN A 160 71.89 4.73 30.14
CA ASN A 160 72.18 3.30 30.15
C ASN A 160 71.42 2.61 31.28
N LYS A 161 72.10 1.69 31.97
CA LYS A 161 71.47 0.96 33.07
C LYS A 161 72.50 0.57 34.12
N ALA A 162 72.47 1.26 35.26
CA ALA A 162 73.41 0.98 36.34
C ALA A 162 73.79 -0.49 36.35
N CYS A 163 75.04 -0.78 35.98
CA CYS A 163 75.52 -2.15 35.95
C CYS A 163 76.53 -2.38 37.06
N LEU A 164 76.69 -1.40 37.93
CA LEU A 164 77.64 -1.50 39.03
C LEU A 164 79.06 -1.56 38.51
N LYS A 165 79.98 -0.92 39.23
CA LYS A 165 81.39 -0.92 38.83
C LYS A 165 82.23 -1.70 39.84
N ARG A 166 83.51 -1.34 39.92
CA ARG A 166 84.41 -2.02 40.85
C ARG A 166 85.73 -1.26 40.96
N MET A 21 -26.40 -10.15 -12.10
CA MET A 21 -27.84 -10.48 -11.96
C MET A 21 -28.44 -10.78 -13.34
N THR A 22 -29.38 -9.96 -13.78
CA THR A 22 -30.00 -10.16 -15.09
C THR A 22 -30.93 -9.00 -15.42
N VAL A 23 -31.62 -8.49 -14.40
CA VAL A 23 -32.54 -7.39 -14.59
C VAL A 23 -31.79 -6.06 -14.62
N GLU A 24 -30.72 -6.01 -15.39
CA GLU A 24 -29.91 -4.79 -15.49
C GLU A 24 -30.10 -4.13 -16.85
N GLN A 25 -29.36 -4.61 -17.86
CA GLN A 25 -29.46 -4.04 -19.20
C GLN A 25 -29.27 -2.53 -19.15
N ASN A 26 -28.95 -1.94 -20.29
CA ASN A 26 -28.73 -0.50 -20.36
C ASN A 26 -28.67 -0.05 -21.82
N VAL A 27 -29.83 0.27 -22.39
CA VAL A 27 -29.89 0.71 -23.78
C VAL A 27 -30.66 2.02 -23.88
N LEU A 28 -30.36 2.81 -24.91
CA LEU A 28 -31.03 4.08 -25.12
C LEU A 28 -30.74 4.58 -26.53
N GLN A 29 -31.54 5.53 -26.99
CA GLN A 29 -31.37 6.10 -28.32
C GLN A 29 -29.95 5.87 -28.82
N GLN A 30 -28.99 6.50 -28.14
CA GLN A 30 -27.59 6.37 -28.52
C GLN A 30 -27.45 6.42 -30.05
N SER A 31 -26.68 5.48 -30.61
CA SER A 31 -26.47 5.43 -32.04
C SER A 31 -26.07 4.02 -32.46
N ALA A 32 -24.89 3.60 -32.02
CA ALA A 32 -24.39 2.26 -32.33
C ALA A 32 -25.41 1.22 -31.90
N ALA A 33 -26.37 1.64 -31.08
CA ALA A 33 -27.39 0.73 -30.59
C ALA A 33 -27.89 -0.20 -31.70
N GLN A 34 -27.65 0.20 -32.95
CA GLN A 34 -28.08 -0.60 -34.08
C GLN A 34 -27.22 -1.87 -34.18
N LYS A 35 -25.93 -1.71 -33.94
CA LYS A 35 -25.00 -2.84 -34.01
C LYS A 35 -25.10 -3.70 -32.74
N HIS A 36 -25.66 -3.12 -31.69
CA HIS A 36 -25.80 -3.83 -30.42
C HIS A 36 -26.78 -4.99 -30.56
N GLN A 37 -27.63 -4.93 -31.57
CA GLN A 37 -28.61 -6.00 -31.77
C GLN A 37 -27.93 -7.37 -31.63
N GLN A 38 -26.73 -7.47 -32.15
CA GLN A 38 -25.97 -8.72 -32.06
C GLN A 38 -26.01 -9.28 -30.64
N THR A 39 -25.59 -8.46 -29.68
CA THR A 39 -25.57 -8.89 -28.29
C THR A 39 -27.00 -8.94 -27.74
N PHE A 40 -27.77 -7.95 -28.12
CA PHE A 40 -29.18 -7.86 -27.70
C PHE A 40 -29.84 -9.21 -27.85
N LEU A 41 -29.92 -9.66 -29.09
CA LEU A 41 -30.52 -10.96 -29.39
C LEU A 41 -29.81 -12.04 -28.60
N ASN A 42 -28.47 -11.98 -28.59
CA ASN A 42 -27.70 -12.95 -27.83
C ASN A 42 -28.25 -13.08 -26.42
N GLN A 43 -28.57 -11.94 -25.83
CA GLN A 43 -29.14 -11.94 -24.49
C GLN A 43 -30.45 -12.71 -24.54
N LEU A 44 -31.36 -12.30 -25.40
CA LEU A 44 -32.65 -12.96 -25.52
C LEU A 44 -32.48 -14.48 -25.52
N ARG A 45 -31.27 -14.94 -25.81
CA ARG A 45 -31.02 -16.38 -25.81
C ARG A 45 -30.69 -16.80 -24.38
N GLU A 46 -30.19 -15.84 -23.62
CA GLU A 46 -29.80 -16.06 -22.23
C GLU A 46 -30.97 -15.86 -21.22
N ILE A 47 -31.58 -14.67 -21.22
CA ILE A 47 -32.67 -14.40 -20.26
C ILE A 47 -33.77 -15.43 -20.31
N THR A 48 -34.41 -15.58 -21.47
CA THR A 48 -35.50 -16.54 -21.60
C THR A 48 -34.96 -17.91 -22.01
N GLY A 49 -33.65 -17.98 -22.23
CA GLY A 49 -33.03 -19.25 -22.62
C GLY A 49 -33.40 -19.60 -24.05
N ILE A 50 -33.57 -18.59 -24.88
CA ILE A 50 -33.94 -18.80 -26.27
C ILE A 50 -32.74 -19.16 -27.13
N ASN A 51 -33.01 -19.73 -28.30
CA ASN A 51 -31.95 -20.13 -29.23
C ASN A 51 -32.44 -20.08 -30.67
N ASP A 52 -33.33 -19.12 -30.96
CA ASP A 52 -33.88 -18.96 -32.29
C ASP A 52 -33.37 -17.67 -32.93
N THR A 53 -33.11 -17.72 -34.23
CA THR A 53 -32.61 -16.54 -34.94
C THR A 53 -33.74 -15.60 -35.35
N GLN A 54 -34.86 -16.18 -35.78
CA GLN A 54 -36.00 -15.38 -36.22
C GLN A 54 -36.81 -14.82 -35.06
N ILE A 55 -37.21 -15.69 -34.14
CA ILE A 55 -38.01 -15.27 -33.00
C ILE A 55 -37.32 -14.17 -32.19
N LEU A 56 -36.00 -14.12 -32.26
CA LEU A 56 -35.25 -13.12 -31.50
C LEU A 56 -35.19 -11.78 -32.24
N GLN A 57 -35.29 -11.84 -33.56
CA GLN A 57 -35.26 -10.62 -34.36
C GLN A 57 -36.64 -9.98 -34.36
N GLN A 58 -37.63 -10.80 -34.02
CA GLN A 58 -39.01 -10.35 -33.97
C GLN A 58 -39.31 -9.69 -32.63
N ALA A 59 -38.66 -10.17 -31.58
CA ALA A 59 -38.86 -9.63 -30.24
C ALA A 59 -38.18 -8.27 -30.13
N LEU A 60 -36.91 -8.22 -30.52
CA LEU A 60 -36.15 -6.98 -30.48
C LEU A 60 -36.85 -5.92 -31.32
N LYS A 61 -37.35 -6.32 -32.48
CA LYS A 61 -38.05 -5.40 -33.37
C LYS A 61 -39.29 -4.86 -32.67
N ASP A 62 -39.95 -5.71 -31.89
CA ASP A 62 -41.15 -5.32 -31.17
C ASP A 62 -40.81 -4.67 -29.83
N SER A 63 -39.61 -4.94 -29.34
CA SER A 63 -39.17 -4.38 -28.06
C SER A 63 -38.65 -2.96 -28.23
N ASN A 64 -38.09 -2.67 -29.39
CA ASN A 64 -37.55 -1.34 -29.67
C ASN A 64 -36.26 -1.09 -28.89
N GLY A 65 -35.47 -2.14 -28.70
CA GLY A 65 -34.21 -2.02 -27.97
C GLY A 65 -34.41 -2.34 -26.49
N ASN A 66 -35.64 -2.69 -26.14
CA ASN A 66 -35.97 -3.03 -24.76
C ASN A 66 -35.90 -4.54 -24.56
N LEU A 67 -35.12 -4.99 -23.58
CA LEU A 67 -34.96 -6.43 -23.34
C LEU A 67 -36.14 -7.01 -22.56
N GLU A 68 -36.34 -6.56 -21.33
CA GLU A 68 -37.45 -7.05 -20.54
C GLU A 68 -38.67 -7.11 -21.42
N LEU A 69 -38.61 -6.33 -22.49
CA LEU A 69 -39.70 -6.26 -23.45
C LEU A 69 -39.51 -7.33 -24.51
N ALA A 70 -38.27 -7.49 -24.99
CA ALA A 70 -37.99 -8.50 -25.98
C ALA A 70 -38.34 -9.86 -25.41
N VAL A 71 -37.75 -10.19 -24.26
CA VAL A 71 -38.04 -11.45 -23.60
C VAL A 71 -39.53 -11.59 -23.41
N ALA A 72 -40.07 -10.61 -22.72
CA ALA A 72 -41.49 -10.56 -22.44
C ALA A 72 -42.28 -10.77 -23.72
N PHE A 73 -41.82 -10.14 -24.79
CA PHE A 73 -42.49 -10.28 -26.08
C PHE A 73 -42.68 -11.75 -26.43
N LEU A 74 -41.73 -12.59 -26.00
CA LEU A 74 -41.83 -14.02 -26.28
C LEU A 74 -42.88 -14.65 -25.39
N THR A 75 -42.71 -14.51 -24.07
CA THR A 75 -43.66 -15.07 -23.13
C THR A 75 -44.91 -14.20 -23.05
N ALA A 76 -44.70 -12.91 -22.85
CA ALA A 76 -45.81 -11.96 -22.77
C ALA A 76 -46.77 -12.14 -23.94
N LYS A 77 -47.93 -11.48 -23.84
CA LYS A 77 -48.93 -11.56 -24.89
C LYS A 77 -49.18 -10.17 -25.49
N ASN A 78 -48.81 -9.14 -24.73
CA ASN A 78 -48.98 -7.77 -25.18
C ASN A 78 -47.65 -7.03 -25.13
N ALA A 79 -47.71 -5.72 -24.93
CA ALA A 79 -46.50 -4.91 -24.87
C ALA A 79 -46.80 -3.50 -24.34
N LYS A 80 -46.06 -3.10 -23.30
CA LYS A 80 -46.24 -1.79 -22.71
C LYS A 80 -44.96 -0.97 -22.83
N THR A 81 -44.63 -0.25 -21.76
CA THR A 81 -43.42 0.57 -21.76
C THR A 81 -42.82 0.62 -20.36
N PRO A 82 -42.37 -0.50 -19.87
CA PRO A 82 -41.75 -0.62 -18.53
C PRO A 82 -40.24 -0.33 -18.56
N GLN A 83 -39.45 -1.38 -18.75
CA GLN A 83 -38.00 -1.23 -18.81
C GLN A 83 -37.45 -0.68 -17.49
N GLN A 84 -38.31 -0.09 -16.68
CA GLN A 84 -37.87 0.46 -15.39
C GLN A 84 -36.66 1.37 -15.61
N GLU A 85 -36.82 2.35 -16.49
CA GLU A 85 -35.74 3.29 -16.79
C GLU A 85 -34.74 3.36 -15.63
N GLU A 86 -33.56 2.78 -15.86
CA GLU A 86 -32.51 2.78 -14.84
C GLU A 86 -31.13 2.74 -15.48
N THR A 87 -30.15 3.33 -14.79
CA THR A 87 -28.78 3.35 -15.29
C THR A 87 -27.87 2.52 -14.40
N THR A 88 -27.27 1.49 -14.98
CA THR A 88 -26.37 0.62 -14.23
C THR A 88 -25.13 0.29 -15.05
N TYR A 89 -24.53 -0.85 -14.76
CA TYR A 89 -23.32 -1.28 -15.47
C TYR A 89 -23.02 -2.74 -15.20
N TYR A 90 -22.53 -3.45 -16.20
CA TYR A 90 -22.21 -4.86 -16.06
C TYR A 90 -21.19 -5.06 -14.93
N GLN A 91 -20.51 -6.20 -14.94
CA GLN A 91 -19.51 -6.50 -13.93
C GLN A 91 -18.17 -6.80 -14.56
N THR A 92 -18.18 -7.06 -15.87
CA THR A 92 -16.95 -7.36 -16.59
C THR A 92 -16.08 -8.33 -15.79
N ALA A 93 -16.58 -9.55 -15.63
CA ALA A 93 -15.85 -10.56 -14.86
C ALA A 93 -15.43 -11.72 -15.76
N LEU A 94 -14.86 -12.75 -15.16
CA LEU A 94 -14.42 -13.93 -15.91
C LEU A 94 -14.70 -15.21 -15.13
N PRO A 95 -15.94 -15.46 -14.81
CA PRO A 95 -16.32 -16.67 -14.04
C PRO A 95 -16.07 -17.96 -14.83
N GLY A 96 -15.59 -17.81 -16.06
CA GLY A 96 -15.32 -18.96 -16.91
C GLY A 96 -13.86 -19.39 -16.79
N ASN A 97 -13.61 -20.41 -15.99
CA ASN A 97 -12.25 -20.91 -15.79
C ASN A 97 -11.87 -21.88 -16.89
N ASP A 98 -11.04 -21.42 -17.83
CA ASP A 98 -10.61 -22.26 -18.93
C ASP A 98 -11.59 -22.14 -20.10
N ARG A 99 -11.75 -20.92 -20.60
CA ARG A 99 -12.65 -20.68 -21.72
C ARG A 99 -12.30 -19.38 -22.42
N TYR A 100 -11.63 -19.50 -23.57
CA TYR A 100 -11.23 -18.32 -24.33
C TYR A 100 -10.41 -17.37 -23.48
N ILE A 101 -9.43 -16.73 -24.10
CA ILE A 101 -8.56 -15.79 -23.40
C ILE A 101 -7.75 -16.50 -22.32
N SER A 102 -6.99 -17.50 -22.73
CA SER A 102 -6.17 -18.26 -21.79
C SER A 102 -5.15 -17.34 -21.11
N VAL A 103 -4.97 -17.53 -19.81
CA VAL A 103 -4.02 -16.71 -19.06
C VAL A 103 -2.93 -16.17 -19.96
N GLY A 104 -2.57 -14.90 -19.78
CA GLY A 104 -1.53 -14.28 -20.60
C GLY A 104 -0.17 -14.39 -19.92
N SER A 105 0.17 -13.40 -19.12
CA SER A 105 1.45 -13.39 -18.42
C SER A 105 1.31 -12.77 -17.04
N GLN A 106 0.11 -12.83 -16.48
CA GLN A 106 -0.14 -12.28 -15.15
C GLN A 106 1.01 -12.62 -14.21
N ALA A 107 1.20 -11.78 -13.20
CA ALA A 107 2.27 -12.01 -12.24
C ALA A 107 2.61 -10.72 -11.49
N ASP A 108 1.79 -10.40 -10.48
CA ASP A 108 2.02 -9.21 -9.69
C ASP A 108 3.21 -9.39 -8.76
N THR A 109 3.79 -10.59 -8.80
CA THR A 109 4.94 -10.89 -7.96
C THR A 109 6.19 -10.20 -8.48
N ASN A 110 6.78 -9.35 -7.65
CA ASN A 110 7.98 -8.63 -8.05
C ASN A 110 8.45 -7.75 -6.90
N VAL A 111 8.27 -8.24 -5.69
CA VAL A 111 8.66 -7.51 -4.50
C VAL A 111 9.78 -8.21 -3.75
N ILE A 112 10.50 -7.45 -2.95
CA ILE A 112 11.59 -7.99 -2.15
C ILE A 112 12.26 -6.91 -1.34
N ASP A 113 13.49 -7.18 -0.92
CA ASP A 113 14.25 -6.22 -0.13
C ASP A 113 15.68 -6.11 -0.65
N LEU A 114 16.01 -4.94 -1.17
CA LEU A 114 17.36 -4.70 -1.70
C LEU A 114 18.36 -4.56 -0.56
N THR A 115 17.86 -4.49 0.66
CA THR A 115 18.71 -4.35 1.84
C THR A 115 18.31 -5.34 2.92
N GLY A 116 17.05 -5.30 3.32
CA GLY A 116 16.55 -6.21 4.35
C GLY A 116 17.23 -5.95 5.69
N ASP A 117 18.45 -5.43 5.64
CA ASP A 117 19.21 -5.13 6.86
C ASP A 117 20.58 -4.57 6.50
N ASP A 118 20.97 -3.50 7.20
CA ASP A 118 22.26 -2.87 6.95
C ASP A 118 23.38 -3.72 7.54
N LYS A 119 23.86 -4.69 6.77
CA LYS A 119 24.94 -5.56 7.22
C LYS A 119 26.16 -4.72 7.62
N ASP A 120 26.20 -3.49 7.11
CA ASP A 120 27.31 -2.60 7.40
C ASP A 120 27.21 -2.06 8.83
N ASP A 121 25.99 -2.00 9.34
CA ASP A 121 25.76 -1.49 10.69
C ASP A 121 26.31 -2.49 11.72
N LEU A 122 25.88 -3.74 11.62
CA LEU A 122 26.35 -4.76 12.56
C LEU A 122 27.85 -4.86 12.50
N GLN A 123 28.37 -4.94 11.29
CA GLN A 123 29.81 -4.99 11.10
C GLN A 123 30.45 -3.97 12.02
N ARG A 124 29.63 -3.01 12.42
CA ARG A 124 30.09 -1.95 13.31
C ARG A 124 30.05 -2.43 14.75
N ALA A 125 29.03 -3.21 15.07
CA ALA A 125 28.88 -3.74 16.42
C ALA A 125 30.07 -4.61 16.79
N ILE A 126 30.35 -5.61 15.96
CA ILE A 126 31.47 -6.52 16.21
C ILE A 126 32.79 -5.78 16.12
N ALA A 127 32.84 -4.84 15.20
CA ALA A 127 34.03 -4.04 14.99
C ALA A 127 34.31 -3.18 16.22
N LEU A 128 33.24 -2.61 16.79
CA LEU A 128 33.39 -1.76 17.97
C LEU A 128 34.05 -2.53 19.10
N SER A 129 33.59 -3.75 19.33
CA SER A 129 34.14 -4.58 20.39
C SER A 129 35.57 -4.96 20.06
N LEU A 130 35.77 -5.57 18.91
CA LEU A 130 37.11 -5.95 18.48
C LEU A 130 38.04 -4.77 18.69
N ALA A 131 37.43 -3.60 18.82
CA ALA A 131 38.19 -2.36 19.02
C ALA A 131 38.69 -2.28 20.45
N GLU A 132 37.77 -2.31 21.41
CA GLU A 132 38.14 -2.24 22.81
C GLU A 132 39.25 -3.26 23.09
N SER A 133 39.34 -4.26 22.22
CA SER A 133 40.36 -5.29 22.37
C SER A 133 41.63 -4.87 21.65
N ASN A 134 41.49 -4.51 20.38
CA ASN A 134 42.66 -4.06 19.61
C ASN A 134 43.50 -3.11 20.45
N ARG A 135 42.91 -2.66 21.55
CA ARG A 135 43.60 -1.75 22.46
C ARG A 135 44.12 -2.52 23.67
N ALA A 136 43.31 -3.44 24.17
CA ALA A 136 43.70 -4.25 25.31
C ALA A 136 44.69 -5.32 24.87
N PHE A 137 44.78 -5.53 23.56
CA PHE A 137 45.68 -6.52 22.99
C PHE A 137 47.13 -6.10 23.24
N ARG A 138 47.51 -4.96 22.67
CA ARG A 138 48.86 -4.45 22.83
C ARG A 138 49.40 -4.75 24.23
N GLU A 139 48.99 -3.94 25.20
CA GLU A 139 49.44 -4.13 26.57
C GLU A 139 50.95 -4.01 26.67
N THR A 140 51.60 -3.90 25.51
CA THR A 140 53.05 -3.78 25.47
C THR A 140 53.54 -2.86 26.58
N GLY A 141 54.62 -3.26 27.24
CA GLY A 141 55.18 -2.46 28.33
C GLY A 141 55.53 -3.34 29.53
N ILE A 142 56.68 -3.99 29.46
CA ILE A 142 57.13 -4.86 30.54
C ILE A 142 58.60 -5.24 30.35
N THR A 143 59.13 -5.96 31.32
CA THR A 143 60.53 -6.38 31.26
C THR A 143 61.44 -5.19 31.02
N ASP A 144 61.27 -4.14 31.82
CA ASP A 144 62.09 -2.94 31.69
C ASP A 144 63.55 -3.26 32.00
N GLU A 145 64.41 -3.06 31.01
CA GLU A 145 65.84 -3.33 31.19
C GLU A 145 66.55 -2.13 31.80
N GLU A 146 66.16 -0.93 31.38
CA GLU A 146 66.78 0.28 31.89
C GLU A 146 66.37 0.54 33.34
N GLN A 147 65.12 0.20 33.66
CA GLN A 147 64.63 0.40 35.02
C GLN A 147 65.07 -0.73 35.94
N ALA A 148 65.14 -1.94 35.39
CA ALA A 148 65.55 -3.10 36.17
C ALA A 148 67.04 -3.05 36.48
N ILE A 149 67.83 -2.59 35.51
CA ILE A 149 69.28 -2.50 35.70
C ILE A 149 69.63 -1.27 36.52
N SER A 150 68.95 -0.16 36.26
CA SER A 150 69.21 1.08 36.99
C SER A 150 68.66 1.00 38.40
N ARG A 151 67.70 0.11 38.62
CA ARG A 151 67.09 -0.05 39.94
C ARG A 151 68.02 -0.85 40.85
N VAL A 152 68.36 -2.06 40.42
CA VAL A 152 69.25 -2.91 41.21
C VAL A 152 70.56 -2.21 41.50
N LEU A 153 71.05 -1.44 40.53
CA LEU A 153 72.31 -0.73 40.70
C LEU A 153 72.16 0.35 41.77
N GLU A 154 71.29 1.32 41.51
CA GLU A 154 71.07 2.40 42.47
C GLU A 154 70.90 1.85 43.88
N ALA A 155 70.03 0.84 44.02
CA ALA A 155 69.81 0.23 45.32
C ALA A 155 71.11 -0.23 45.94
N SER A 156 71.98 -0.82 45.13
CA SER A 156 73.26 -1.31 45.61
C SER A 156 74.18 -0.14 45.94
N ILE A 157 74.67 0.55 44.90
CA ILE A 157 75.55 1.68 45.10
C ILE A 157 74.94 2.66 46.10
N ALA A 158 73.63 2.60 46.24
CA ALA A 158 72.92 3.48 47.16
C ALA A 158 73.01 4.93 46.68
N GLU A 159 72.73 5.86 47.59
CA GLU A 159 72.79 7.28 47.25
C GLU A 159 74.18 7.84 47.53
N ASN A 160 75.01 7.85 46.50
CA ASN A 160 76.37 8.37 46.63
C ASN A 160 76.84 8.99 45.31
N LYS A 161 77.05 10.30 45.33
CA LYS A 161 77.49 11.01 44.13
C LYS A 161 79.00 11.22 44.16
N ALA A 162 79.44 12.25 44.89
CA ALA A 162 80.85 12.55 45.00
C ALA A 162 81.57 12.25 43.68
N CYS A 163 81.97 11.00 43.51
CA CYS A 163 82.65 10.60 42.28
C CYS A 163 82.63 9.09 42.13
N LEU A 164 83.53 8.41 42.84
CA LEU A 164 83.60 6.95 42.78
C LEU A 164 84.69 6.44 43.72
N LYS A 165 85.39 7.37 44.36
CA LYS A 165 86.46 6.99 45.29
C LYS A 165 87.51 6.15 44.59
N ARG A 166 88.54 5.75 45.34
CA ARG A 166 89.61 4.94 44.78
C ARG A 166 89.39 3.46 45.09
N MET A 21 -40.41 -27.59 -28.75
CA MET A 21 -41.19 -27.58 -30.02
C MET A 21 -41.35 -26.15 -30.50
N THR A 22 -41.83 -25.98 -31.73
CA THR A 22 -42.03 -24.65 -32.29
C THR A 22 -40.70 -23.91 -32.39
N VAL A 23 -40.01 -24.07 -33.51
CA VAL A 23 -38.73 -23.41 -33.72
C VAL A 23 -38.84 -21.91 -33.47
N GLU A 24 -40.04 -21.46 -33.11
CA GLU A 24 -40.26 -20.04 -32.86
C GLU A 24 -39.00 -19.40 -32.27
N GLN A 25 -38.34 -18.56 -33.06
CA GLN A 25 -37.13 -17.89 -32.61
C GLN A 25 -37.46 -16.65 -31.80
N ASN A 26 -37.91 -16.85 -30.56
CA ASN A 26 -38.25 -15.74 -29.70
C ASN A 26 -37.15 -14.67 -29.73
N VAL A 27 -37.56 -13.41 -29.78
CA VAL A 27 -36.59 -12.31 -29.82
C VAL A 27 -36.98 -11.23 -28.81
N LEU A 28 -35.97 -10.58 -28.24
CA LEU A 28 -36.21 -9.51 -27.27
C LEU A 28 -36.44 -8.19 -27.99
N GLN A 29 -36.28 -8.20 -29.30
CA GLN A 29 -36.48 -6.99 -30.10
C GLN A 29 -37.94 -6.85 -30.48
N GLN A 30 -38.80 -7.62 -29.81
CA GLN A 30 -40.23 -7.57 -30.08
C GLN A 30 -40.83 -6.25 -29.62
N SER A 31 -39.96 -5.34 -29.18
CA SER A 31 -40.41 -4.03 -28.71
C SER A 31 -39.58 -2.92 -29.33
N ALA A 32 -39.69 -2.76 -30.64
CA ALA A 32 -38.95 -1.71 -31.33
C ALA A 32 -39.36 -0.34 -30.83
N ALA A 33 -40.56 -0.25 -30.27
CA ALA A 33 -41.08 1.00 -29.74
C ALA A 33 -40.01 1.73 -28.93
N GLN A 34 -38.99 0.99 -28.51
CA GLN A 34 -37.91 1.57 -27.72
C GLN A 34 -37.40 2.86 -28.34
N LYS A 35 -37.25 2.86 -29.67
CA LYS A 35 -36.76 4.05 -30.36
C LYS A 35 -37.91 5.01 -30.66
N HIS A 36 -39.14 4.49 -30.61
CA HIS A 36 -40.31 5.32 -30.88
C HIS A 36 -40.81 6.01 -29.60
N GLN A 37 -40.53 5.40 -28.45
CA GLN A 37 -40.97 5.99 -27.18
C GLN A 37 -40.69 7.49 -27.17
N GLN A 38 -39.71 7.91 -27.96
CA GLN A 38 -39.36 9.31 -28.02
C GLN A 38 -40.59 10.16 -28.34
N THR A 39 -41.41 9.67 -29.26
CA THR A 39 -42.62 10.38 -29.63
C THR A 39 -43.73 10.14 -28.63
N PHE A 40 -43.88 8.89 -28.25
CA PHE A 40 -44.91 8.52 -27.29
C PHE A 40 -44.84 9.44 -26.08
N LEU A 41 -43.70 9.43 -25.40
CA LEU A 41 -43.51 10.28 -24.24
C LEU A 41 -43.71 11.74 -24.64
N ASN A 42 -43.20 12.11 -25.80
CA ASN A 42 -43.35 13.47 -26.29
C ASN A 42 -44.83 13.83 -26.29
N GLN A 43 -45.66 12.87 -26.70
CA GLN A 43 -47.09 13.08 -26.72
C GLN A 43 -47.58 13.37 -25.31
N LEU A 44 -47.20 12.49 -24.39
CA LEU A 44 -47.58 12.64 -22.99
C LEU A 44 -47.39 14.08 -22.55
N ARG A 45 -46.53 14.79 -23.25
CA ARG A 45 -46.27 16.18 -22.94
C ARG A 45 -47.28 17.08 -23.65
N GLU A 46 -47.79 16.60 -24.78
CA GLU A 46 -48.74 17.37 -25.59
C GLU A 46 -50.21 17.17 -25.20
N ILE A 47 -50.70 15.93 -25.19
CA ILE A 47 -52.12 15.68 -24.89
C ILE A 47 -52.54 16.33 -23.57
N THR A 48 -51.89 15.93 -22.49
CA THR A 48 -52.23 16.46 -21.18
C THR A 48 -51.49 17.78 -20.93
N GLY A 49 -50.62 18.15 -21.87
CA GLY A 49 -49.88 19.39 -21.76
C GLY A 49 -49.04 19.43 -20.48
N ILE A 50 -48.55 18.28 -20.04
CA ILE A 50 -47.74 18.23 -18.83
C ILE A 50 -46.25 18.18 -19.17
N ASN A 51 -45.43 18.81 -18.34
CA ASN A 51 -43.99 18.85 -18.57
C ASN A 51 -43.30 17.77 -17.74
N ASP A 52 -43.70 17.65 -16.47
CA ASP A 52 -43.12 16.66 -15.57
C ASP A 52 -42.93 15.34 -16.30
N THR A 53 -41.78 15.17 -16.94
CA THR A 53 -41.49 13.95 -17.68
C THR A 53 -41.49 12.73 -16.75
N GLN A 54 -41.26 12.97 -15.47
CA GLN A 54 -41.23 11.89 -14.50
C GLN A 54 -42.57 11.17 -14.48
N ILE A 55 -43.65 11.95 -14.47
CA ILE A 55 -44.99 11.40 -14.46
C ILE A 55 -45.34 10.82 -15.83
N LEU A 56 -44.78 11.41 -16.88
CA LEU A 56 -45.04 10.94 -18.24
C LEU A 56 -44.37 9.60 -18.49
N GLN A 57 -43.04 9.59 -18.43
CA GLN A 57 -42.28 8.36 -18.65
C GLN A 57 -42.88 7.22 -17.85
N GLN A 58 -43.37 7.55 -16.66
CA GLN A 58 -43.97 6.55 -15.78
C GLN A 58 -45.33 6.11 -16.30
N ALA A 59 -46.06 7.05 -16.91
CA ALA A 59 -47.39 6.74 -17.43
C ALA A 59 -47.30 5.69 -18.53
N LEU A 60 -46.33 5.86 -19.43
CA LEU A 60 -46.16 4.91 -20.53
C LEU A 60 -45.81 3.53 -19.99
N LYS A 61 -44.89 3.50 -19.03
CA LYS A 61 -44.47 2.23 -18.43
C LYS A 61 -45.67 1.48 -17.87
N ASP A 62 -46.65 2.21 -17.36
CA ASP A 62 -47.83 1.58 -16.79
C ASP A 62 -48.90 1.31 -17.84
N SER A 63 -48.87 2.04 -18.95
CA SER A 63 -49.86 1.85 -20.00
C SER A 63 -49.40 0.78 -21.00
N ASN A 64 -48.16 0.35 -20.85
CA ASN A 64 -47.60 -0.69 -21.72
C ASN A 64 -47.45 -0.21 -23.17
N GLY A 65 -47.40 1.11 -23.38
CA GLY A 65 -47.24 1.64 -24.72
C GLY A 65 -48.54 2.17 -25.32
N ASN A 66 -49.55 2.35 -24.48
CA ASN A 66 -50.83 2.88 -24.96
C ASN A 66 -51.00 4.32 -24.49
N LEU A 67 -51.28 5.23 -25.43
CA LEU A 67 -51.42 6.65 -25.10
C LEU A 67 -52.66 6.93 -24.27
N GLU A 68 -53.84 6.67 -24.82
CA GLU A 68 -55.08 6.92 -24.11
C GLU A 68 -54.99 6.43 -22.67
N LEU A 69 -54.06 5.51 -22.44
CA LEU A 69 -53.85 4.97 -21.11
C LEU A 69 -52.82 5.81 -20.37
N ALA A 70 -51.80 6.23 -21.10
CA ALA A 70 -50.77 7.06 -20.50
C ALA A 70 -51.39 8.38 -20.09
N VAL A 71 -52.10 9.00 -21.03
CA VAL A 71 -52.79 10.25 -20.75
C VAL A 71 -53.79 10.05 -19.63
N ALA A 72 -54.59 9.02 -19.77
CA ALA A 72 -55.59 8.69 -18.78
C ALA A 72 -54.91 8.37 -17.46
N PHE A 73 -53.73 7.79 -17.54
CA PHE A 73 -52.98 7.45 -16.33
C PHE A 73 -52.69 8.72 -15.52
N LEU A 74 -52.60 9.85 -16.21
CA LEU A 74 -52.34 11.12 -15.54
C LEU A 74 -53.62 11.68 -14.93
N THR A 75 -54.64 11.84 -15.76
CA THR A 75 -55.92 12.35 -15.28
C THR A 75 -56.79 11.21 -14.77
N ALA A 76 -56.83 10.13 -15.54
CA ALA A 76 -57.62 8.96 -15.17
C ALA A 76 -58.79 9.36 -14.28
N LYS A 77 -58.57 9.34 -12.96
CA LYS A 77 -59.62 9.71 -12.02
C LYS A 77 -60.71 8.64 -12.02
N ASN A 78 -61.35 8.45 -13.16
CA ASN A 78 -62.41 7.46 -13.29
C ASN A 78 -62.11 6.52 -14.46
N ALA A 79 -61.28 6.99 -15.38
CA ALA A 79 -60.92 6.19 -16.55
C ALA A 79 -59.67 5.37 -16.26
N LYS A 80 -59.86 4.22 -15.63
CA LYS A 80 -58.73 3.35 -15.30
C LYS A 80 -58.35 2.51 -16.52
N THR A 81 -58.82 1.27 -16.55
CA THR A 81 -58.52 0.37 -17.67
C THR A 81 -57.30 -0.48 -17.35
N PRO A 82 -57.46 -1.47 -16.53
CA PRO A 82 -56.36 -2.38 -16.12
C PRO A 82 -56.26 -3.59 -17.04
N GLN A 83 -56.27 -4.80 -16.45
CA GLN A 83 -56.18 -6.02 -17.25
C GLN A 83 -54.78 -6.17 -17.84
N GLN A 84 -54.02 -5.08 -17.86
CA GLN A 84 -52.67 -5.11 -18.39
C GLN A 84 -51.71 -4.29 -17.53
N GLU A 85 -51.60 -4.67 -16.27
CA GLU A 85 -50.71 -3.98 -15.34
C GLU A 85 -49.39 -4.73 -15.20
N GLU A 86 -48.29 -4.04 -15.51
CA GLU A 86 -46.97 -4.66 -15.41
C GLU A 86 -46.88 -5.86 -16.34
N THR A 87 -45.75 -6.55 -16.29
CA THR A 87 -45.55 -7.72 -17.14
C THR A 87 -45.59 -9.01 -16.31
N THR A 88 -46.13 -10.07 -16.91
CA THR A 88 -46.22 -11.35 -16.22
C THR A 88 -44.92 -11.67 -15.49
N TYR A 89 -43.82 -11.63 -16.24
CA TYR A 89 -42.51 -11.91 -15.65
C TYR A 89 -42.45 -13.34 -15.13
N TYR A 90 -41.29 -13.97 -15.27
CA TYR A 90 -41.12 -15.34 -14.80
C TYR A 90 -41.27 -15.41 -13.29
N GLN A 91 -40.73 -16.46 -12.68
CA GLN A 91 -40.81 -16.62 -11.22
C GLN A 91 -39.45 -16.40 -10.59
N THR A 92 -38.39 -16.65 -11.35
CA THR A 92 -37.03 -16.47 -10.84
C THR A 92 -36.88 -15.10 -10.21
N ALA A 93 -35.83 -14.94 -9.41
CA ALA A 93 -35.56 -13.66 -8.75
C ALA A 93 -34.71 -13.88 -7.52
N LEU A 94 -33.97 -14.99 -7.49
CA LEU A 94 -33.11 -15.31 -6.36
C LEU A 94 -32.66 -14.04 -5.65
N PRO A 95 -33.37 -13.64 -4.63
CA PRO A 95 -33.04 -12.41 -3.85
C PRO A 95 -31.57 -12.36 -3.44
N GLY A 96 -30.91 -13.52 -3.47
CA GLY A 96 -29.50 -13.59 -3.11
C GLY A 96 -29.33 -13.60 -1.59
N ASN A 97 -28.18 -13.13 -1.14
CA ASN A 97 -27.89 -13.09 0.30
C ASN A 97 -26.59 -12.36 0.56
N ASP A 98 -25.48 -12.96 0.13
CA ASP A 98 -24.16 -12.37 0.34
C ASP A 98 -23.93 -11.24 -0.67
N ARG A 99 -22.71 -10.68 -0.65
CA ARG A 99 -22.37 -9.60 -1.56
C ARG A 99 -21.91 -10.16 -2.91
N TYR A 100 -21.43 -11.40 -2.89
CA TYR A 100 -20.96 -12.04 -4.10
C TYR A 100 -19.67 -11.40 -4.60
N ILE A 101 -19.56 -10.09 -4.41
CA ILE A 101 -18.37 -9.35 -4.82
C ILE A 101 -17.83 -8.52 -3.66
N SER A 102 -16.51 -8.43 -3.58
CA SER A 102 -15.87 -7.66 -2.51
C SER A 102 -16.16 -6.17 -2.68
N VAL A 103 -17.21 -5.85 -3.45
CA VAL A 103 -17.58 -4.47 -3.69
C VAL A 103 -16.35 -3.57 -3.71
N GLY A 104 -15.27 -4.07 -4.29
CA GLY A 104 -14.03 -3.30 -4.37
C GLY A 104 -13.40 -3.13 -2.99
N SER A 105 -12.58 -4.09 -2.59
CA SER A 105 -11.92 -4.04 -1.29
C SER A 105 -10.41 -4.21 -1.46
N GLN A 106 -9.92 -3.87 -2.66
CA GLN A 106 -8.50 -3.99 -2.95
C GLN A 106 -7.68 -3.17 -1.97
N ALA A 107 -8.28 -2.11 -1.44
CA ALA A 107 -7.58 -1.24 -0.48
C ALA A 107 -6.49 -0.43 -1.19
N ASP A 108 -5.92 0.53 -0.48
CA ASP A 108 -4.88 1.37 -1.06
C ASP A 108 -3.58 1.21 -0.28
N THR A 109 -3.65 1.43 1.04
CA THR A 109 -2.47 1.32 1.89
C THR A 109 -1.69 0.05 1.57
N ASN A 110 -0.37 0.15 1.58
CA ASN A 110 0.48 -0.99 1.29
C ASN A 110 1.95 -0.59 1.37
N VAL A 111 2.21 0.39 2.24
CA VAL A 111 3.56 0.90 2.41
C VAL A 111 4.22 0.28 3.63
N ILE A 112 5.55 0.42 3.71
CA ILE A 112 6.30 -0.10 4.84
C ILE A 112 7.78 0.19 4.68
N ASP A 113 8.58 -0.56 5.43
CA ASP A 113 10.02 -0.40 5.39
C ASP A 113 10.71 -1.76 5.58
N LEU A 114 11.62 -2.08 4.69
CA LEU A 114 12.33 -3.36 4.77
C LEU A 114 13.85 -3.14 4.70
N THR A 115 14.27 -1.88 4.83
CA THR A 115 15.69 -1.57 4.77
C THR A 115 16.08 -0.71 5.97
N GLY A 116 15.09 -0.14 6.65
CA GLY A 116 15.34 0.71 7.80
C GLY A 116 16.54 0.19 8.59
N ASP A 117 16.38 -0.97 9.21
CA ASP A 117 17.47 -1.56 9.99
C ASP A 117 18.62 -1.97 9.09
N ASP A 118 19.56 -1.06 8.89
CA ASP A 118 20.72 -1.33 8.04
C ASP A 118 21.43 -2.61 8.49
N LYS A 119 22.00 -3.33 7.53
CA LYS A 119 22.71 -4.57 7.85
C LYS A 119 24.19 -4.29 8.09
N ASP A 120 24.61 -3.05 7.86
CA ASP A 120 25.99 -2.68 8.05
C ASP A 120 26.25 -2.25 9.50
N ASP A 121 25.23 -1.66 10.12
CA ASP A 121 25.35 -1.21 11.50
C ASP A 121 25.95 -2.30 12.37
N LEU A 122 25.74 -3.57 11.99
CA LEU A 122 26.26 -4.69 12.75
C LEU A 122 27.75 -4.85 12.50
N GLN A 123 28.11 -4.95 11.24
CA GLN A 123 29.51 -5.09 10.88
C GLN A 123 30.31 -4.11 11.72
N ARG A 124 29.58 -3.13 12.25
CA ARG A 124 30.19 -2.10 13.08
C ARG A 124 30.26 -2.58 14.53
N ALA A 125 29.20 -3.27 14.96
CA ALA A 125 29.14 -3.77 16.33
C ALA A 125 30.42 -4.55 16.66
N ILE A 126 30.71 -5.57 15.87
CA ILE A 126 31.90 -6.38 16.09
C ILE A 126 33.14 -5.56 15.87
N ALA A 127 33.21 -4.96 14.70
CA ALA A 127 34.35 -4.13 14.34
C ALA A 127 34.76 -3.22 15.50
N LEU A 128 33.83 -2.38 15.94
CA LEU A 128 34.10 -1.47 17.05
C LEU A 128 34.72 -2.23 18.21
N SER A 129 34.22 -3.44 18.46
CA SER A 129 34.75 -4.25 19.55
C SER A 129 36.16 -4.71 19.23
N LEU A 130 36.38 -5.17 18.02
CA LEU A 130 37.71 -5.61 17.62
C LEU A 130 38.71 -4.55 18.02
N ALA A 131 38.21 -3.34 18.25
CA ALA A 131 39.05 -2.22 18.66
C ALA A 131 39.18 -2.18 20.17
N GLU A 132 38.04 -2.06 20.85
CA GLU A 132 38.03 -2.02 22.31
C GLU A 132 38.87 -3.16 22.87
N SER A 133 39.10 -4.17 22.04
CA SER A 133 39.90 -5.32 22.46
C SER A 133 41.37 -5.07 22.14
N ASN A 134 41.65 -4.72 20.88
CA ASN A 134 43.01 -4.45 20.47
C ASN A 134 43.68 -3.53 21.48
N ARG A 135 42.88 -2.98 22.39
CA ARG A 135 43.39 -2.08 23.42
C ARG A 135 43.42 -2.80 24.76
N ALA A 136 42.40 -3.63 24.99
CA ALA A 136 42.31 -4.39 26.23
C ALA A 136 43.06 -5.71 26.10
N PHE A 137 43.50 -6.01 24.89
CA PHE A 137 44.22 -7.25 24.62
C PHE A 137 45.24 -7.52 25.72
N ARG A 138 45.95 -8.63 25.60
CA ARG A 138 46.96 -9.00 26.58
C ARG A 138 48.31 -8.40 26.20
N GLU A 139 48.50 -7.14 26.54
CA GLU A 139 49.75 -6.45 26.22
C GLU A 139 50.91 -6.98 27.07
N THR A 140 51.04 -8.30 27.14
CA THR A 140 52.11 -8.91 27.91
C THR A 140 53.46 -8.33 27.48
N GLY A 141 54.51 -8.66 28.21
CA GLY A 141 55.84 -8.15 27.88
C GLY A 141 56.91 -8.81 28.74
N ILE A 142 57.06 -8.33 29.98
CA ILE A 142 58.06 -8.89 30.88
C ILE A 142 57.61 -8.75 32.33
N THR A 143 57.94 -9.75 33.14
CA THR A 143 57.58 -9.75 34.55
C THR A 143 58.32 -10.86 35.29
N ASP A 144 59.48 -11.24 34.76
CA ASP A 144 60.28 -12.28 35.38
C ASP A 144 61.63 -11.73 35.83
N GLU A 145 61.62 -10.57 36.47
CA GLU A 145 62.85 -9.95 36.95
C GLU A 145 63.32 -10.62 38.25
N GLU A 146 62.37 -11.01 39.08
CA GLU A 146 62.70 -11.66 40.34
C GLU A 146 63.39 -12.99 40.10
N GLN A 147 62.75 -13.85 39.31
CA GLN A 147 63.31 -15.15 38.98
C GLN A 147 64.60 -14.98 38.19
N ALA A 148 64.63 -13.97 37.33
CA ALA A 148 65.82 -13.71 36.52
C ALA A 148 67.02 -13.45 37.42
N ILE A 149 67.05 -12.27 38.03
CA ILE A 149 68.14 -11.91 38.92
C ILE A 149 68.63 -13.14 39.69
N SER A 150 67.69 -13.96 40.14
CA SER A 150 68.03 -15.18 40.87
C SER A 150 68.76 -16.16 39.97
N ARG A 151 68.04 -16.73 39.01
CA ARG A 151 68.62 -17.68 38.09
C ARG A 151 70.00 -17.22 37.63
N VAL A 152 70.09 -15.96 37.21
CA VAL A 152 71.36 -15.40 36.74
C VAL A 152 72.43 -15.54 37.83
N LEU A 153 72.21 -14.88 38.96
CA LEU A 153 73.16 -14.92 40.06
C LEU A 153 73.70 -16.34 40.24
N GLU A 154 72.85 -17.33 40.00
CA GLU A 154 73.25 -18.72 40.13
C GLU A 154 74.37 -19.05 39.15
N ALA A 155 74.18 -18.68 37.88
CA ALA A 155 75.18 -18.94 36.86
C ALA A 155 76.50 -18.29 37.22
N SER A 156 76.45 -17.33 38.14
CA SER A 156 77.66 -16.63 38.57
C SER A 156 78.34 -17.38 39.70
N ILE A 157 77.58 -17.73 40.73
CA ILE A 157 78.11 -18.45 41.87
C ILE A 157 78.33 -19.92 41.52
N ALA A 158 77.76 -20.34 40.40
CA ALA A 158 77.90 -21.72 39.95
C ALA A 158 79.04 -21.85 38.94
N GLU A 159 79.74 -20.75 38.70
CA GLU A 159 80.86 -20.76 37.76
C GLU A 159 82.18 -20.95 38.49
N ASN A 160 82.73 -22.16 38.43
CA ASN A 160 83.99 -22.45 39.09
C ASN A 160 84.82 -23.44 38.27
N LYS A 161 85.22 -23.02 37.08
CA LYS A 161 86.03 -23.87 36.21
C LYS A 161 87.25 -23.10 35.71
N ALA A 162 88.44 -23.58 36.08
CA ALA A 162 89.66 -22.92 35.66
C ALA A 162 90.45 -23.80 34.69
N CYS A 163 91.77 -23.61 34.67
CA CYS A 163 92.63 -24.40 33.80
C CYS A 163 94.06 -24.39 34.31
N LEU A 164 94.21 -24.34 35.63
CA LEU A 164 95.53 -24.31 36.24
C LEU A 164 96.30 -25.58 35.88
N LYS A 165 97.63 -25.49 35.93
CA LYS A 165 98.47 -26.63 35.62
C LYS A 165 99.79 -26.55 36.40
N ARG A 166 99.82 -25.66 37.38
CA ARG A 166 101.02 -25.48 38.20
C ARG A 166 101.71 -26.82 38.44
N MET A 21 -46.94 -13.65 -59.96
CA MET A 21 -46.17 -12.38 -59.82
C MET A 21 -47.15 -11.22 -59.57
N THR A 22 -47.63 -10.62 -60.65
CA THR A 22 -48.57 -9.51 -60.53
C THR A 22 -49.96 -9.93 -61.01
N VAL A 23 -50.76 -10.45 -60.09
CA VAL A 23 -52.11 -10.89 -60.41
C VAL A 23 -52.15 -11.51 -61.81
N GLU A 24 -51.03 -12.07 -62.24
CA GLU A 24 -50.94 -12.69 -63.55
C GLU A 24 -50.60 -14.17 -63.42
N GLN A 25 -50.21 -14.79 -64.53
CA GLN A 25 -49.84 -16.20 -64.53
C GLN A 25 -50.77 -16.98 -63.60
N ASN A 26 -52.01 -16.53 -63.49
CA ASN A 26 -52.99 -17.19 -62.64
C ASN A 26 -52.53 -17.17 -61.19
N VAL A 27 -51.76 -18.19 -60.80
CA VAL A 27 -51.26 -18.27 -59.43
C VAL A 27 -52.41 -18.12 -58.43
N LEU A 28 -53.63 -18.08 -58.95
CA LEU A 28 -54.80 -17.94 -58.09
C LEU A 28 -55.30 -19.30 -57.64
N GLN A 29 -54.62 -20.35 -58.09
CA GLN A 29 -55.00 -21.71 -57.72
C GLN A 29 -54.42 -22.09 -56.36
N GLN A 30 -54.63 -21.23 -55.38
CA GLN A 30 -54.13 -21.49 -54.03
C GLN A 30 -55.28 -21.50 -53.03
N SER A 31 -55.01 -21.99 -51.83
CA SER A 31 -56.03 -22.05 -50.79
C SER A 31 -55.39 -22.22 -49.42
N ALA A 32 -54.40 -23.12 -49.33
CA ALA A 32 -53.72 -23.37 -48.08
C ALA A 32 -52.96 -22.12 -47.62
N ALA A 33 -52.77 -21.19 -48.54
CA ALA A 33 -52.07 -19.95 -48.21
C ALA A 33 -52.92 -19.06 -47.32
N GLN A 34 -54.23 -19.29 -47.33
CA GLN A 34 -55.14 -18.51 -46.50
C GLN A 34 -54.91 -18.79 -45.02
N LYS A 35 -54.84 -20.06 -44.67
CA LYS A 35 -54.61 -20.46 -43.28
C LYS A 35 -53.20 -20.12 -42.84
N HIS A 36 -52.32 -19.91 -43.81
CA HIS A 36 -50.93 -19.59 -43.52
C HIS A 36 -50.77 -18.10 -43.22
N GLN A 37 -51.75 -17.30 -43.66
CA GLN A 37 -51.69 -15.85 -43.42
C GLN A 37 -51.29 -15.58 -41.98
N GLN A 38 -51.83 -16.36 -41.06
CA GLN A 38 -51.53 -16.18 -39.64
C GLN A 38 -50.04 -15.94 -39.42
N THR A 39 -49.21 -16.89 -39.86
CA THR A 39 -47.77 -16.76 -39.69
C THR A 39 -47.22 -15.71 -40.65
N PHE A 40 -47.83 -15.64 -41.81
CA PHE A 40 -47.40 -14.70 -42.83
C PHE A 40 -47.29 -13.27 -42.27
N LEU A 41 -48.40 -12.74 -41.77
CA LEU A 41 -48.39 -11.39 -41.20
C LEU A 41 -47.53 -11.35 -39.96
N ASN A 42 -47.74 -12.32 -39.07
CA ASN A 42 -46.97 -12.38 -37.83
C ASN A 42 -45.48 -12.24 -38.14
N GLN A 43 -45.03 -12.91 -39.19
CA GLN A 43 -43.63 -12.85 -39.59
C GLN A 43 -43.27 -11.42 -39.99
N LEU A 44 -44.04 -10.85 -40.91
CA LEU A 44 -43.79 -9.49 -41.37
C LEU A 44 -43.60 -8.58 -40.17
N ARG A 45 -44.19 -8.95 -39.04
CA ARG A 45 -44.07 -8.17 -37.82
C ARG A 45 -42.80 -8.52 -37.07
N GLU A 46 -42.25 -9.69 -37.38
CA GLU A 46 -41.05 -10.18 -36.70
C GLU A 46 -39.74 -9.68 -37.32
N ILE A 47 -39.51 -9.98 -38.60
CA ILE A 47 -38.25 -9.56 -39.24
C ILE A 47 -38.12 -8.07 -39.38
N THR A 48 -39.09 -7.46 -40.01
CA THR A 48 -39.02 -6.03 -40.25
C THR A 48 -39.58 -5.24 -39.07
N GLY A 49 -40.08 -5.95 -38.07
CA GLY A 49 -40.60 -5.33 -36.86
C GLY A 49 -41.78 -4.39 -37.10
N ILE A 50 -42.26 -4.29 -38.34
CA ILE A 50 -43.39 -3.42 -38.61
C ILE A 50 -44.64 -3.91 -37.89
N ASN A 51 -45.26 -3.04 -37.11
CA ASN A 51 -46.45 -3.42 -36.35
C ASN A 51 -47.71 -2.81 -36.97
N ASP A 52 -47.69 -2.62 -38.29
CA ASP A 52 -48.84 -2.06 -38.99
C ASP A 52 -49.64 -3.18 -39.65
N THR A 53 -50.60 -3.73 -38.91
CA THR A 53 -51.42 -4.82 -39.43
C THR A 53 -52.09 -4.42 -40.74
N GLN A 54 -52.35 -3.13 -40.88
CA GLN A 54 -52.98 -2.63 -42.09
C GLN A 54 -52.03 -2.77 -43.29
N ILE A 55 -50.82 -2.25 -43.13
CA ILE A 55 -49.82 -2.32 -44.20
C ILE A 55 -49.26 -3.74 -44.33
N LEU A 56 -49.36 -4.52 -43.25
CA LEU A 56 -48.86 -5.89 -43.27
C LEU A 56 -49.77 -6.78 -44.11
N GLN A 57 -51.01 -6.95 -43.65
CA GLN A 57 -51.94 -7.77 -44.38
C GLN A 57 -51.99 -7.32 -45.84
N GLN A 58 -51.68 -6.04 -46.03
CA GLN A 58 -51.67 -5.46 -47.37
C GLN A 58 -50.45 -5.94 -48.14
N ALA A 59 -49.40 -6.31 -47.43
CA ALA A 59 -48.17 -6.77 -48.06
C ALA A 59 -48.39 -8.18 -48.61
N LEU A 60 -49.17 -8.98 -47.89
CA LEU A 60 -49.45 -10.35 -48.32
C LEU A 60 -50.29 -10.34 -49.59
N LYS A 61 -51.35 -9.53 -49.59
CA LYS A 61 -52.24 -9.45 -50.75
C LYS A 61 -51.49 -8.99 -51.99
N ASP A 62 -50.60 -8.01 -51.83
CA ASP A 62 -49.85 -7.49 -52.95
C ASP A 62 -48.59 -8.32 -53.20
N SER A 63 -48.21 -9.12 -52.21
CA SER A 63 -47.01 -9.94 -52.32
C SER A 63 -47.26 -11.17 -53.20
N ASN A 64 -48.49 -11.66 -53.21
CA ASN A 64 -48.83 -12.83 -54.00
C ASN A 64 -48.49 -14.12 -53.25
N GLY A 65 -48.22 -14.01 -51.96
CA GLY A 65 -47.89 -15.18 -51.15
C GLY A 65 -46.39 -15.31 -50.88
N ASN A 66 -45.64 -14.25 -51.16
CA ASN A 66 -44.19 -14.26 -50.92
C ASN A 66 -43.84 -13.38 -49.73
N LEU A 67 -43.06 -13.90 -48.80
CA LEU A 67 -42.71 -13.15 -47.59
C LEU A 67 -41.49 -12.25 -47.79
N GLU A 68 -40.33 -12.84 -48.04
CA GLU A 68 -39.12 -12.04 -48.25
C GLU A 68 -39.43 -10.90 -49.19
N LEU A 69 -40.43 -11.14 -50.03
CA LEU A 69 -40.87 -10.15 -50.99
C LEU A 69 -41.90 -9.24 -50.34
N ALA A 70 -42.66 -9.78 -49.38
CA ALA A 70 -43.64 -8.98 -48.66
C ALA A 70 -42.88 -8.07 -47.70
N VAL A 71 -42.12 -8.67 -46.80
CA VAL A 71 -41.33 -7.89 -45.88
C VAL A 71 -40.69 -6.77 -46.68
N ALA A 72 -40.26 -7.13 -47.87
CA ALA A 72 -39.63 -6.18 -48.77
C ALA A 72 -40.67 -5.15 -49.25
N PHE A 73 -41.94 -5.53 -49.31
CA PHE A 73 -42.98 -4.59 -49.72
C PHE A 73 -42.97 -3.40 -48.76
N LEU A 74 -42.56 -3.67 -47.52
CA LEU A 74 -42.51 -2.64 -46.50
C LEU A 74 -41.22 -1.82 -46.65
N THR A 75 -40.09 -2.50 -46.68
CA THR A 75 -38.80 -1.83 -46.83
C THR A 75 -38.49 -1.63 -48.31
N ALA A 76 -38.66 -2.70 -49.08
CA ALA A 76 -38.41 -2.66 -50.52
C ALA A 76 -37.32 -1.64 -50.86
N LYS A 77 -36.13 -2.15 -51.18
CA LYS A 77 -35.01 -1.29 -51.52
C LYS A 77 -35.23 -0.60 -52.87
N ASN A 78 -34.21 0.13 -53.33
CA ASN A 78 -34.28 0.84 -54.60
C ASN A 78 -35.66 1.45 -54.80
N ALA A 79 -36.42 1.56 -53.73
CA ALA A 79 -37.75 2.14 -53.82
C ALA A 79 -38.62 1.31 -54.77
N LYS A 80 -38.34 1.44 -56.07
CA LYS A 80 -39.10 0.70 -57.07
C LYS A 80 -38.19 -0.25 -57.83
N THR A 81 -37.32 0.29 -58.67
CA THR A 81 -36.40 -0.54 -59.44
C THR A 81 -35.45 0.32 -60.26
N PRO A 82 -35.97 1.30 -60.95
CA PRO A 82 -35.17 2.21 -61.81
C PRO A 82 -34.64 3.41 -61.03
N GLN A 83 -34.34 3.19 -59.76
CA GLN A 83 -33.82 4.25 -58.91
C GLN A 83 -32.31 4.10 -58.73
N GLN A 84 -31.79 4.66 -57.65
CA GLN A 84 -30.36 4.57 -57.38
C GLN A 84 -29.95 3.12 -57.08
N GLU A 85 -30.19 2.24 -58.05
CA GLU A 85 -29.85 0.83 -57.88
C GLU A 85 -30.11 0.40 -56.43
N GLU A 86 -29.12 -0.25 -55.83
CA GLU A 86 -29.24 -0.72 -54.45
C GLU A 86 -28.01 -0.34 -53.64
N THR A 87 -27.31 0.69 -54.10
CA THR A 87 -26.11 1.14 -53.41
C THR A 87 -24.97 0.14 -53.58
N THR A 88 -24.37 -0.26 -52.46
CA THR A 88 -23.26 -1.22 -52.51
C THR A 88 -23.36 -2.20 -51.34
N TYR A 89 -23.46 -1.67 -50.13
CA TYR A 89 -23.55 -2.51 -48.94
C TYR A 89 -24.07 -1.70 -47.74
N TYR A 90 -24.56 -2.40 -46.73
CA TYR A 90 -25.07 -1.73 -45.53
C TYR A 90 -24.24 -2.12 -44.31
N GLN A 91 -24.78 -1.84 -43.12
CA GLN A 91 -24.07 -2.16 -41.89
C GLN A 91 -24.92 -3.08 -41.01
N THR A 92 -24.58 -4.36 -40.98
CA THR A 92 -25.32 -5.31 -40.17
C THR A 92 -24.39 -6.03 -39.20
N ALA A 93 -23.12 -6.11 -39.56
CA ALA A 93 -22.13 -6.77 -38.71
C ALA A 93 -21.48 -5.76 -37.77
N LEU A 94 -20.25 -6.04 -37.38
CA LEU A 94 -19.52 -5.14 -36.48
C LEU A 94 -20.48 -4.51 -35.47
N PRO A 95 -20.65 -5.13 -34.33
CA PRO A 95 -21.55 -4.61 -33.28
C PRO A 95 -20.89 -3.52 -32.44
N GLY A 96 -19.61 -3.26 -32.73
CA GLY A 96 -18.87 -2.24 -31.99
C GLY A 96 -17.90 -2.89 -31.01
N ASN A 97 -17.90 -4.22 -30.98
CA ASN A 97 -17.02 -4.96 -30.08
C ASN A 97 -17.09 -4.38 -28.67
N ASP A 98 -18.30 -4.26 -28.14
CA ASP A 98 -18.49 -3.72 -26.79
C ASP A 98 -17.68 -4.51 -25.78
N ARG A 99 -17.59 -3.99 -24.57
CA ARG A 99 -16.83 -4.66 -23.51
C ARG A 99 -17.36 -4.24 -22.14
N TYR A 100 -17.06 -5.05 -21.12
CA TYR A 100 -17.51 -4.76 -19.77
C TYR A 100 -16.33 -4.50 -18.86
N ILE A 101 -16.60 -4.39 -17.57
CA ILE A 101 -15.57 -4.15 -16.57
C ILE A 101 -14.27 -3.65 -17.21
N SER A 102 -14.27 -2.39 -17.62
CA SER A 102 -13.09 -1.80 -18.25
C SER A 102 -12.27 -1.02 -17.24
N VAL A 103 -12.96 -0.42 -16.27
CA VAL A 103 -12.28 0.36 -15.23
C VAL A 103 -11.74 -0.54 -14.14
N GLY A 104 -10.77 -1.38 -14.48
CA GLY A 104 -10.17 -2.29 -13.50
C GLY A 104 -9.53 -1.51 -12.37
N SER A 105 -8.80 -0.46 -12.71
CA SER A 105 -8.14 0.37 -11.70
C SER A 105 -7.76 -0.46 -10.48
N GLN A 106 -7.10 -1.59 -10.71
CA GLN A 106 -6.70 -2.46 -9.62
C GLN A 106 -5.48 -1.89 -8.90
N ALA A 107 -4.90 -2.68 -8.01
CA ALA A 107 -3.73 -2.23 -7.25
C ALA A 107 -2.58 -3.22 -7.41
N ASP A 108 -1.40 -2.69 -7.71
CA ASP A 108 -0.22 -3.53 -7.89
C ASP A 108 0.96 -2.98 -7.10
N THR A 109 0.67 -2.38 -5.96
CA THR A 109 1.71 -1.79 -5.12
C THR A 109 1.48 -2.16 -3.66
N ASN A 110 2.50 -2.75 -3.04
CA ASN A 110 2.40 -3.15 -1.63
C ASN A 110 3.76 -3.55 -1.11
N VAL A 111 4.80 -3.01 -1.75
CA VAL A 111 6.17 -3.32 -1.37
C VAL A 111 6.76 -2.20 -0.53
N ILE A 112 7.74 -2.56 0.30
CA ILE A 112 8.41 -1.57 1.14
C ILE A 112 9.48 -2.22 1.98
N ASP A 113 9.84 -1.55 3.06
CA ASP A 113 10.86 -2.05 3.97
C ASP A 113 10.26 -2.30 5.35
N LEU A 114 10.61 -3.44 5.94
CA LEU A 114 10.10 -3.78 7.26
C LEU A 114 11.07 -3.35 8.35
N THR A 115 12.23 -2.86 7.94
CA THR A 115 13.24 -2.42 8.89
C THR A 115 13.50 -0.92 8.74
N GLY A 116 13.88 -0.50 7.54
CA GLY A 116 14.16 0.91 7.28
C GLY A 116 15.66 1.17 7.25
N ASP A 117 16.44 0.10 7.21
CA ASP A 117 17.90 0.22 7.18
C ASP A 117 18.54 -1.15 7.13
N ASP A 118 19.67 -1.24 6.42
CA ASP A 118 20.38 -2.52 6.30
C ASP A 118 20.99 -2.91 7.64
N LYS A 119 21.20 -4.21 7.83
CA LYS A 119 21.79 -4.71 9.07
C LYS A 119 23.31 -4.68 8.99
N ASP A 120 23.83 -4.34 7.83
CA ASP A 120 25.28 -4.27 7.63
C ASP A 120 25.93 -3.47 8.75
N ASP A 121 25.12 -2.68 9.45
CA ASP A 121 25.64 -1.86 10.54
C ASP A 121 26.38 -2.72 11.55
N LEU A 122 26.05 -4.00 11.60
CA LEU A 122 26.70 -4.91 12.54
C LEU A 122 28.19 -4.86 12.34
N GLN A 123 28.62 -4.93 11.10
CA GLN A 123 30.03 -4.87 10.78
C GLN A 123 30.65 -3.72 11.58
N ARG A 124 29.78 -2.82 12.02
CA ARG A 124 30.21 -1.67 12.81
C ARG A 124 30.30 -2.06 14.28
N ALA A 125 29.38 -2.89 14.72
CA ALA A 125 29.37 -3.33 16.11
C ALA A 125 30.65 -4.12 16.42
N ILE A 126 31.01 -5.03 15.53
CA ILE A 126 32.21 -5.84 15.71
C ILE A 126 33.45 -4.98 15.57
N ALA A 127 33.36 -3.98 14.73
CA ALA A 127 34.47 -3.07 14.50
C ALA A 127 34.80 -2.31 15.77
N LEU A 128 33.82 -1.56 16.26
CA LEU A 128 34.02 -0.78 17.48
C LEU A 128 34.65 -1.64 18.57
N SER A 129 34.19 -2.87 18.69
CA SER A 129 34.73 -3.78 19.70
C SER A 129 36.12 -4.25 19.31
N LEU A 130 36.30 -4.57 18.03
CA LEU A 130 37.59 -5.00 17.56
C LEU A 130 38.67 -4.06 18.07
N ALA A 131 38.24 -2.86 18.45
CA ALA A 131 39.18 -1.87 18.97
C ALA A 131 39.31 -2.01 20.49
N GLU A 132 38.18 -1.89 21.18
CA GLU A 132 38.19 -2.02 22.63
C GLU A 132 38.95 -3.27 23.03
N SER A 133 39.08 -4.19 22.09
CA SER A 133 39.80 -5.42 22.33
C SER A 133 41.27 -5.24 21.97
N ASN A 134 41.52 -4.66 20.80
CA ASN A 134 42.89 -4.41 20.37
C ASN A 134 43.72 -3.99 21.57
N ARG A 135 43.04 -3.50 22.60
CA ARG A 135 43.70 -3.06 23.82
C ARG A 135 43.46 -4.06 24.95
N ALA A 136 42.24 -4.57 25.02
CA ALA A 136 41.88 -5.54 26.06
C ALA A 136 42.00 -6.97 25.53
N PHE A 137 42.81 -7.13 24.49
CA PHE A 137 43.01 -8.44 23.88
C PHE A 137 44.06 -9.24 24.65
N ARG A 138 45.32 -8.93 24.41
CA ARG A 138 46.42 -9.62 25.09
C ARG A 138 46.18 -9.65 26.60
N GLU A 139 45.62 -8.56 27.12
CA GLU A 139 45.35 -8.47 28.55
C GLU A 139 46.64 -8.62 29.35
N THR A 140 47.69 -7.95 28.88
CA THR A 140 48.99 -8.00 29.57
C THR A 140 49.08 -6.92 30.64
N GLY A 141 50.14 -6.96 31.44
CA GLY A 141 50.34 -5.98 32.49
C GLY A 141 49.56 -6.37 33.75
N ILE A 142 49.15 -7.63 33.82
CA ILE A 142 48.41 -8.12 34.97
C ILE A 142 49.22 -7.95 36.25
N THR A 143 48.53 -7.71 37.36
CA THR A 143 49.20 -7.53 38.64
C THR A 143 48.63 -8.48 39.68
N ASP A 144 49.40 -9.51 40.02
CA ASP A 144 48.96 -10.48 41.01
C ASP A 144 49.25 -9.99 42.43
N GLU A 145 48.22 -9.94 43.26
CA GLU A 145 48.38 -9.48 44.63
C GLU A 145 49.56 -10.17 45.30
N GLU A 146 49.54 -11.50 45.29
CA GLU A 146 50.61 -12.27 45.91
C GLU A 146 51.98 -11.80 45.43
N GLN A 147 52.12 -11.67 44.11
CA GLN A 147 53.38 -11.22 43.53
C GLN A 147 53.74 -9.82 44.01
N ALA A 148 52.72 -9.05 44.38
CA ALA A 148 52.95 -7.68 44.85
C ALA A 148 53.68 -7.69 46.18
N ILE A 149 53.02 -8.16 47.23
CA ILE A 149 53.64 -8.21 48.56
C ILE A 149 55.02 -8.85 48.49
N SER A 150 55.18 -9.82 47.58
CA SER A 150 56.46 -10.50 47.44
C SER A 150 57.51 -9.56 46.87
N ARG A 151 57.07 -8.54 46.15
CA ARG A 151 57.99 -7.58 45.56
C ARG A 151 58.35 -6.48 46.55
N VAL A 152 57.33 -5.90 47.18
CA VAL A 152 57.54 -4.84 48.15
C VAL A 152 58.50 -5.30 49.25
N LEU A 153 58.33 -6.54 49.70
CA LEU A 153 59.19 -7.08 50.75
C LEU A 153 60.52 -7.54 50.17
N GLU A 154 60.47 -8.56 49.31
CA GLU A 154 61.68 -9.09 48.69
C GLU A 154 62.63 -7.95 48.35
N ALA A 155 62.08 -6.79 48.04
CA ALA A 155 62.89 -5.62 47.70
C ALA A 155 63.45 -4.98 48.96
N SER A 156 62.56 -4.67 49.91
CA SER A 156 62.97 -4.05 51.15
C SER A 156 64.17 -4.77 51.76
N ILE A 157 64.15 -6.10 51.69
CA ILE A 157 65.24 -6.90 52.23
C ILE A 157 66.20 -7.32 51.12
N ALA A 158 65.69 -8.09 50.16
CA ALA A 158 66.52 -8.55 49.05
C ALA A 158 67.70 -9.38 49.57
N GLU A 159 68.31 -10.15 48.68
CA GLU A 159 69.44 -10.98 49.07
C GLU A 159 70.68 -10.59 48.28
N ASN A 160 71.17 -9.38 48.50
CA ASN A 160 72.36 -8.89 47.82
C ASN A 160 73.61 -9.18 48.64
N LYS A 161 73.40 -9.60 49.88
CA LYS A 161 74.52 -9.92 50.77
C LYS A 161 74.85 -11.41 50.72
N ALA A 162 76.10 -11.72 50.45
CA ALA A 162 76.54 -13.11 50.38
C ALA A 162 77.69 -13.35 51.34
N CYS A 163 77.39 -14.02 52.46
CA CYS A 163 78.42 -14.32 53.45
C CYS A 163 79.50 -15.22 52.87
N LEU A 164 80.72 -15.09 53.40
CA LEU A 164 81.83 -15.91 52.91
C LEU A 164 81.85 -17.26 53.62
N LYS A 165 81.19 -18.24 53.00
CA LYS A 165 81.14 -19.59 53.58
C LYS A 165 82.49 -19.97 54.17
N ARG A 166 83.44 -20.25 53.30
CA ARG A 166 84.78 -20.63 53.74
C ARG A 166 85.75 -19.46 53.59
N MET A 21 -60.80 -29.73 17.60
CA MET A 21 -60.63 -28.29 17.25
C MET A 21 -60.84 -28.10 15.75
N THR A 22 -62.04 -28.40 15.29
CA THR A 22 -62.38 -28.26 13.88
C THR A 22 -62.97 -26.87 13.61
N VAL A 23 -64.21 -26.68 14.03
CA VAL A 23 -64.89 -25.41 13.83
C VAL A 23 -64.09 -24.27 14.45
N GLU A 24 -63.01 -23.88 13.79
CA GLU A 24 -62.17 -22.80 14.28
C GLU A 24 -61.92 -21.76 13.20
N GLN A 25 -61.76 -20.50 13.59
CA GLN A 25 -61.51 -19.42 12.65
C GLN A 25 -60.72 -18.30 13.30
N ASN A 26 -61.25 -17.79 14.41
CA ASN A 26 -60.57 -16.72 15.13
C ASN A 26 -59.71 -15.89 14.20
N VAL A 27 -60.32 -15.36 13.14
CA VAL A 27 -59.59 -14.54 12.18
C VAL A 27 -58.67 -13.57 12.90
N LEU A 28 -57.43 -13.47 12.42
CA LEU A 28 -56.47 -12.57 13.04
C LEU A 28 -55.31 -12.27 12.07
N GLN A 29 -54.93 -11.01 11.99
CA GLN A 29 -53.84 -10.61 11.11
C GLN A 29 -52.52 -10.59 11.88
N GLN A 30 -51.66 -11.54 11.58
CA GLN A 30 -50.37 -11.63 12.25
C GLN A 30 -49.23 -11.64 11.25
N SER A 31 -48.02 -11.88 11.73
CA SER A 31 -46.85 -11.91 10.88
C SER A 31 -46.23 -10.52 10.75
N ALA A 32 -45.65 -10.24 9.58
CA ALA A 32 -45.02 -8.95 9.33
C ALA A 32 -46.09 -7.85 9.25
N ALA A 33 -47.34 -8.26 9.09
CA ALA A 33 -48.44 -7.30 9.01
C ALA A 33 -48.61 -6.55 10.32
N GLN A 34 -48.10 -7.13 11.40
CA GLN A 34 -48.21 -6.51 12.72
C GLN A 34 -47.73 -5.06 12.68
N LYS A 35 -46.97 -4.72 11.65
CA LYS A 35 -46.46 -3.37 11.49
C LYS A 35 -47.50 -2.49 10.80
N HIS A 36 -48.44 -3.12 10.13
CA HIS A 36 -49.48 -2.38 9.41
C HIS A 36 -50.15 -1.34 10.31
N GLN A 37 -50.26 -1.64 11.60
CA GLN A 37 -50.87 -0.71 12.53
C GLN A 37 -50.36 0.70 12.32
N GLN A 38 -49.11 0.82 11.85
CA GLN A 38 -48.52 2.13 11.61
C GLN A 38 -49.31 2.90 10.55
N THR A 39 -49.43 2.30 9.36
CA THR A 39 -50.16 2.95 8.28
C THR A 39 -51.66 2.87 8.54
N PHE A 40 -52.07 1.78 9.16
CA PHE A 40 -53.47 1.56 9.49
C PHE A 40 -54.05 2.75 10.26
N LEU A 41 -53.46 3.02 11.41
CA LEU A 41 -53.92 4.11 12.26
C LEU A 41 -53.64 5.47 11.59
N ASN A 42 -52.56 5.54 10.83
CA ASN A 42 -52.20 6.78 10.16
C ASN A 42 -53.33 7.20 9.20
N GLN A 43 -53.88 6.22 8.49
CA GLN A 43 -54.97 6.49 7.55
C GLN A 43 -56.22 6.91 8.30
N LEU A 44 -56.57 6.12 9.31
CA LEU A 44 -57.74 6.40 10.12
C LEU A 44 -57.78 7.88 10.51
N ARG A 45 -56.61 8.47 10.67
CA ARG A 45 -56.53 9.88 11.02
C ARG A 45 -56.54 10.75 9.76
N GLU A 46 -56.20 10.15 8.63
CA GLU A 46 -56.13 10.87 7.36
C GLU A 46 -57.46 10.93 6.61
N ILE A 47 -58.03 9.77 6.30
CA ILE A 47 -59.27 9.72 5.52
C ILE A 47 -60.43 10.38 6.25
N THR A 48 -60.57 10.09 7.52
CA THR A 48 -61.69 10.65 8.25
C THR A 48 -61.27 11.87 9.08
N GLY A 49 -59.97 12.18 9.04
CA GLY A 49 -59.45 13.35 9.75
C GLY A 49 -59.62 13.23 11.27
N ILE A 50 -59.82 12.01 11.76
CA ILE A 50 -59.98 11.81 13.20
C ILE A 50 -58.61 11.82 13.88
N ASN A 51 -58.38 12.84 14.71
CA ASN A 51 -57.11 12.96 15.41
C ASN A 51 -57.04 11.98 16.58
N ASP A 52 -58.08 12.00 17.42
CA ASP A 52 -58.12 11.11 18.57
C ASP A 52 -57.61 9.72 18.20
N THR A 53 -56.38 9.42 18.60
CA THR A 53 -55.79 8.12 18.29
C THR A 53 -56.45 7.02 19.12
N GLN A 54 -56.96 7.38 20.28
CA GLN A 54 -57.61 6.41 21.16
C GLN A 54 -58.80 5.76 20.44
N ILE A 55 -59.57 6.58 19.72
CA ILE A 55 -60.73 6.07 18.99
C ILE A 55 -60.30 5.17 17.84
N LEU A 56 -59.31 5.62 17.07
CA LEU A 56 -58.82 4.83 15.95
C LEU A 56 -58.21 3.53 16.45
N GLN A 57 -57.17 3.63 17.26
CA GLN A 57 -56.54 2.42 17.79
C GLN A 57 -57.63 1.45 18.23
N GLN A 58 -58.77 2.01 18.62
CA GLN A 58 -59.89 1.20 19.06
C GLN A 58 -60.64 0.65 17.85
N ALA A 59 -60.64 1.42 16.76
CA ALA A 59 -61.30 0.97 15.54
C ALA A 59 -60.52 -0.20 14.95
N LEU A 60 -59.20 -0.15 15.11
CA LEU A 60 -58.33 -1.20 14.61
C LEU A 60 -58.60 -2.51 15.35
N LYS A 61 -58.84 -2.39 16.66
CA LYS A 61 -59.10 -3.57 17.49
C LYS A 61 -60.47 -4.19 17.20
N ASP A 62 -61.50 -3.35 17.03
CA ASP A 62 -62.84 -3.86 16.77
C ASP A 62 -63.07 -4.09 15.27
N SER A 63 -62.30 -3.38 14.45
CA SER A 63 -62.42 -3.50 13.00
C SER A 63 -62.08 -4.91 12.55
N ASN A 64 -61.19 -5.57 13.29
CA ASN A 64 -60.78 -6.92 12.95
C ASN A 64 -59.68 -6.91 11.90
N GLY A 65 -59.06 -5.75 11.67
CA GLY A 65 -57.99 -5.63 10.69
C GLY A 65 -58.47 -4.99 9.39
N ASN A 66 -59.73 -4.54 9.38
CA ASN A 66 -60.28 -3.90 8.21
C ASN A 66 -60.28 -2.39 8.39
N LEU A 67 -59.76 -1.66 7.41
CA LEU A 67 -59.68 -0.20 7.52
C LEU A 67 -60.97 0.47 7.08
N GLU A 68 -61.32 0.31 5.80
CA GLU A 68 -62.53 0.93 5.26
C GLU A 68 -63.67 0.81 6.26
N LEU A 69 -63.73 -0.32 6.93
CA LEU A 69 -64.77 -0.55 7.91
C LEU A 69 -64.37 0.12 9.22
N ALA A 70 -63.06 0.28 9.45
CA ALA A 70 -62.60 0.97 10.64
C ALA A 70 -62.97 2.43 10.51
N VAL A 71 -62.47 3.09 9.46
CA VAL A 71 -62.83 4.47 9.24
C VAL A 71 -64.31 4.60 9.47
N ALA A 72 -65.01 3.64 8.91
CA ALA A 72 -66.44 3.57 9.01
C ALA A 72 -66.87 3.40 10.46
N PHE A 73 -66.01 2.79 11.29
CA PHE A 73 -66.34 2.62 12.69
C PHE A 73 -66.42 4.00 13.35
N LEU A 74 -65.66 4.94 12.82
CA LEU A 74 -65.63 6.31 13.35
C LEU A 74 -66.89 7.05 12.94
N THR A 75 -67.11 7.15 11.63
CA THR A 75 -68.29 7.83 11.10
C THR A 75 -69.44 6.84 10.97
N ALA A 76 -69.13 5.68 10.42
CA ALA A 76 -70.12 4.61 10.24
C ALA A 76 -71.45 5.17 9.72
N LYS A 77 -71.36 6.01 8.69
CA LYS A 77 -72.55 6.60 8.09
C LYS A 77 -72.19 7.31 6.78
N ASN A 78 -71.26 8.27 6.88
CA ASN A 78 -70.83 9.02 5.70
C ASN A 78 -69.75 10.02 6.08
N ALA A 79 -68.58 9.89 5.45
CA ALA A 79 -67.46 10.79 5.72
C ALA A 79 -66.23 10.35 4.94
N LYS A 80 -65.72 11.26 4.11
CA LYS A 80 -64.55 10.95 3.30
C LYS A 80 -63.61 12.16 3.21
N THR A 81 -62.60 12.06 2.36
CA THR A 81 -61.65 13.15 2.18
C THR A 81 -60.46 12.68 1.35
N PRO A 82 -60.53 12.86 0.05
CA PRO A 82 -59.46 12.45 -0.89
C PRO A 82 -58.45 13.57 -1.12
N GLN A 83 -58.82 14.78 -0.75
CA GLN A 83 -57.93 15.92 -0.92
C GLN A 83 -56.47 15.48 -0.82
N GLN A 84 -55.88 15.17 -1.98
CA GLN A 84 -54.49 14.71 -2.03
C GLN A 84 -53.76 15.01 -0.73
N GLU A 85 -53.80 14.07 0.20
CA GLU A 85 -53.12 14.24 1.49
C GLU A 85 -52.28 13.01 1.82
N GLU A 86 -50.99 13.21 1.98
CA GLU A 86 -50.09 12.11 2.31
C GLU A 86 -48.77 12.64 2.85
N THR A 87 -48.03 13.36 2.00
CA THR A 87 -46.74 13.92 2.41
C THR A 87 -46.13 14.74 1.28
N THR A 88 -46.63 14.53 0.07
CA THR A 88 -46.12 15.25 -1.09
C THR A 88 -44.69 14.85 -1.40
N TYR A 89 -43.83 15.83 -1.59
CA TYR A 89 -42.42 15.57 -1.88
C TYR A 89 -42.30 14.71 -3.14
N TYR A 90 -41.06 14.56 -3.61
CA TYR A 90 -40.81 13.76 -4.81
C TYR A 90 -40.81 12.27 -4.47
N GLN A 91 -40.05 11.49 -5.23
CA GLN A 91 -39.98 10.05 -5.00
C GLN A 91 -38.60 9.68 -4.44
N THR A 92 -37.56 9.91 -5.23
CA THR A 92 -36.20 9.60 -4.81
C THR A 92 -36.04 8.12 -4.51
N ALA A 93 -37.15 7.38 -4.52
CA ALA A 93 -37.12 5.95 -4.25
C ALA A 93 -36.08 5.63 -3.19
N LEU A 94 -35.61 4.39 -3.17
CA LEU A 94 -34.61 3.96 -2.20
C LEU A 94 -33.40 4.91 -2.22
N PRO A 95 -33.20 5.67 -1.16
CA PRO A 95 -32.05 6.61 -1.08
C PRO A 95 -30.74 5.97 -1.52
N GLY A 96 -30.64 4.65 -1.34
CA GLY A 96 -29.44 3.93 -1.72
C GLY A 96 -28.24 4.42 -0.93
N ASN A 97 -27.05 3.97 -1.32
CA ASN A 97 -25.83 4.38 -0.63
C ASN A 97 -26.11 4.69 0.83
N ASP A 98 -26.45 3.66 1.60
CA ASP A 98 -26.76 3.84 3.01
C ASP A 98 -26.67 2.51 3.76
N ARG A 99 -25.57 2.32 4.51
CA ARG A 99 -25.38 1.10 5.27
C ARG A 99 -25.14 1.44 6.73
N TYR A 100 -25.45 2.67 7.11
CA TYR A 100 -25.29 3.13 8.49
C TYR A 100 -23.82 3.15 8.90
N ILE A 101 -23.13 2.02 8.71
CA ILE A 101 -21.73 1.94 9.07
C ILE A 101 -20.83 2.00 7.84
N SER A 102 -19.52 2.10 8.08
CA SER A 102 -18.56 2.16 6.98
C SER A 102 -18.92 1.18 5.88
N VAL A 103 -18.80 1.62 4.63
CA VAL A 103 -19.13 0.77 3.50
C VAL A 103 -18.41 1.27 2.24
N GLY A 104 -17.09 1.23 2.26
CA GLY A 104 -16.31 1.68 1.12
C GLY A 104 -14.96 0.97 1.07
N SER A 105 -14.25 0.98 2.20
CA SER A 105 -12.95 0.34 2.28
C SER A 105 -11.98 0.96 1.27
N GLN A 106 -11.47 2.14 1.60
CA GLN A 106 -10.53 2.82 0.72
C GLN A 106 -9.13 2.25 0.87
N ALA A 107 -8.35 2.85 1.76
CA ALA A 107 -6.98 2.38 2.00
C ALA A 107 -6.38 3.09 3.22
N ASP A 108 -5.12 2.83 3.49
CA ASP A 108 -4.44 3.44 4.63
C ASP A 108 -2.96 3.62 4.35
N THR A 109 -2.36 2.65 3.65
CA THR A 109 -0.94 2.72 3.34
C THR A 109 -0.12 2.83 4.61
N ASN A 110 0.70 1.81 4.88
CA ASN A 110 1.52 1.80 6.07
C ASN A 110 2.46 0.60 6.06
N VAL A 111 2.87 0.22 4.85
CA VAL A 111 3.74 -0.92 4.68
C VAL A 111 5.18 -0.48 4.46
N ILE A 112 6.10 -1.40 4.68
CA ILE A 112 7.51 -1.10 4.48
C ILE A 112 8.37 -2.31 4.79
N ASP A 113 9.64 -2.06 5.04
CA ASP A 113 10.60 -3.11 5.35
C ASP A 113 10.10 -3.96 6.51
N LEU A 114 9.59 -3.29 7.55
CA LEU A 114 9.09 -3.99 8.72
C LEU A 114 10.25 -4.35 9.65
N THR A 115 11.25 -5.03 9.11
CA THR A 115 12.41 -5.42 9.91
C THR A 115 13.30 -4.22 10.17
N GLY A 116 13.39 -3.33 9.18
CA GLY A 116 14.20 -2.13 9.31
C GLY A 116 15.41 -2.38 10.21
N ASP A 117 16.11 -3.49 9.96
CA ASP A 117 17.28 -3.82 10.75
C ASP A 117 18.53 -3.18 10.15
N ASP A 118 19.51 -2.88 11.00
CA ASP A 118 20.74 -2.26 10.54
C ASP A 118 21.88 -3.27 10.55
N LYS A 119 22.01 -4.03 9.47
CA LYS A 119 23.08 -5.02 9.37
C LYS A 119 24.39 -4.34 8.99
N ASP A 120 24.34 -3.48 7.98
CA ASP A 120 25.53 -2.78 7.54
C ASP A 120 26.22 -2.12 8.73
N ASP A 121 25.42 -1.62 9.66
CA ASP A 121 25.97 -0.98 10.85
C ASP A 121 26.39 -2.03 11.87
N LEU A 122 25.81 -3.23 11.75
CA LEU A 122 26.15 -4.31 12.68
C LEU A 122 27.59 -4.70 12.52
N GLN A 123 27.97 -4.99 11.30
CA GLN A 123 29.35 -5.37 11.01
C GLN A 123 30.26 -4.41 11.75
N ARG A 124 29.68 -3.27 12.14
CA ARG A 124 30.42 -2.26 12.88
C ARG A 124 30.41 -2.58 14.36
N ALA A 125 29.32 -3.14 14.84
CA ALA A 125 29.21 -3.51 16.24
C ALA A 125 30.28 -4.54 16.58
N ILE A 126 30.48 -5.48 15.67
CA ILE A 126 31.50 -6.50 15.87
C ILE A 126 32.88 -5.88 15.84
N ALA A 127 33.03 -4.96 14.92
CA ALA A 127 34.29 -4.26 14.76
C ALA A 127 34.56 -3.35 15.96
N LEU A 128 33.48 -2.81 16.52
CA LEU A 128 33.59 -1.94 17.69
C LEU A 128 34.27 -2.67 18.84
N SER A 129 33.91 -3.94 19.02
CA SER A 129 34.49 -4.74 20.09
C SER A 129 35.92 -5.12 19.73
N LEU A 130 36.12 -5.60 18.52
CA LEU A 130 37.46 -5.97 18.07
C LEU A 130 38.41 -4.84 18.39
N ALA A 131 37.84 -3.66 18.62
CA ALA A 131 38.64 -2.48 18.95
C ALA A 131 38.95 -2.44 20.44
N GLU A 132 37.89 -2.54 21.25
CA GLU A 132 38.05 -2.52 22.70
C GLU A 132 39.18 -3.47 23.10
N SER A 133 39.47 -4.41 22.22
CA SER A 133 40.53 -5.37 22.47
C SER A 133 41.87 -4.82 22.02
N ASN A 134 41.93 -4.40 20.76
CA ASN A 134 43.17 -3.83 20.23
C ASN A 134 43.69 -2.79 21.21
N ARG A 135 42.85 -2.43 22.17
CA ARG A 135 43.21 -1.45 23.19
C ARG A 135 43.72 -2.20 24.41
N ALA A 136 43.03 -3.28 24.76
CA ALA A 136 43.42 -4.09 25.90
C ALA A 136 44.49 -5.08 25.48
N PHE A 137 45.16 -4.77 24.37
CA PHE A 137 46.22 -5.63 23.85
C PHE A 137 47.22 -4.81 23.04
N ARG A 138 48.32 -5.45 22.66
CA ARG A 138 49.36 -4.78 21.88
C ARG A 138 50.55 -5.71 21.70
N GLU A 139 51.01 -6.28 22.81
CA GLU A 139 52.15 -7.20 22.78
C GLU A 139 53.28 -6.63 21.91
N THR A 140 53.12 -5.40 21.46
CA THR A 140 54.14 -4.76 20.63
C THR A 140 55.52 -4.94 21.26
N GLY A 141 55.65 -4.57 22.52
CA GLY A 141 56.92 -4.70 23.22
C GLY A 141 57.87 -3.57 22.84
N ILE A 142 57.86 -2.50 23.63
CA ILE A 142 58.73 -1.35 23.37
C ILE A 142 59.14 -0.69 24.67
N THR A 143 60.45 -0.51 24.84
CA THR A 143 60.96 0.13 26.05
C THR A 143 62.29 0.82 25.76
N ASP A 144 62.62 1.82 26.58
CA ASP A 144 63.87 2.55 26.40
C ASP A 144 64.85 2.22 27.51
N GLU A 145 64.34 2.06 28.73
CA GLU A 145 65.19 1.73 29.85
C GLU A 145 66.11 0.55 29.53
N GLU A 146 65.60 -0.36 28.70
CA GLU A 146 66.38 -1.53 28.30
C GLU A 146 67.65 -1.09 27.58
N GLN A 147 67.55 0.04 26.87
CA GLN A 147 68.69 0.56 26.14
C GLN A 147 69.71 1.18 27.09
N ALA A 148 69.21 1.82 28.14
CA ALA A 148 70.08 2.44 29.13
C ALA A 148 70.91 1.38 29.85
N ILE A 149 70.24 0.53 30.61
CA ILE A 149 70.93 -0.52 31.35
C ILE A 149 71.93 -1.24 30.44
N SER A 150 71.59 -1.34 29.16
CA SER A 150 72.46 -2.00 28.20
C SER A 150 73.79 -1.26 28.08
N ARG A 151 73.74 0.07 28.13
CA ARG A 151 74.94 0.88 28.03
C ARG A 151 75.84 0.64 29.24
N VAL A 152 75.23 0.51 30.41
CA VAL A 152 75.99 0.28 31.64
C VAL A 152 76.85 -0.98 31.52
N LEU A 153 76.19 -2.10 31.24
CA LEU A 153 76.89 -3.37 31.11
C LEU A 153 78.09 -3.23 30.17
N GLU A 154 77.82 -2.84 28.94
CA GLU A 154 78.88 -2.67 27.95
C GLU A 154 80.00 -1.77 28.50
N ALA A 155 79.63 -0.55 28.86
CA ALA A 155 80.61 0.40 29.39
C ALA A 155 81.42 -0.23 30.53
N SER A 156 80.78 -1.12 31.28
CA SER A 156 81.46 -1.77 32.40
C SER A 156 82.09 -3.09 31.95
N ILE A 157 81.84 -3.48 30.70
CA ILE A 157 82.39 -4.71 30.16
C ILE A 157 83.40 -4.41 29.06
N ALA A 158 82.90 -3.99 27.91
CA ALA A 158 83.76 -3.69 26.77
C ALA A 158 84.58 -4.91 26.37
N GLU A 159 84.09 -5.60 25.34
CA GLU A 159 84.76 -6.80 24.83
C GLU A 159 85.83 -7.31 25.80
N ASN A 160 87.00 -7.65 25.25
CA ASN A 160 88.10 -8.15 26.08
C ASN A 160 89.11 -8.89 25.22
N LYS A 161 90.03 -9.59 25.88
CA LYS A 161 91.05 -10.35 25.17
C LYS A 161 91.45 -9.65 23.87
N ALA A 162 92.07 -8.48 24.00
CA ALA A 162 92.49 -7.73 22.83
C ALA A 162 93.28 -8.62 21.87
N CYS A 163 93.86 -9.69 22.40
CA CYS A 163 94.64 -10.61 21.58
C CYS A 163 95.65 -11.37 22.44
N LEU A 164 96.52 -12.13 21.79
CA LEU A 164 97.53 -12.88 22.50
C LEU A 164 98.61 -13.38 21.53
N LYS A 165 99.04 -12.50 20.63
CA LYS A 165 100.07 -12.85 19.66
C LYS A 165 101.38 -12.13 19.97
N ARG A 166 102.40 -12.88 20.32
CA ARG A 166 103.70 -12.31 20.64
C ARG A 166 104.40 -11.81 19.37
N MET A 21 -24.80 34.03 -8.97
CA MET A 21 -24.67 32.74 -9.70
C MET A 21 -25.10 32.94 -11.15
N THR A 22 -26.01 33.88 -11.38
CA THR A 22 -26.49 34.16 -12.72
C THR A 22 -26.98 35.60 -12.83
N VAL A 23 -26.04 36.53 -12.98
CA VAL A 23 -26.38 37.94 -13.10
C VAL A 23 -27.51 38.15 -14.11
N GLU A 24 -27.88 37.07 -14.80
CA GLU A 24 -28.94 37.15 -15.79
C GLU A 24 -29.11 35.81 -16.51
N GLN A 25 -30.35 35.34 -16.59
CA GLN A 25 -30.63 34.07 -17.25
C GLN A 25 -31.56 34.31 -18.44
N ASN A 26 -32.27 33.24 -18.85
CA ASN A 26 -33.18 33.34 -19.98
C ASN A 26 -32.41 33.67 -21.26
N VAL A 27 -32.85 34.72 -21.96
CA VAL A 27 -32.19 35.12 -23.19
C VAL A 27 -32.45 36.59 -23.48
N LEU A 28 -33.71 37.00 -23.36
CA LEU A 28 -34.08 38.40 -23.60
C LEU A 28 -33.08 39.09 -24.52
N GLN A 29 -33.47 39.24 -25.77
CA GLN A 29 -32.60 39.89 -26.75
C GLN A 29 -32.69 41.41 -26.63
N GLN A 30 -32.33 41.92 -25.46
CA GLN A 30 -32.36 43.36 -25.22
C GLN A 30 -31.20 44.05 -25.92
N SER A 31 -31.48 45.16 -26.57
CA SER A 31 -30.45 45.91 -27.28
C SER A 31 -29.35 46.35 -26.31
N ALA A 32 -28.60 45.39 -25.80
CA ALA A 32 -27.53 45.69 -24.85
C ALA A 32 -26.58 46.74 -25.45
N ALA A 33 -26.64 46.92 -26.76
CA ALA A 33 -25.78 47.89 -27.42
C ALA A 33 -26.25 49.32 -27.13
N GLN A 34 -27.56 49.47 -26.93
CA GLN A 34 -28.12 50.79 -26.65
C GLN A 34 -27.47 51.39 -25.41
N LYS A 35 -26.99 50.53 -24.51
CA LYS A 35 -26.35 50.99 -23.29
C LYS A 35 -24.87 51.28 -23.53
N HIS A 36 -24.33 50.74 -24.62
CA HIS A 36 -22.93 50.96 -24.95
C HIS A 36 -22.75 52.30 -25.65
N GLN A 37 -23.82 52.83 -26.23
CA GLN A 37 -23.75 54.10 -26.92
C GLN A 37 -23.11 55.17 -26.04
N GLN A 38 -23.21 54.97 -24.73
CA GLN A 38 -22.64 55.92 -23.78
C GLN A 38 -21.14 56.09 -24.02
N THR A 39 -20.41 54.99 -23.92
CA THR A 39 -18.96 55.03 -24.13
C THR A 39 -18.64 55.20 -25.61
N PHE A 40 -19.39 54.49 -26.43
CA PHE A 40 -19.21 54.55 -27.87
C PHE A 40 -19.19 56.01 -28.33
N LEU A 41 -20.30 56.69 -28.09
CA LEU A 41 -20.42 58.09 -28.47
C LEU A 41 -19.34 58.92 -27.80
N ASN A 42 -19.20 58.76 -26.49
CA ASN A 42 -18.19 59.49 -25.75
C ASN A 42 -16.87 59.44 -26.52
N GLN A 43 -16.57 58.27 -27.07
CA GLN A 43 -15.36 58.10 -27.86
C GLN A 43 -15.43 58.95 -29.12
N LEU A 44 -16.52 58.80 -29.86
CA LEU A 44 -16.72 59.55 -31.10
C LEU A 44 -16.32 61.00 -30.92
N ARG A 45 -16.44 61.50 -29.70
CA ARG A 45 -16.07 62.87 -29.40
C ARG A 45 -14.58 62.95 -29.06
N GLU A 46 -14.03 61.81 -28.62
CA GLU A 46 -12.63 61.74 -28.22
C GLU A 46 -11.66 61.43 -29.37
N ILE A 47 -11.86 60.31 -30.07
CA ILE A 47 -10.93 59.90 -31.14
C ILE A 47 -10.71 61.02 -32.15
N THR A 48 -11.80 61.45 -32.77
CA THR A 48 -11.73 62.49 -33.78
C THR A 48 -11.68 63.86 -33.12
N GLY A 49 -12.00 63.88 -31.83
CA GLY A 49 -11.98 65.13 -31.08
C GLY A 49 -13.07 66.07 -31.60
N ILE A 50 -14.15 65.48 -32.06
CA ILE A 50 -15.25 66.25 -32.62
C ILE A 50 -16.26 66.60 -31.52
N ASN A 51 -16.97 67.73 -31.71
CA ASN A 51 -17.95 68.17 -30.73
C ASN A 51 -19.37 67.91 -31.23
N ASP A 52 -19.59 68.12 -32.52
CA ASP A 52 -20.91 67.90 -33.10
C ASP A 52 -21.44 66.53 -32.68
N THR A 53 -22.07 66.49 -31.51
CA THR A 53 -22.63 65.24 -31.00
C THR A 53 -23.69 64.68 -31.94
N GLN A 54 -24.22 65.53 -32.81
CA GLN A 54 -25.24 65.10 -33.75
C GLN A 54 -24.66 64.13 -34.78
N ILE A 55 -23.54 64.52 -35.38
CA ILE A 55 -22.90 63.68 -36.38
C ILE A 55 -22.42 62.36 -35.79
N LEU A 56 -22.06 62.39 -34.50
CA LEU A 56 -21.58 61.17 -33.84
C LEU A 56 -22.69 60.12 -33.78
N GLN A 57 -23.78 60.46 -33.10
CA GLN A 57 -24.90 59.53 -32.98
C GLN A 57 -25.25 58.98 -34.35
N GLN A 58 -24.96 59.77 -35.37
CA GLN A 58 -25.24 59.37 -36.75
C GLN A 58 -24.16 58.43 -37.25
N ALA A 59 -22.91 58.70 -36.87
CA ALA A 59 -21.80 57.87 -37.30
C ALA A 59 -21.95 56.46 -36.73
N LEU A 60 -22.35 56.38 -35.46
CA LEU A 60 -22.54 55.09 -34.81
C LEU A 60 -23.64 54.33 -35.52
N LYS A 61 -24.73 55.03 -35.86
CA LYS A 61 -25.84 54.41 -36.56
C LYS A 61 -25.34 53.67 -37.79
N ASP A 62 -24.28 54.20 -38.41
CA ASP A 62 -23.71 53.57 -39.59
C ASP A 62 -22.67 52.52 -39.19
N SER A 63 -21.83 52.87 -38.23
CA SER A 63 -20.79 51.96 -37.75
C SER A 63 -21.43 50.74 -37.07
N ASN A 64 -22.60 50.96 -36.48
CA ASN A 64 -23.32 49.89 -35.80
C ASN A 64 -22.42 49.10 -34.84
N GLY A 65 -21.75 49.82 -33.94
CA GLY A 65 -20.90 49.16 -32.95
C GLY A 65 -19.41 49.22 -33.31
N ASN A 66 -19.12 49.68 -34.53
CA ASN A 66 -17.72 49.78 -34.97
C ASN A 66 -17.20 51.20 -34.74
N LEU A 67 -16.20 51.33 -33.88
CA LEU A 67 -15.63 52.64 -33.56
C LEU A 67 -14.71 53.13 -34.66
N GLU A 68 -13.61 52.42 -34.89
CA GLU A 68 -12.68 52.80 -35.93
C GLU A 68 -13.47 53.21 -37.16
N LEU A 69 -14.71 52.73 -37.19
CA LEU A 69 -15.61 53.01 -38.29
C LEU A 69 -16.37 54.30 -38.04
N ALA A 70 -17.00 54.42 -36.88
CA ALA A 70 -17.74 55.63 -36.56
C ALA A 70 -16.84 56.84 -36.80
N VAL A 71 -15.61 56.76 -36.29
CA VAL A 71 -14.65 57.84 -36.48
C VAL A 71 -14.35 57.99 -37.96
N ALA A 72 -13.79 56.94 -38.51
CA ALA A 72 -13.46 56.92 -39.92
C ALA A 72 -14.65 57.42 -40.72
N PHE A 73 -15.85 57.22 -40.16
CA PHE A 73 -17.07 57.68 -40.81
C PHE A 73 -17.09 59.19 -40.88
N LEU A 74 -16.61 59.84 -39.83
CA LEU A 74 -16.57 61.30 -39.79
C LEU A 74 -15.54 61.83 -40.79
N THR A 75 -14.30 61.39 -40.65
CA THR A 75 -13.23 61.82 -41.55
C THR A 75 -13.29 61.02 -42.85
N ALA A 76 -13.35 59.69 -42.70
CA ALA A 76 -13.42 58.81 -43.86
C ALA A 76 -12.76 59.45 -45.08
N LYS A 77 -11.53 59.00 -45.39
CA LYS A 77 -10.81 59.52 -46.54
C LYS A 77 -11.18 58.77 -47.81
N ASN A 78 -11.97 59.40 -48.66
CA ASN A 78 -12.40 58.78 -49.91
C ASN A 78 -13.37 57.62 -49.62
N ALA A 79 -12.89 56.64 -48.87
CA ALA A 79 -13.72 55.48 -48.53
C ALA A 79 -15.17 55.90 -48.35
N LYS A 80 -16.10 55.08 -48.85
CA LYS A 80 -17.51 55.38 -48.74
C LYS A 80 -18.35 54.13 -48.97
N THR A 81 -19.39 53.96 -48.15
CA THR A 81 -20.27 52.80 -48.28
C THR A 81 -21.27 52.75 -47.13
N PRO A 82 -22.21 53.65 -47.13
CA PRO A 82 -23.25 53.73 -46.08
C PRO A 82 -24.51 52.96 -46.44
N GLN A 83 -25.51 53.66 -46.96
CA GLN A 83 -26.78 53.03 -47.35
C GLN A 83 -27.56 52.62 -46.11
N GLN A 84 -28.88 52.70 -46.20
CA GLN A 84 -29.74 52.33 -45.08
C GLN A 84 -29.45 50.91 -44.63
N GLU A 85 -28.28 50.71 -44.04
CA GLU A 85 -27.88 49.40 -43.56
C GLU A 85 -28.66 49.03 -42.30
N GLU A 86 -29.17 47.81 -42.25
CA GLU A 86 -29.93 47.36 -41.10
C GLU A 86 -29.06 47.40 -39.84
N THR A 87 -29.38 46.54 -38.88
CA THR A 87 -28.62 46.49 -37.63
C THR A 87 -28.10 45.09 -37.38
N THR A 88 -28.87 44.31 -36.62
CA THR A 88 -28.48 42.94 -36.31
C THR A 88 -27.22 42.94 -35.44
N TYR A 89 -27.39 42.67 -34.15
CA TYR A 89 -26.27 42.65 -33.22
C TYR A 89 -25.89 41.22 -32.87
N TYR A 90 -24.90 41.07 -31.99
CA TYR A 90 -24.44 39.75 -31.57
C TYR A 90 -25.35 39.19 -30.48
N GLN A 91 -24.92 38.10 -29.86
CA GLN A 91 -25.70 37.48 -28.81
C GLN A 91 -25.12 37.81 -27.43
N THR A 92 -25.74 37.28 -26.39
CA THR A 92 -25.28 37.53 -25.03
C THR A 92 -24.73 36.24 -24.41
N ALA A 93 -24.55 36.26 -23.09
CA ALA A 93 -24.03 35.09 -22.38
C ALA A 93 -23.51 35.49 -21.01
N LEU A 94 -23.81 34.68 -20.01
CA LEU A 94 -23.37 34.96 -18.65
C LEU A 94 -21.84 34.89 -18.54
N PRO A 95 -21.21 35.93 -18.08
CA PRO A 95 -19.72 35.95 -17.93
C PRO A 95 -19.17 34.63 -17.40
N GLY A 96 -19.82 34.10 -16.37
CA GLY A 96 -19.39 32.84 -15.78
C GLY A 96 -17.89 32.87 -15.46
N ASN A 97 -17.57 33.24 -14.22
CA ASN A 97 -16.18 33.31 -13.79
C ASN A 97 -16.02 32.81 -12.36
N ASP A 98 -15.64 33.71 -11.46
CA ASP A 98 -15.46 33.37 -10.07
C ASP A 98 -15.09 31.89 -9.91
N ARG A 99 -13.80 31.59 -10.05
CA ARG A 99 -13.33 30.21 -9.92
C ARG A 99 -13.04 29.90 -8.45
N TYR A 100 -11.88 30.35 -7.98
CA TYR A 100 -11.48 30.12 -6.60
C TYR A 100 -11.34 28.64 -6.31
N ILE A 101 -10.62 28.33 -5.24
CA ILE A 101 -10.40 26.95 -4.84
C ILE A 101 -9.47 26.24 -5.82
N SER A 102 -8.22 26.03 -5.40
CA SER A 102 -7.25 25.37 -6.26
C SER A 102 -6.39 24.40 -5.45
N VAL A 103 -5.66 23.53 -6.14
CA VAL A 103 -4.80 22.57 -5.47
C VAL A 103 -3.53 22.34 -6.27
N GLY A 104 -2.44 22.01 -5.57
CA GLY A 104 -1.16 21.77 -6.23
C GLY A 104 -1.23 20.52 -7.10
N SER A 105 -1.21 19.36 -6.46
CA SER A 105 -1.26 18.09 -7.19
C SER A 105 0.06 17.85 -7.92
N GLN A 106 1.06 18.67 -7.61
CA GLN A 106 2.36 18.55 -8.25
C GLN A 106 3.46 18.42 -7.20
N ALA A 107 4.64 17.98 -7.62
CA ALA A 107 5.75 17.80 -6.70
C ALA A 107 5.36 16.92 -5.52
N ASP A 108 4.69 15.81 -5.82
CA ASP A 108 4.25 14.90 -4.77
C ASP A 108 5.33 13.87 -4.46
N THR A 109 6.57 14.19 -4.83
CA THR A 109 7.69 13.28 -4.60
C THR A 109 7.74 12.87 -3.13
N ASN A 110 8.15 11.63 -2.89
CA ASN A 110 8.24 11.12 -1.53
C ASN A 110 9.14 9.90 -1.51
N VAL A 111 10.19 9.94 -2.32
CA VAL A 111 11.13 8.84 -2.41
C VAL A 111 12.56 9.34 -2.29
N ILE A 112 13.49 8.39 -2.19
CA ILE A 112 14.90 8.73 -2.09
C ILE A 112 15.73 7.51 -1.77
N ASP A 113 17.03 7.63 -1.98
CA ASP A 113 17.95 6.54 -1.72
C ASP A 113 17.41 5.25 -2.33
N LEU A 114 18.13 4.16 -2.11
CA LEU A 114 17.71 2.85 -2.64
C LEU A 114 18.18 1.74 -1.72
N THR A 115 18.98 2.11 -0.72
CA THR A 115 19.49 1.12 0.23
C THR A 115 18.51 0.93 1.38
N GLY A 116 17.81 2.00 1.74
CA GLY A 116 16.84 1.93 2.82
C GLY A 116 17.49 1.46 4.11
N ASP A 117 18.78 1.10 4.04
CA ASP A 117 19.50 0.64 5.21
C ASP A 117 20.81 -0.04 4.79
N ASP A 118 21.84 0.12 5.61
CA ASP A 118 23.14 -0.48 5.32
C ASP A 118 23.46 -1.58 6.33
N LYS A 119 24.23 -2.58 5.89
CA LYS A 119 24.61 -3.68 6.77
C LYS A 119 25.90 -3.34 7.52
N ASP A 120 26.42 -2.14 7.31
CA ASP A 120 27.63 -1.71 7.98
C ASP A 120 27.37 -1.44 9.45
N ASP A 121 26.10 -1.32 9.81
CA ASP A 121 25.73 -1.05 11.19
C ASP A 121 26.22 -2.15 12.11
N LEU A 122 25.82 -3.39 11.83
CA LEU A 122 26.24 -4.52 12.65
C LEU A 122 27.73 -4.78 12.46
N GLN A 123 28.17 -4.71 11.23
CA GLN A 123 29.58 -4.90 10.93
C GLN A 123 30.37 -4.00 11.87
N ARG A 124 29.67 -3.00 12.39
CA ARG A 124 30.27 -2.05 13.31
C ARG A 124 30.21 -2.58 14.73
N ALA A 125 29.15 -3.33 15.01
CA ALA A 125 28.97 -3.90 16.34
C ALA A 125 30.16 -4.76 16.76
N ILE A 126 30.49 -5.76 15.95
CA ILE A 126 31.61 -6.64 16.27
C ILE A 126 32.94 -5.98 15.97
N ALA A 127 32.95 -5.18 14.94
CA ALA A 127 34.17 -4.48 14.54
C ALA A 127 34.62 -3.54 15.65
N LEU A 128 33.76 -2.58 16.00
CA LEU A 128 34.08 -1.63 17.05
C LEU A 128 34.49 -2.38 18.33
N SER A 129 33.84 -3.51 18.58
CA SER A 129 34.16 -4.30 19.76
C SER A 129 35.59 -4.81 19.66
N LEU A 130 35.90 -5.46 18.55
CA LEU A 130 37.25 -5.95 18.34
C LEU A 130 38.23 -4.84 18.66
N ALA A 131 37.70 -3.62 18.67
CA ALA A 131 38.51 -2.44 18.97
C ALA A 131 38.84 -2.42 20.45
N GLU A 132 37.82 -2.49 21.29
CA GLU A 132 38.02 -2.49 22.73
C GLU A 132 39.14 -3.47 23.06
N SER A 133 39.34 -4.43 22.16
CA SER A 133 40.40 -5.42 22.34
C SER A 133 41.71 -4.89 21.80
N ASN A 134 41.67 -4.27 20.63
CA ASN A 134 42.86 -3.70 20.02
C ASN A 134 43.54 -2.77 21.02
N ARG A 135 42.83 -2.49 22.12
CA ARG A 135 43.36 -1.61 23.16
C ARG A 135 43.87 -2.45 24.33
N ALA A 136 43.07 -3.42 24.74
CA ALA A 136 43.45 -4.29 25.85
C ALA A 136 44.64 -5.15 25.43
N PHE A 137 45.00 -5.07 24.16
CA PHE A 137 46.12 -5.84 23.64
C PHE A 137 47.41 -5.03 23.74
N ARG A 138 48.37 -5.34 22.89
CA ARG A 138 49.65 -4.62 22.89
C ARG A 138 50.31 -4.73 24.26
N GLU A 139 50.04 -5.83 24.96
CA GLU A 139 50.61 -6.05 26.29
C GLU A 139 52.13 -5.96 26.24
N THR A 140 52.64 -4.75 26.08
CA THR A 140 54.09 -4.54 26.03
C THR A 140 54.75 -5.10 27.28
N GLY A 141 55.44 -6.23 27.12
CA GLY A 141 56.12 -6.86 28.25
C GLY A 141 57.61 -6.54 28.25
N ILE A 142 58.12 -6.19 29.42
CA ILE A 142 59.55 -5.86 29.55
C ILE A 142 60.40 -7.07 29.16
N THR A 143 59.84 -8.26 29.33
CA THR A 143 60.57 -9.49 28.99
C THR A 143 61.34 -9.99 30.21
N ASP A 144 62.53 -10.52 29.96
CA ASP A 144 63.37 -11.03 31.03
C ASP A 144 62.58 -12.00 31.91
N GLU A 145 61.39 -12.37 31.44
CA GLU A 145 60.53 -13.29 32.18
C GLU A 145 61.25 -14.60 32.44
N GLU A 146 61.97 -15.08 31.44
CA GLU A 146 62.71 -16.34 31.57
C GLU A 146 63.71 -16.26 32.72
N GLN A 147 64.34 -15.10 32.87
CA GLN A 147 65.31 -14.91 33.94
C GLN A 147 64.61 -14.80 35.29
N ALA A 148 63.46 -14.15 35.31
CA ALA A 148 62.70 -13.98 36.54
C ALA A 148 62.30 -15.33 37.12
N ILE A 149 61.64 -16.14 36.30
CA ILE A 149 61.21 -17.47 36.74
C ILE A 149 62.41 -18.31 37.18
N SER A 150 63.52 -18.15 36.47
CA SER A 150 64.73 -18.89 36.80
C SER A 150 65.23 -18.54 38.19
N ARG A 151 65.82 -17.35 38.31
CA ARG A 151 66.34 -16.90 39.60
C ARG A 151 65.47 -17.42 40.74
N VAL A 152 64.23 -16.94 40.78
CA VAL A 152 63.29 -17.35 41.82
C VAL A 152 63.44 -18.84 42.09
N LEU A 153 63.19 -19.66 41.07
CA LEU A 153 63.30 -21.11 41.21
C LEU A 153 64.45 -21.47 42.16
N GLU A 154 65.62 -20.92 41.88
CA GLU A 154 66.79 -21.19 42.72
C GLU A 154 66.58 -20.66 44.13
N ALA A 155 66.45 -19.34 44.26
CA ALA A 155 66.23 -18.73 45.56
C ALA A 155 64.91 -19.17 46.16
N SER A 156 64.28 -20.16 45.53
CA SER A 156 63.01 -20.68 46.02
C SER A 156 63.08 -22.20 46.21
N ILE A 157 64.15 -22.80 45.70
CA ILE A 157 64.32 -24.25 45.83
C ILE A 157 65.44 -24.56 46.83
N ALA A 158 66.20 -23.54 47.20
CA ALA A 158 67.29 -23.72 48.15
C ALA A 158 66.84 -24.58 49.33
N GLU A 159 65.53 -24.78 49.44
CA GLU A 159 64.99 -25.58 50.53
C GLU A 159 65.97 -26.69 50.93
N ASN A 160 66.33 -27.52 49.97
CA ASN A 160 67.26 -28.62 50.24
C ASN A 160 68.55 -28.44 49.44
N LYS A 161 69.68 -28.59 50.11
CA LYS A 161 70.98 -28.45 49.45
C LYS A 161 72.10 -28.72 50.45
N ALA A 162 73.20 -29.30 49.96
CA ALA A 162 74.34 -29.61 50.81
C ALA A 162 75.62 -28.99 50.26
N CYS A 163 76.26 -28.15 51.07
CA CYS A 163 77.50 -27.51 50.65
C CYS A 163 78.52 -27.53 51.78
N LEU A 164 79.39 -28.55 51.76
CA LEU A 164 80.41 -28.69 52.79
C LEU A 164 81.29 -27.45 52.86
N LYS A 165 81.72 -27.10 54.07
CA LYS A 165 82.57 -25.93 54.27
C LYS A 165 83.17 -25.94 55.67
N ARG A 166 84.29 -26.62 55.84
CA ARG A 166 84.95 -26.69 57.13
C ARG A 166 86.39 -26.20 57.04
N MET A 21 -21.52 16.48 7.54
CA MET A 21 -22.94 16.75 7.21
C MET A 21 -23.56 17.62 8.29
N THR A 22 -23.89 17.01 9.42
CA THR A 22 -24.50 17.75 10.53
C THR A 22 -23.42 18.40 11.39
N VAL A 23 -22.80 17.59 12.25
CA VAL A 23 -21.75 18.09 13.13
C VAL A 23 -21.01 19.27 12.49
N GLU A 24 -20.82 20.32 13.27
CA GLU A 24 -20.11 21.51 12.78
C GLU A 24 -19.89 22.50 13.91
N GLN A 25 -18.61 22.81 14.17
CA GLN A 25 -18.27 23.75 15.23
C GLN A 25 -19.36 24.80 15.40
N ASN A 26 -19.73 25.06 16.66
CA ASN A 26 -20.76 26.03 16.95
C ASN A 26 -20.17 27.44 17.01
N VAL A 27 -20.48 28.26 16.02
CA VAL A 27 -19.98 29.63 15.97
C VAL A 27 -21.09 30.59 15.58
N LEU A 28 -20.83 31.88 15.74
CA LEU A 28 -21.82 32.89 15.38
C LEU A 28 -21.35 33.68 14.16
N GLN A 29 -20.07 33.57 13.85
CA GLN A 29 -19.51 34.28 12.71
C GLN A 29 -19.66 33.43 11.44
N GLN A 30 -19.89 34.08 10.32
CA GLN A 30 -20.05 33.37 9.05
C GLN A 30 -21.23 32.41 9.15
N SER A 31 -22.08 32.62 10.15
CA SER A 31 -23.24 31.76 10.34
C SER A 31 -24.25 31.95 9.21
N ALA A 32 -23.93 31.40 8.05
CA ALA A 32 -24.82 31.51 6.90
C ALA A 32 -25.89 30.42 6.93
N ALA A 33 -25.46 29.17 7.05
CA ALA A 33 -26.38 28.04 7.09
C ALA A 33 -26.98 27.88 8.49
N GLN A 34 -26.11 27.72 9.49
CA GLN A 34 -26.57 27.55 10.87
C GLN A 34 -27.59 28.64 11.23
N LYS A 35 -27.61 29.70 10.44
CA LYS A 35 -28.54 30.80 10.68
C LYS A 35 -29.95 30.41 10.27
N HIS A 36 -30.06 29.45 9.35
CA HIS A 36 -31.35 29.00 8.87
C HIS A 36 -32.21 28.48 10.02
N GLN A 37 -31.59 27.74 10.93
CA GLN A 37 -32.30 27.16 12.07
C GLN A 37 -33.15 28.22 12.78
N GLN A 38 -32.59 29.42 12.94
CA GLN A 38 -33.31 30.50 13.62
C GLN A 38 -34.75 30.59 13.12
N THR A 39 -34.91 30.80 11.82
CA THR A 39 -36.23 30.92 11.23
C THR A 39 -37.07 29.68 11.48
N PHE A 40 -36.48 28.53 11.20
CA PHE A 40 -37.17 27.26 11.40
C PHE A 40 -37.79 27.22 12.80
N LEU A 41 -36.95 27.36 13.80
CA LEU A 41 -37.41 27.35 15.19
C LEU A 41 -38.36 28.52 15.43
N ASN A 42 -38.04 29.67 14.84
CA ASN A 42 -38.91 30.83 14.99
C ASN A 42 -40.33 30.44 14.61
N GLN A 43 -40.43 29.66 13.54
CA GLN A 43 -41.73 29.19 13.07
C GLN A 43 -42.41 28.39 14.16
N LEU A 44 -41.68 27.40 14.69
CA LEU A 44 -42.20 26.54 15.75
C LEU A 44 -42.91 27.37 16.80
N ARG A 45 -42.39 28.55 17.07
CA ARG A 45 -42.98 29.45 18.05
C ARG A 45 -44.20 30.13 17.43
N GLU A 46 -44.25 30.13 16.11
CA GLU A 46 -45.33 30.78 15.38
C GLU A 46 -46.57 29.88 15.16
N ILE A 47 -46.36 28.74 14.50
CA ILE A 47 -47.48 27.83 14.18
C ILE A 47 -48.17 27.33 15.45
N THR A 48 -47.42 26.65 16.30
CA THR A 48 -47.99 26.09 17.52
C THR A 48 -48.00 27.11 18.64
N GLY A 49 -47.46 28.30 18.37
CA GLY A 49 -47.44 29.37 19.37
C GLY A 49 -46.67 28.97 20.63
N ILE A 50 -45.65 28.11 20.47
CA ILE A 50 -44.85 27.70 21.62
C ILE A 50 -43.78 28.73 21.94
N ASN A 51 -43.45 28.86 23.22
CA ASN A 51 -42.44 29.84 23.64
C ASN A 51 -41.13 29.13 23.99
N ASP A 52 -41.21 28.12 24.83
CA ASP A 52 -40.02 27.37 25.24
C ASP A 52 -39.11 27.12 24.03
N THR A 53 -38.03 27.87 23.94
CA THR A 53 -37.09 27.72 22.82
C THR A 53 -36.34 26.39 22.91
N GLN A 54 -36.22 25.86 24.12
CA GLN A 54 -35.52 24.60 24.32
C GLN A 54 -36.24 23.45 23.63
N ILE A 55 -37.57 23.41 23.79
CA ILE A 55 -38.36 22.35 23.19
C ILE A 55 -38.38 22.47 21.67
N LEU A 56 -38.19 23.68 21.15
CA LEU A 56 -38.20 23.88 19.70
C LEU A 56 -36.97 23.25 19.06
N GLN A 57 -35.80 23.54 19.59
CA GLN A 57 -34.56 22.99 19.05
C GLN A 57 -34.60 21.48 19.11
N GLN A 58 -35.28 20.95 20.12
CA GLN A 58 -35.39 19.51 20.30
C GLN A 58 -36.34 18.93 19.25
N ALA A 59 -37.40 19.66 18.95
CA ALA A 59 -38.38 19.21 17.97
C ALA A 59 -37.75 19.12 16.59
N LEU A 60 -36.82 20.03 16.31
CA LEU A 60 -36.13 20.03 15.03
C LEU A 60 -35.28 18.77 14.89
N LYS A 61 -34.56 18.44 15.95
CA LYS A 61 -33.69 17.26 15.94
C LYS A 61 -34.52 16.00 15.67
N ASP A 62 -35.75 15.99 16.18
CA ASP A 62 -36.62 14.83 16.00
C ASP A 62 -37.38 14.93 14.68
N SER A 63 -37.35 16.12 14.07
CA SER A 63 -38.06 16.34 12.81
C SER A 63 -37.11 16.19 11.62
N ASN A 64 -35.85 16.53 11.82
CA ASN A 64 -34.86 16.43 10.75
C ASN A 64 -34.99 17.59 9.78
N GLY A 65 -35.53 18.71 10.25
CA GLY A 65 -35.70 19.88 9.39
C GLY A 65 -37.14 20.00 8.90
N ASN A 66 -38.01 19.17 9.45
CA ASN A 66 -39.42 19.18 9.06
C ASN A 66 -40.22 20.00 10.07
N LEU A 67 -41.05 20.92 9.56
CA LEU A 67 -41.85 21.81 10.42
C LEU A 67 -43.12 21.11 10.89
N GLU A 68 -44.01 20.77 9.96
CA GLU A 68 -45.25 20.10 10.31
C GLU A 68 -44.94 18.99 11.30
N LEU A 69 -43.69 18.57 11.29
CA LEU A 69 -43.22 17.50 12.16
C LEU A 69 -42.76 18.08 13.48
N ALA A 70 -41.98 19.16 13.41
CA ALA A 70 -41.49 19.79 14.62
C ALA A 70 -42.67 20.24 15.47
N VAL A 71 -43.64 20.91 14.84
CA VAL A 71 -44.82 21.36 15.56
C VAL A 71 -45.52 20.15 16.14
N ALA A 72 -45.94 19.28 15.25
CA ALA A 72 -46.60 18.06 15.65
C ALA A 72 -45.83 17.41 16.79
N PHE A 73 -44.50 17.41 16.66
CA PHE A 73 -43.65 16.84 17.70
C PHE A 73 -44.00 17.46 19.05
N LEU A 74 -44.49 18.70 19.01
CA LEU A 74 -44.86 19.41 20.24
C LEU A 74 -46.28 19.01 20.66
N THR A 75 -47.21 19.06 19.72
CA THR A 75 -48.59 18.69 20.01
C THR A 75 -48.75 17.18 19.95
N ALA A 76 -48.28 16.60 18.86
CA ALA A 76 -48.36 15.15 18.67
C ALA A 76 -48.04 14.43 19.98
N LYS A 77 -48.51 13.20 20.10
CA LYS A 77 -48.26 12.41 21.29
C LYS A 77 -47.41 11.18 20.95
N ASN A 78 -47.67 10.08 21.64
CA ASN A 78 -46.91 8.85 21.39
C ASN A 78 -47.82 7.76 20.83
N ALA A 79 -47.56 6.52 21.22
CA ALA A 79 -48.36 5.40 20.75
C ALA A 79 -48.10 5.13 19.27
N LYS A 80 -49.09 4.57 18.60
CA LYS A 80 -48.95 4.26 17.17
C LYS A 80 -48.66 5.52 16.38
N THR A 81 -48.38 5.35 15.09
CA THR A 81 -48.09 6.48 14.22
C THR A 81 -47.92 6.02 12.77
N PRO A 82 -48.84 5.23 12.28
CA PRO A 82 -48.80 4.72 10.89
C PRO A 82 -49.09 5.82 9.88
N GLN A 83 -49.94 6.76 10.27
CA GLN A 83 -50.30 7.87 9.41
C GLN A 83 -49.07 8.72 9.09
N GLN A 84 -48.23 8.92 10.11
CA GLN A 84 -47.01 9.71 9.93
C GLN A 84 -45.80 8.91 10.38
N GLU A 85 -45.14 8.25 9.42
CA GLU A 85 -43.98 7.44 9.72
C GLU A 85 -43.10 8.11 10.79
N GLU A 86 -42.17 7.34 11.35
CA GLU A 86 -41.28 7.85 12.38
C GLU A 86 -39.83 7.62 12.00
N THR A 87 -39.61 6.66 11.09
CA THR A 87 -38.26 6.34 10.64
C THR A 87 -37.23 6.66 11.72
N THR A 88 -36.89 5.64 12.50
CA THR A 88 -35.92 5.82 13.58
C THR A 88 -34.57 6.22 13.00
N TYR A 89 -33.52 5.53 13.43
CA TYR A 89 -32.17 5.83 12.95
C TYR A 89 -31.84 7.31 13.13
N TYR A 90 -30.79 7.76 12.45
CA TYR A 90 -30.38 9.15 12.53
C TYR A 90 -29.89 9.50 13.93
N GLN A 91 -30.82 9.75 14.84
CA GLN A 91 -30.49 10.09 16.23
C GLN A 91 -29.00 9.91 16.50
N THR A 92 -28.64 8.71 16.96
CA THR A 92 -27.24 8.42 17.25
C THR A 92 -26.40 8.54 15.98
N ALA A 93 -26.05 7.39 15.41
CA ALA A 93 -25.24 7.38 14.19
C ALA A 93 -23.90 8.07 14.41
N LEU A 94 -22.84 7.45 13.92
CA LEU A 94 -21.49 8.00 14.06
C LEU A 94 -20.56 7.39 13.01
N PRO A 95 -20.34 8.08 11.92
CA PRO A 95 -19.47 7.58 10.83
C PRO A 95 -17.98 7.68 11.18
N GLY A 96 -17.53 6.84 12.10
CA GLY A 96 -16.13 6.84 12.51
C GLY A 96 -15.31 5.96 11.59
N ASN A 97 -14.00 6.16 11.60
CA ASN A 97 -13.11 5.37 10.74
C ASN A 97 -12.76 4.05 11.42
N ASP A 98 -13.57 3.02 11.16
CA ASP A 98 -13.33 1.71 11.74
C ASP A 98 -12.34 0.92 10.91
N ARG A 99 -11.92 -0.23 11.42
CA ARG A 99 -10.96 -1.06 10.71
C ARG A 99 -11.67 -2.16 9.92
N TYR A 100 -11.23 -2.38 8.69
CA TYR A 100 -11.83 -3.41 7.84
C TYR A 100 -12.02 -4.70 8.62
N ILE A 101 -10.98 -5.11 9.34
CA ILE A 101 -11.04 -6.34 10.12
C ILE A 101 -11.16 -6.02 11.61
N SER A 102 -12.39 -6.03 12.11
CA SER A 102 -12.64 -5.74 13.52
C SER A 102 -13.22 -6.96 14.22
N VAL A 103 -13.60 -7.97 13.45
CA VAL A 103 -14.16 -9.19 14.02
C VAL A 103 -13.21 -10.36 13.86
N GLY A 104 -11.93 -10.11 14.13
CA GLY A 104 -10.93 -11.16 14.01
C GLY A 104 -10.77 -11.92 15.32
N SER A 105 -9.84 -11.48 16.15
CA SER A 105 -9.61 -12.12 17.44
C SER A 105 -8.84 -13.43 17.26
N GLN A 106 -8.25 -13.61 16.08
CA GLN A 106 -7.49 -14.82 15.79
C GLN A 106 -6.00 -14.52 15.80
N ALA A 107 -5.46 -14.13 14.65
CA ALA A 107 -4.05 -13.83 14.54
C ALA A 107 -3.70 -12.57 15.32
N ASP A 108 -2.60 -12.64 16.08
CA ASP A 108 -2.17 -11.50 16.88
C ASP A 108 -0.91 -10.88 16.27
N THR A 109 -1.09 -9.87 15.44
CA THR A 109 0.03 -9.19 14.80
C THR A 109 1.30 -9.39 15.61
N ASN A 110 2.42 -9.53 14.90
CA ASN A 110 3.71 -9.73 15.55
C ASN A 110 4.83 -9.32 14.61
N VAL A 111 4.41 -8.80 13.46
CA VAL A 111 5.36 -8.37 12.45
C VAL A 111 5.81 -6.93 12.71
N ILE A 112 6.98 -6.59 12.18
CA ILE A 112 7.52 -5.25 12.33
C ILE A 112 9.03 -5.25 12.15
N ASP A 113 9.57 -4.06 11.95
CA ASP A 113 11.01 -3.90 11.77
C ASP A 113 11.36 -2.44 11.54
N LEU A 114 11.93 -1.81 12.56
CA LEU A 114 12.31 -0.40 12.45
C LEU A 114 13.71 -0.26 11.86
N THR A 115 14.53 -1.29 12.02
CA THR A 115 15.88 -1.27 11.48
C THR A 115 15.95 -2.01 10.16
N GLY A 116 14.94 -2.83 9.88
CA GLY A 116 14.90 -3.59 8.65
C GLY A 116 16.19 -4.38 8.44
N ASP A 117 16.63 -5.07 9.48
CA ASP A 117 17.86 -5.85 9.41
C ASP A 117 19.06 -4.94 9.33
N ASP A 118 20.00 -5.13 10.26
CA ASP A 118 21.21 -4.32 10.28
C ASP A 118 22.42 -5.12 9.81
N LYS A 119 22.71 -5.02 8.52
CA LYS A 119 23.84 -5.74 7.95
C LYS A 119 25.10 -4.88 7.99
N ASP A 120 24.96 -3.63 7.59
CA ASP A 120 26.10 -2.70 7.57
C ASP A 120 26.38 -2.18 8.97
N ASP A 121 25.32 -2.00 9.75
CA ASP A 121 25.46 -1.51 11.12
C ASP A 121 26.07 -2.58 12.02
N LEU A 122 25.98 -3.83 11.58
CA LEU A 122 26.53 -4.93 12.37
C LEU A 122 28.04 -4.95 12.26
N GLN A 123 28.53 -4.97 11.04
CA GLN A 123 29.97 -4.96 10.81
C GLN A 123 30.59 -3.95 11.75
N ARG A 124 29.74 -3.04 12.23
CA ARG A 124 30.18 -2.00 13.15
C ARG A 124 30.12 -2.49 14.58
N ALA A 125 29.09 -3.25 14.90
CA ALA A 125 28.92 -3.79 16.25
C ALA A 125 30.18 -4.52 16.68
N ILE A 126 30.58 -5.53 15.89
CA ILE A 126 31.77 -6.31 16.22
C ILE A 126 33.00 -5.43 16.13
N ALA A 127 33.16 -4.81 14.98
CA ALA A 127 34.30 -3.94 14.75
C ALA A 127 34.56 -3.06 15.96
N LEU A 128 33.50 -2.47 16.51
CA LEU A 128 33.63 -1.59 17.67
C LEU A 128 34.24 -2.35 18.85
N SER A 129 33.72 -3.55 19.11
CA SER A 129 34.23 -4.36 20.22
C SER A 129 35.64 -4.83 19.93
N LEU A 130 35.83 -5.46 18.78
CA LEU A 130 37.15 -5.94 18.41
C LEU A 130 38.16 -4.82 18.64
N ALA A 131 37.64 -3.61 18.75
CA ALA A 131 38.48 -2.44 18.97
C ALA A 131 38.87 -2.34 20.44
N GLU A 132 37.86 -2.28 21.32
CA GLU A 132 38.12 -2.19 22.74
C GLU A 132 39.19 -3.19 23.14
N SER A 133 39.32 -4.24 22.34
CA SER A 133 40.32 -5.26 22.61
C SER A 133 41.62 -4.92 21.91
N ASN A 134 41.52 -4.57 20.63
CA ASN A 134 42.70 -4.21 19.86
C ASN A 134 43.66 -3.39 20.72
N ARG A 135 43.15 -2.82 21.80
CA ARG A 135 43.98 -2.02 22.70
C ARG A 135 44.12 -2.71 24.05
N ALA A 136 43.10 -3.48 24.43
CA ALA A 136 43.13 -4.19 25.70
C ALA A 136 43.58 -5.63 25.50
N PHE A 137 43.91 -5.96 24.25
CA PHE A 137 44.36 -7.31 23.91
C PHE A 137 45.88 -7.39 24.00
N ARG A 138 46.56 -6.68 23.11
CA ARG A 138 48.01 -6.67 23.09
C ARG A 138 48.57 -6.69 24.52
N GLU A 139 48.71 -5.50 25.11
CA GLU A 139 49.23 -5.38 26.46
C GLU A 139 50.69 -5.82 26.51
N THR A 140 51.55 -5.06 25.84
CA THR A 140 52.98 -5.39 25.82
C THR A 140 53.63 -5.01 27.14
N GLY A 141 53.49 -5.88 28.13
CA GLY A 141 54.07 -5.63 29.45
C GLY A 141 54.32 -6.93 30.19
N ILE A 142 55.60 -7.23 30.44
CA ILE A 142 55.96 -8.45 31.15
C ILE A 142 56.89 -8.13 32.31
N THR A 143 56.75 -8.89 33.40
CA THR A 143 57.57 -8.67 34.58
C THR A 143 58.63 -9.76 34.71
N ASP A 144 58.61 -10.73 33.80
CA ASP A 144 59.56 -11.82 33.83
C ASP A 144 60.93 -11.35 33.35
N GLU A 145 60.95 -10.29 32.55
CA GLU A 145 62.20 -9.76 32.03
C GLU A 145 63.13 -9.37 33.17
N GLU A 146 62.64 -8.50 34.05
CA GLU A 146 63.44 -8.05 35.19
C GLU A 146 64.04 -9.26 35.91
N GLN A 147 63.24 -10.30 36.09
CA GLN A 147 63.69 -11.51 36.76
C GLN A 147 64.86 -12.12 35.99
N ALA A 148 64.71 -12.22 34.68
CA ALA A 148 65.74 -12.80 33.84
C ALA A 148 67.09 -12.13 34.13
N ILE A 149 67.14 -10.82 33.93
CA ILE A 149 68.37 -10.06 34.18
C ILE A 149 69.03 -10.53 35.46
N SER A 150 68.29 -10.47 36.57
CA SER A 150 68.82 -10.89 37.86
C SER A 150 69.57 -12.21 37.74
N ARG A 151 68.91 -13.20 37.15
CA ARG A 151 69.52 -14.52 36.99
C ARG A 151 70.94 -14.38 36.44
N VAL A 152 71.08 -13.59 35.38
CA VAL A 152 72.39 -13.38 34.76
C VAL A 152 73.34 -12.70 35.73
N LEU A 153 72.92 -11.55 36.26
CA LEU A 153 73.76 -10.81 37.21
C LEU A 153 74.28 -11.72 38.31
N GLU A 154 73.39 -12.55 38.84
CA GLU A 154 73.77 -13.48 39.91
C GLU A 154 74.79 -14.49 39.41
N ALA A 155 74.40 -15.28 38.41
CA ALA A 155 75.29 -16.28 37.85
C ALA A 155 76.70 -15.72 37.68
N SER A 156 76.78 -14.41 37.46
CA SER A 156 78.06 -13.75 37.28
C SER A 156 78.81 -13.67 38.61
N ILE A 157 78.28 -12.87 39.54
CA ILE A 157 78.91 -12.73 40.85
C ILE A 157 78.87 -14.05 41.60
N ALA A 158 78.29 -15.07 40.98
CA ALA A 158 78.20 -16.38 41.61
C ALA A 158 79.16 -17.37 40.95
N GLU A 159 80.07 -16.85 40.13
CA GLU A 159 81.04 -17.70 39.45
C GLU A 159 82.46 -17.35 39.89
N ASN A 160 83.36 -17.21 38.91
CA ASN A 160 84.75 -16.88 39.21
C ASN A 160 85.25 -15.78 38.28
N LYS A 161 86.22 -15.01 38.76
CA LYS A 161 86.78 -13.93 37.96
C LYS A 161 87.85 -14.46 37.01
N ALA A 162 89.06 -13.96 37.13
CA ALA A 162 90.16 -14.39 36.27
C ALA A 162 90.89 -15.58 36.88
N CYS A 163 92.22 -15.57 36.79
CA CYS A 163 93.02 -16.67 37.33
C CYS A 163 93.07 -17.83 36.35
N LEU A 164 93.46 -17.53 35.10
CA LEU A 164 93.54 -18.55 34.07
C LEU A 164 94.50 -18.14 32.97
N LYS A 165 94.32 -16.92 32.46
CA LYS A 165 95.18 -16.40 31.40
C LYS A 165 96.61 -16.22 31.91
N ARG A 166 96.92 -16.84 33.03
CA ARG A 166 98.27 -16.74 33.60
C ARG A 166 99.15 -17.89 33.12
N MET A 21 -20.04 21.76 -19.42
CA MET A 21 -20.93 22.95 -19.48
C MET A 21 -20.15 24.20 -19.05
N THR A 22 -20.56 25.35 -19.56
CA THR A 22 -19.89 26.60 -19.23
C THR A 22 -20.81 27.79 -19.46
N VAL A 23 -22.10 27.61 -19.15
CA VAL A 23 -23.07 28.68 -19.34
C VAL A 23 -22.61 29.96 -18.63
N GLU A 24 -22.00 30.86 -19.39
CA GLU A 24 -21.52 32.11 -18.83
C GLU A 24 -22.28 33.28 -19.46
N GLN A 25 -22.60 34.28 -18.63
CA GLN A 25 -23.33 35.44 -19.13
C GLN A 25 -23.05 36.67 -18.25
N ASN A 26 -24.09 37.47 -18.03
CA ASN A 26 -23.95 38.68 -17.23
C ASN A 26 -25.11 39.64 -17.50
N VAL A 27 -25.04 40.83 -16.93
CA VAL A 27 -26.10 41.81 -17.11
C VAL A 27 -25.80 43.09 -16.33
N LEU A 28 -26.13 44.23 -16.92
CA LEU A 28 -25.89 45.52 -16.25
C LEU A 28 -26.61 46.64 -17.00
N GLN A 29 -26.88 47.73 -16.28
CA GLN A 29 -27.58 48.86 -16.86
C GLN A 29 -26.79 50.15 -16.66
N GLN A 30 -27.51 51.25 -16.43
CA GLN A 30 -26.88 52.54 -16.20
C GLN A 30 -26.25 53.06 -17.49
N SER A 31 -26.54 54.33 -17.81
CA SER A 31 -26.00 54.94 -19.01
C SER A 31 -24.71 55.70 -18.71
N ALA A 32 -24.26 56.50 -19.67
CA ALA A 32 -23.04 57.27 -19.49
C ALA A 32 -23.32 58.55 -18.71
N ALA A 33 -24.25 59.36 -19.21
CA ALA A 33 -24.60 60.61 -18.55
C ALA A 33 -25.67 60.37 -17.48
N GLN A 34 -26.79 59.79 -17.88
CA GLN A 34 -27.87 59.50 -16.94
C GLN A 34 -27.33 58.82 -15.70
N LYS A 35 -26.16 58.20 -15.84
CA LYS A 35 -25.53 57.52 -14.72
C LYS A 35 -25.50 58.43 -13.50
N HIS A 36 -25.52 59.74 -13.75
CA HIS A 36 -25.49 60.72 -12.66
C HIS A 36 -26.84 60.75 -11.95
N GLN A 37 -27.90 61.07 -12.69
CA GLN A 37 -29.23 61.12 -12.10
C GLN A 37 -29.57 59.76 -11.53
N GLN A 38 -29.02 58.72 -12.14
CA GLN A 38 -29.26 57.35 -11.68
C GLN A 38 -28.55 57.11 -10.36
N THR A 39 -27.47 57.85 -10.12
CA THR A 39 -26.71 57.69 -8.89
C THR A 39 -27.51 58.20 -7.70
N PHE A 40 -27.98 59.42 -7.83
CA PHE A 40 -28.77 60.05 -6.77
C PHE A 40 -30.01 59.20 -6.52
N LEU A 41 -30.74 58.96 -7.60
CA LEU A 41 -31.95 58.15 -7.54
C LEU A 41 -31.58 56.75 -7.03
N ASN A 42 -30.51 56.19 -7.59
CA ASN A 42 -30.05 54.88 -7.16
C ASN A 42 -29.95 54.88 -5.65
N GLN A 43 -29.29 55.90 -5.12
CA GLN A 43 -29.14 56.05 -3.69
C GLN A 43 -30.53 56.03 -3.04
N LEU A 44 -31.39 56.94 -3.50
CA LEU A 44 -32.76 57.04 -3.00
C LEU A 44 -33.38 55.66 -2.90
N ARG A 45 -32.94 54.75 -3.76
CA ARG A 45 -33.45 53.39 -3.75
C ARG A 45 -32.65 52.54 -2.76
N GLU A 46 -31.42 52.96 -2.51
CA GLU A 46 -30.52 52.22 -1.62
C GLU A 46 -30.66 52.60 -0.13
N ILE A 47 -30.47 53.88 0.19
CA ILE A 47 -30.52 54.32 1.59
C ILE A 47 -31.80 53.87 2.28
N THR A 48 -32.94 54.29 1.75
CA THR A 48 -34.23 53.93 2.33
C THR A 48 -34.72 52.61 1.77
N GLY A 49 -34.00 52.08 0.79
CA GLY A 49 -34.37 50.81 0.18
C GLY A 49 -35.63 50.91 -0.68
N ILE A 50 -36.11 52.13 -0.93
CA ILE A 50 -37.32 52.28 -1.75
C ILE A 50 -37.10 51.68 -3.14
N ASN A 51 -38.19 51.26 -3.76
CA ASN A 51 -38.12 50.66 -5.08
C ASN A 51 -38.80 51.55 -6.13
N ASP A 52 -39.96 52.09 -5.77
CA ASP A 52 -40.70 52.96 -6.69
C ASP A 52 -39.76 53.96 -7.35
N THR A 53 -39.39 53.68 -8.59
CA THR A 53 -38.50 54.56 -9.34
C THR A 53 -39.15 55.90 -9.65
N GLN A 54 -40.47 55.88 -9.82
CA GLN A 54 -41.21 57.10 -10.13
C GLN A 54 -41.14 58.08 -8.95
N ILE A 55 -41.18 57.55 -7.73
CA ILE A 55 -41.13 58.39 -6.55
C ILE A 55 -39.77 59.07 -6.41
N LEU A 56 -38.71 58.33 -6.73
CA LEU A 56 -37.36 58.88 -6.63
C LEU A 56 -37.21 60.08 -7.57
N GLN A 57 -37.39 59.83 -8.86
CA GLN A 57 -37.27 60.90 -9.85
C GLN A 57 -38.02 62.14 -9.38
N GLN A 58 -39.12 61.92 -8.66
CA GLN A 58 -39.92 63.02 -8.15
C GLN A 58 -39.31 63.61 -6.88
N ALA A 59 -38.63 62.75 -6.11
CA ALA A 59 -38.00 63.20 -4.87
C ALA A 59 -36.75 63.99 -5.19
N LEU A 60 -36.18 63.74 -6.36
CA LEU A 60 -34.97 64.43 -6.79
C LEU A 60 -35.33 65.84 -7.28
N LYS A 61 -36.41 65.92 -8.04
CA LYS A 61 -36.87 67.20 -8.59
C LYS A 61 -37.23 68.19 -7.46
N ASP A 62 -37.94 67.71 -6.45
CA ASP A 62 -38.34 68.56 -5.35
C ASP A 62 -37.25 68.65 -4.28
N SER A 63 -36.37 67.66 -4.26
CA SER A 63 -35.29 67.62 -3.28
C SER A 63 -34.33 68.79 -3.46
N ASN A 64 -34.17 69.25 -4.71
CA ASN A 64 -33.26 70.34 -4.99
C ASN A 64 -31.82 69.85 -5.05
N GLY A 65 -31.65 68.52 -5.03
CA GLY A 65 -30.31 67.93 -5.09
C GLY A 65 -29.85 67.46 -3.71
N ASN A 66 -30.78 67.35 -2.79
CA ASN A 66 -30.46 66.91 -1.43
C ASN A 66 -30.92 65.47 -1.21
N LEU A 67 -30.02 64.64 -0.68
CA LEU A 67 -30.32 63.22 -0.44
C LEU A 67 -31.15 63.01 0.83
N GLU A 68 -30.60 63.41 1.98
CA GLU A 68 -31.29 63.23 3.26
C GLU A 68 -32.69 63.82 3.26
N LEU A 69 -32.93 64.81 2.43
CA LEU A 69 -34.24 65.44 2.37
C LEU A 69 -35.13 64.70 1.37
N ALA A 70 -34.51 64.05 0.39
CA ALA A 70 -35.29 63.28 -0.57
C ALA A 70 -35.63 61.95 0.08
N VAL A 71 -34.62 61.25 0.55
CA VAL A 71 -34.87 60.01 1.25
C VAL A 71 -36.04 60.27 2.18
N ALA A 72 -35.98 61.45 2.78
CA ALA A 72 -37.01 61.88 3.70
C ALA A 72 -38.34 62.04 2.98
N PHE A 73 -38.31 62.46 1.71
CA PHE A 73 -39.55 62.60 0.95
C PHE A 73 -40.29 61.28 1.01
N LEU A 74 -39.52 60.21 1.06
CA LEU A 74 -40.05 58.86 1.10
C LEU A 74 -40.32 58.43 2.55
N THR A 75 -39.30 58.56 3.38
CA THR A 75 -39.43 58.17 4.79
C THR A 75 -40.35 59.14 5.53
N ALA A 76 -40.16 60.43 5.25
CA ALA A 76 -40.98 61.47 5.88
C ALA A 76 -42.30 60.89 6.38
N LYS A 77 -42.89 60.01 5.58
CA LYS A 77 -44.16 59.38 5.95
C LYS A 77 -43.92 57.96 6.46
N ASN A 78 -43.54 57.06 5.56
CA ASN A 78 -43.28 55.67 5.94
C ASN A 78 -42.19 55.08 5.06
N ALA A 79 -41.90 53.78 5.27
CA ALA A 79 -40.88 53.12 4.48
C ALA A 79 -40.51 51.77 5.09
N LYS A 80 -40.32 50.77 4.24
CA LYS A 80 -39.97 49.43 4.72
C LYS A 80 -39.14 48.70 3.66
N THR A 81 -38.08 48.02 4.11
CA THR A 81 -37.21 47.29 3.21
C THR A 81 -36.13 46.55 4.00
N PRO A 82 -36.48 45.44 4.59
CA PRO A 82 -35.54 44.62 5.40
C PRO A 82 -34.70 43.68 4.53
N GLN A 83 -35.17 43.44 3.31
CA GLN A 83 -34.46 42.56 2.39
C GLN A 83 -33.02 43.03 2.18
N GLN A 84 -32.82 44.34 2.24
CA GLN A 84 -31.49 44.91 2.06
C GLN A 84 -30.79 45.08 3.40
N GLU A 85 -30.46 43.97 4.05
CA GLU A 85 -29.79 44.01 5.34
C GLU A 85 -28.42 43.36 5.25
N GLU A 86 -27.53 43.95 4.46
CA GLU A 86 -26.18 43.42 4.30
C GLU A 86 -25.17 44.28 5.04
N THR A 87 -24.70 43.77 6.18
CA THR A 87 -23.73 44.50 6.99
C THR A 87 -23.26 43.63 8.15
N THR A 88 -23.85 42.45 8.27
CA THR A 88 -23.49 41.53 9.35
C THR A 88 -22.03 41.11 9.24
N TYR A 89 -21.59 40.84 8.01
CA TYR A 89 -20.22 40.43 7.78
C TYR A 89 -19.93 39.12 8.49
N TYR A 90 -19.71 38.06 7.72
CA TYR A 90 -19.42 36.75 8.29
C TYR A 90 -18.24 36.83 9.26
N GLN A 91 -17.89 35.69 9.86
CA GLN A 91 -16.78 35.64 10.80
C GLN A 91 -15.68 34.73 10.27
N THR A 92 -15.36 34.86 9.00
CA THR A 92 -14.33 34.04 8.38
C THR A 92 -14.37 32.62 8.93
N ALA A 93 -15.02 31.72 8.21
CA ALA A 93 -15.13 30.34 8.64
C ALA A 93 -14.17 29.46 7.86
N LEU A 94 -14.70 28.75 6.85
CA LEU A 94 -13.89 27.87 6.03
C LEU A 94 -14.18 28.11 4.55
N PRO A 95 -13.38 28.91 3.90
CA PRO A 95 -13.57 29.22 2.45
C PRO A 95 -13.80 27.96 1.62
N GLY A 96 -13.26 26.85 2.08
CA GLY A 96 -13.43 25.58 1.37
C GLY A 96 -12.72 25.61 0.02
N ASN A 97 -12.13 26.75 -0.31
CA ASN A 97 -11.43 26.90 -1.58
C ASN A 97 -12.17 26.16 -2.69
N ASP A 98 -11.41 25.48 -3.54
CA ASP A 98 -12.01 24.73 -4.65
C ASP A 98 -11.18 23.49 -4.97
N ARG A 99 -11.72 22.33 -4.64
CA ARG A 99 -11.01 21.07 -4.90
C ARG A 99 -11.25 20.62 -6.33
N TYR A 100 -12.39 21.01 -6.89
CA TYR A 100 -12.74 20.63 -8.26
C TYR A 100 -11.50 20.61 -9.15
N ILE A 101 -10.68 21.65 -9.06
CA ILE A 101 -9.47 21.73 -9.87
C ILE A 101 -8.31 22.30 -9.06
N SER A 102 -7.55 21.41 -8.42
CA SER A 102 -6.41 21.83 -7.62
C SER A 102 -5.11 21.32 -8.24
N VAL A 103 -4.10 21.14 -7.42
CA VAL A 103 -2.81 20.64 -7.91
C VAL A 103 -2.81 19.12 -7.98
N GLY A 104 -1.76 18.55 -8.54
CA GLY A 104 -1.66 17.11 -8.66
C GLY A 104 -0.85 16.71 -9.89
N SER A 105 0.47 16.79 -9.77
CA SER A 105 1.36 16.45 -10.88
C SER A 105 2.23 15.25 -10.50
N GLN A 106 3.09 15.44 -9.50
CA GLN A 106 3.98 14.38 -9.06
C GLN A 106 3.89 14.22 -7.54
N ALA A 107 5.04 14.04 -6.90
CA ALA A 107 5.08 13.88 -5.45
C ALA A 107 6.52 13.97 -4.95
N ASP A 108 6.78 14.99 -4.14
CA ASP A 108 8.11 15.20 -3.57
C ASP A 108 8.39 14.19 -2.47
N THR A 109 7.86 12.97 -2.63
CA THR A 109 8.05 11.92 -1.64
C THR A 109 8.95 10.82 -2.19
N ASN A 110 9.63 10.12 -1.29
CA ASN A 110 10.52 9.05 -1.70
C ASN A 110 11.18 8.43 -0.47
N VAL A 111 10.41 8.37 0.61
CA VAL A 111 10.91 7.83 1.87
C VAL A 111 10.39 6.41 2.10
N ILE A 112 10.86 5.79 3.17
CA ILE A 112 10.44 4.44 3.52
C ILE A 112 11.16 3.94 4.76
N ASP A 113 10.62 2.88 5.33
CA ASP A 113 11.20 2.28 6.53
C ASP A 113 11.41 3.36 7.60
N LEU A 114 11.84 2.93 8.78
CA LEU A 114 12.07 3.86 9.87
C LEU A 114 13.46 3.65 10.47
N THR A 115 13.96 2.43 10.37
CA THR A 115 15.28 2.11 10.90
C THR A 115 16.36 2.31 9.84
N GLY A 116 16.01 2.01 8.59
CA GLY A 116 16.95 2.16 7.49
C GLY A 116 17.32 0.80 6.89
N ASP A 117 17.05 -0.26 7.64
CA ASP A 117 17.36 -1.60 7.18
C ASP A 117 18.85 -1.73 6.87
N ASP A 118 19.67 -0.97 7.60
CA ASP A 118 21.11 -1.01 7.40
C ASP A 118 21.74 -2.16 8.18
N LYS A 119 21.77 -3.33 7.57
CA LYS A 119 22.34 -4.51 8.21
C LYS A 119 23.86 -4.37 8.34
N ASP A 120 24.41 -3.39 7.64
CA ASP A 120 25.85 -3.15 7.67
C ASP A 120 26.26 -2.54 9.00
N ASP A 121 25.28 -2.03 9.74
CA ASP A 121 25.55 -1.42 11.03
C ASP A 121 26.15 -2.43 12.01
N LEU A 122 25.76 -3.69 11.87
CA LEU A 122 26.27 -4.73 12.75
C LEU A 122 27.75 -4.92 12.54
N GLN A 123 28.19 -4.73 11.31
CA GLN A 123 29.60 -4.85 11.00
C GLN A 123 30.36 -3.86 11.87
N ARG A 124 29.61 -2.88 12.37
CA ARG A 124 30.17 -1.85 13.23
C ARG A 124 30.15 -2.32 14.68
N ALA A 125 29.19 -3.16 15.00
CA ALA A 125 29.06 -3.68 16.37
C ALA A 125 30.29 -4.49 16.77
N ILE A 126 30.60 -5.53 16.00
CA ILE A 126 31.76 -6.37 16.32
C ILE A 126 33.05 -5.62 16.03
N ALA A 127 33.03 -4.82 14.98
CA ALA A 127 34.20 -4.05 14.62
C ALA A 127 34.61 -3.17 15.79
N LEU A 128 33.64 -2.41 16.31
CA LEU A 128 33.90 -1.55 17.46
C LEU A 128 34.57 -2.35 18.56
N SER A 129 34.13 -3.59 18.72
CA SER A 129 34.71 -4.46 19.74
C SER A 129 36.12 -4.87 19.34
N LEU A 130 36.31 -5.20 18.08
CA LEU A 130 37.62 -5.59 17.59
C LEU A 130 38.64 -4.56 18.07
N ALA A 131 38.14 -3.38 18.43
CA ALA A 131 38.99 -2.31 18.91
C ALA A 131 39.18 -2.42 20.42
N GLU A 132 38.07 -2.38 21.15
CA GLU A 132 38.12 -2.48 22.60
C GLU A 132 39.04 -3.63 23.02
N SER A 133 39.25 -4.55 22.08
CA SER A 133 40.10 -5.71 22.34
C SER A 133 41.55 -5.37 22.00
N ASN A 134 41.76 -4.86 20.78
CA ASN A 134 43.10 -4.49 20.36
C ASN A 134 43.78 -3.70 21.47
N ARG A 135 42.98 -3.28 22.44
CA ARG A 135 43.50 -2.52 23.58
C ARG A 135 43.63 -3.44 24.78
N ALA A 136 42.68 -4.35 24.93
CA ALA A 136 42.70 -5.30 26.04
C ALA A 136 43.39 -6.59 25.60
N PHE A 137 44.11 -6.52 24.48
CA PHE A 137 44.82 -7.69 23.97
C PHE A 137 45.81 -8.22 25.00
N ARG A 138 46.28 -9.44 24.78
CA ARG A 138 47.24 -10.05 25.69
C ARG A 138 48.46 -9.15 25.88
N GLU A 139 48.44 -8.33 26.92
CA GLU A 139 49.54 -7.43 27.18
C GLU A 139 50.66 -8.13 27.95
N THR A 140 50.89 -9.39 27.63
CA THR A 140 51.94 -10.16 28.29
C THR A 140 53.31 -9.77 27.75
N GLY A 141 53.86 -10.63 26.91
CA GLY A 141 55.18 -10.37 26.33
C GLY A 141 56.28 -10.47 27.39
N ILE A 142 56.41 -11.66 27.96
CA ILE A 142 57.43 -11.89 29.00
C ILE A 142 57.65 -13.38 29.20
N THR A 143 58.89 -13.75 29.50
CA THR A 143 59.23 -15.15 29.73
C THR A 143 58.03 -15.91 30.27
N ASP A 144 57.17 -16.37 29.36
CA ASP A 144 55.98 -17.11 29.76
C ASP A 144 56.36 -18.41 30.46
N GLU A 145 55.36 -19.09 31.02
CA GLU A 145 55.60 -20.35 31.72
C GLU A 145 55.99 -21.43 30.74
N GLU A 146 55.15 -21.66 29.74
CA GLU A 146 55.41 -22.68 28.73
C GLU A 146 56.79 -22.45 28.11
N GLN A 147 57.13 -21.20 27.86
CA GLN A 147 58.41 -20.86 27.27
C GLN A 147 59.54 -21.16 28.25
N ALA A 148 59.22 -21.13 29.54
CA ALA A 148 60.22 -21.39 30.58
C ALA A 148 60.51 -22.88 30.66
N ILE A 149 59.49 -23.68 30.90
CA ILE A 149 59.65 -25.12 31.01
C ILE A 149 60.36 -25.68 29.78
N SER A 150 59.92 -25.24 28.61
CA SER A 150 60.53 -25.69 27.36
C SER A 150 62.00 -25.33 27.31
N ARG A 151 62.30 -24.04 27.28
CA ARG A 151 63.69 -23.58 27.23
C ARG A 151 64.57 -24.46 28.11
N VAL A 152 64.15 -24.67 29.35
CA VAL A 152 64.92 -25.49 30.28
C VAL A 152 65.12 -26.89 29.73
N LEU A 153 64.02 -27.52 29.32
CA LEU A 153 64.07 -28.87 28.77
C LEU A 153 65.24 -29.01 27.81
N GLU A 154 65.27 -28.18 26.78
CA GLU A 154 66.33 -28.23 25.79
C GLU A 154 67.70 -28.16 26.47
N ALA A 155 67.91 -27.08 27.24
CA ALA A 155 69.18 -26.90 27.94
C ALA A 155 69.55 -28.15 28.73
N SER A 156 68.53 -28.92 29.11
CA SER A 156 68.77 -30.14 29.88
C SER A 156 69.32 -31.24 28.96
N ILE A 157 68.52 -31.64 27.98
CA ILE A 157 68.94 -32.68 27.05
C ILE A 157 70.11 -32.20 26.19
N ALA A 158 70.44 -30.92 26.32
CA ALA A 158 71.55 -30.35 25.55
C ALA A 158 72.87 -30.59 26.25
N GLU A 159 73.23 -31.85 26.43
CA GLU A 159 74.48 -32.19 27.09
C GLU A 159 75.59 -32.43 26.07
N ASN A 160 75.54 -33.57 25.40
CA ASN A 160 76.54 -33.90 24.39
C ASN A 160 77.94 -33.54 24.88
N LYS A 161 78.71 -34.56 25.25
CA LYS A 161 80.07 -34.33 25.73
C LYS A 161 81.02 -34.04 24.57
N ALA A 162 80.59 -33.16 23.67
CA ALA A 162 81.41 -32.80 22.52
C ALA A 162 82.89 -32.87 22.87
N CYS A 163 83.52 -33.99 22.51
CA CYS A 163 84.94 -34.17 22.80
C CYS A 163 85.55 -35.18 21.83
N LEU A 164 86.85 -35.06 21.58
CA LEU A 164 87.53 -35.97 20.67
C LEU A 164 87.70 -37.35 21.31
N LYS A 165 88.15 -38.31 20.52
CA LYS A 165 88.36 -39.67 21.02
C LYS A 165 87.45 -39.97 22.21
N ARG A 166 86.35 -40.65 21.95
CA ARG A 166 85.40 -40.99 23.02
C ARG A 166 85.89 -42.21 23.79
N MET A 21 -17.01 -36.55 -0.28
CA MET A 21 -18.26 -35.97 -0.81
C MET A 21 -17.92 -34.86 -1.81
N THR A 22 -17.68 -35.25 -3.06
CA THR A 22 -17.35 -34.28 -4.10
C THR A 22 -18.60 -33.89 -4.88
N VAL A 23 -19.41 -33.01 -4.28
CA VAL A 23 -20.63 -32.54 -4.92
C VAL A 23 -20.50 -32.61 -6.44
N GLU A 24 -21.06 -33.65 -7.04
CA GLU A 24 -21.00 -33.81 -8.48
C GLU A 24 -22.28 -33.30 -9.14
N GLN A 25 -22.97 -32.40 -8.44
CA GLN A 25 -24.20 -31.83 -8.97
C GLN A 25 -24.23 -30.32 -8.75
N ASN A 26 -25.06 -29.87 -7.82
CA ASN A 26 -25.16 -28.44 -7.52
C ASN A 26 -25.65 -27.67 -8.74
N VAL A 27 -26.96 -27.55 -8.88
CA VAL A 27 -27.54 -26.82 -10.00
C VAL A 27 -28.58 -25.83 -9.51
N LEU A 28 -29.12 -26.08 -8.33
CA LEU A 28 -30.13 -25.21 -7.75
C LEU A 28 -29.61 -23.79 -7.63
N GLN A 29 -28.45 -23.64 -7.00
CA GLN A 29 -27.84 -22.32 -6.83
C GLN A 29 -27.47 -21.72 -8.19
N GLN A 30 -27.14 -22.57 -9.14
CA GLN A 30 -26.79 -22.12 -10.48
C GLN A 30 -27.97 -21.41 -11.14
N SER A 31 -27.76 -20.95 -12.37
CA SER A 31 -28.81 -20.26 -13.11
C SER A 31 -28.96 -20.84 -14.51
N ALA A 32 -27.92 -20.68 -15.32
CA ALA A 32 -27.94 -21.19 -16.69
C ALA A 32 -27.83 -22.72 -16.69
N ALA A 33 -26.84 -23.23 -15.96
CA ALA A 33 -26.64 -24.68 -15.89
C ALA A 33 -27.97 -25.41 -15.69
N GLN A 34 -28.96 -24.67 -15.20
CA GLN A 34 -30.28 -25.25 -14.96
C GLN A 34 -30.75 -26.01 -16.20
N LYS A 35 -30.15 -25.70 -17.34
CA LYS A 35 -30.52 -26.36 -18.58
C LYS A 35 -30.49 -27.88 -18.42
N HIS A 36 -29.80 -28.36 -17.40
CA HIS A 36 -29.69 -29.79 -17.15
C HIS A 36 -30.99 -30.33 -16.56
N GLN A 37 -31.76 -29.47 -15.90
CA GLN A 37 -33.02 -29.90 -15.30
C GLN A 37 -33.82 -30.74 -16.28
N GLN A 38 -33.67 -30.44 -17.57
CA GLN A 38 -34.39 -31.19 -18.60
C GLN A 38 -34.28 -32.68 -18.34
N THR A 39 -33.09 -33.13 -17.96
CA THR A 39 -32.87 -34.54 -17.70
C THR A 39 -33.64 -34.94 -16.44
N PHE A 40 -33.62 -34.04 -15.47
CA PHE A 40 -34.31 -34.28 -14.21
C PHE A 40 -35.79 -34.51 -14.48
N LEU A 41 -36.42 -33.54 -15.14
CA LEU A 41 -37.84 -33.65 -15.47
C LEU A 41 -38.07 -34.81 -16.41
N ASN A 42 -37.23 -34.92 -17.44
CA ASN A 42 -37.35 -36.01 -18.40
C ASN A 42 -37.54 -37.32 -17.63
N GLN A 43 -36.82 -37.45 -16.53
CA GLN A 43 -36.92 -38.65 -15.69
C GLN A 43 -38.30 -38.72 -15.06
N LEU A 44 -38.78 -37.58 -14.58
CA LEU A 44 -40.09 -37.52 -13.95
C LEU A 44 -41.16 -38.09 -14.89
N ARG A 45 -41.28 -37.48 -16.06
CA ARG A 45 -42.25 -37.93 -17.05
C ARG A 45 -41.97 -39.39 -17.41
N GLU A 46 -40.77 -39.84 -17.10
CA GLU A 46 -40.36 -41.20 -17.42
C GLU A 46 -40.96 -42.22 -16.46
N ILE A 47 -40.92 -41.93 -15.16
CA ILE A 47 -41.44 -42.88 -14.18
C ILE A 47 -42.91 -42.64 -13.85
N THR A 48 -43.29 -41.39 -13.71
CA THR A 48 -44.65 -41.10 -13.33
C THR A 48 -45.53 -40.82 -14.56
N GLY A 49 -44.91 -40.79 -15.73
CA GLY A 49 -45.65 -40.55 -16.98
C GLY A 49 -46.40 -39.22 -16.97
N ILE A 50 -45.86 -38.23 -16.27
CA ILE A 50 -46.50 -36.92 -16.23
C ILE A 50 -46.00 -36.05 -17.36
N ASN A 51 -46.88 -35.74 -18.31
CA ASN A 51 -46.51 -34.92 -19.46
C ASN A 51 -46.44 -33.45 -19.07
N ASP A 52 -47.39 -32.99 -18.27
CA ASP A 52 -47.41 -31.59 -17.84
C ASP A 52 -46.03 -31.20 -17.29
N THR A 53 -45.17 -30.69 -18.16
CA THR A 53 -43.84 -30.29 -17.76
C THR A 53 -43.90 -29.22 -16.67
N GLN A 54 -44.88 -28.33 -16.77
CA GLN A 54 -45.05 -27.27 -15.79
C GLN A 54 -45.21 -27.87 -14.41
N ILE A 55 -46.04 -28.92 -14.32
CA ILE A 55 -46.26 -29.58 -13.05
C ILE A 55 -45.00 -30.29 -12.58
N LEU A 56 -44.18 -30.71 -13.54
CA LEU A 56 -42.94 -31.40 -13.23
C LEU A 56 -41.96 -30.43 -12.58
N GLN A 57 -41.74 -29.30 -13.25
CA GLN A 57 -40.82 -28.29 -12.72
C GLN A 57 -41.20 -27.94 -11.29
N GLN A 58 -42.49 -28.10 -10.99
CA GLN A 58 -43.00 -27.80 -9.66
C GLN A 58 -42.68 -28.96 -8.71
N ALA A 59 -42.52 -30.14 -9.27
CA ALA A 59 -42.21 -31.32 -8.46
C ALA A 59 -40.74 -31.34 -8.10
N LEU A 60 -39.90 -30.96 -9.05
CA LEU A 60 -38.45 -30.93 -8.82
C LEU A 60 -38.10 -29.76 -7.91
N LYS A 61 -38.88 -28.70 -7.99
CA LYS A 61 -38.65 -27.52 -7.17
C LYS A 61 -38.93 -27.81 -5.70
N ASP A 62 -40.04 -28.49 -5.45
CA ASP A 62 -40.43 -28.83 -4.08
C ASP A 62 -39.55 -29.96 -3.53
N SER A 63 -38.92 -30.69 -4.44
CA SER A 63 -38.05 -31.81 -4.03
C SER A 63 -36.66 -31.31 -3.65
N ASN A 64 -36.23 -30.22 -4.29
CA ASN A 64 -34.92 -29.65 -4.00
C ASN A 64 -33.81 -30.41 -4.74
N GLY A 65 -34.18 -31.09 -5.83
CA GLY A 65 -33.20 -31.83 -6.61
C GLY A 65 -33.30 -33.33 -6.31
N ASN A 66 -34.35 -33.70 -5.57
CA ASN A 66 -34.57 -35.10 -5.22
C ASN A 66 -35.57 -35.69 -6.21
N LEU A 67 -35.24 -36.86 -6.76
CA LEU A 67 -36.11 -37.50 -7.75
C LEU A 67 -37.22 -38.31 -7.09
N GLU A 68 -36.86 -39.35 -6.34
CA GLU A 68 -37.87 -40.16 -5.68
C GLU A 68 -38.88 -39.25 -5.03
N LEU A 69 -38.44 -38.02 -4.79
CA LEU A 69 -39.28 -37.01 -4.17
C LEU A 69 -40.11 -36.29 -5.22
N ALA A 70 -39.48 -35.96 -6.35
CA ALA A 70 -40.20 -35.29 -7.42
C ALA A 70 -41.33 -36.19 -7.91
N VAL A 71 -40.98 -37.41 -8.33
CA VAL A 71 -42.00 -38.35 -8.77
C VAL A 71 -43.08 -38.43 -7.72
N ALA A 72 -42.69 -38.93 -6.56
CA ALA A 72 -43.59 -39.06 -5.46
C ALA A 72 -44.40 -37.78 -5.28
N PHE A 73 -43.74 -36.64 -5.41
CA PHE A 73 -44.44 -35.35 -5.29
C PHE A 73 -45.60 -35.32 -6.26
N LEU A 74 -45.43 -36.01 -7.39
CA LEU A 74 -46.45 -36.08 -8.41
C LEU A 74 -47.43 -37.21 -8.12
N THR A 75 -46.89 -38.40 -7.87
CA THR A 75 -47.72 -39.55 -7.55
C THR A 75 -48.40 -39.32 -6.20
N ALA A 76 -47.58 -38.95 -5.22
CA ALA A 76 -48.08 -38.69 -3.88
C ALA A 76 -49.30 -37.77 -3.94
N LYS A 77 -49.10 -36.57 -4.48
CA LYS A 77 -50.19 -35.61 -4.60
C LYS A 77 -50.67 -35.19 -3.21
N ASN A 78 -50.45 -33.93 -2.86
CA ASN A 78 -50.86 -33.42 -1.56
C ASN A 78 -51.48 -32.03 -1.69
N ALA A 79 -52.34 -31.87 -2.69
CA ALA A 79 -52.99 -30.58 -2.91
C ALA A 79 -52.00 -29.54 -3.41
N LYS A 80 -52.33 -28.89 -4.52
CA LYS A 80 -51.47 -27.87 -5.09
C LYS A 80 -52.28 -26.60 -5.35
N THR A 81 -53.00 -26.57 -6.47
CA THR A 81 -53.82 -25.42 -6.81
C THR A 81 -53.03 -24.46 -7.69
N PRO A 82 -52.64 -24.90 -8.85
CA PRO A 82 -51.87 -24.08 -9.82
C PRO A 82 -52.77 -23.23 -10.70
N GLN A 83 -54.09 -23.40 -10.53
CA GLN A 83 -55.06 -22.64 -11.31
C GLN A 83 -54.60 -21.19 -11.46
N GLN A 84 -54.83 -20.39 -10.43
CA GLN A 84 -54.43 -18.99 -10.48
C GLN A 84 -53.56 -18.63 -9.28
N GLU A 85 -52.33 -19.15 -9.28
CA GLU A 85 -51.40 -18.88 -8.19
C GLU A 85 -50.08 -18.35 -8.74
N GLU A 86 -50.15 -17.25 -9.49
CA GLU A 86 -48.95 -16.66 -10.06
C GLU A 86 -49.18 -15.18 -10.33
N THR A 87 -48.25 -14.35 -9.85
CA THR A 87 -48.36 -12.91 -10.04
C THR A 87 -47.09 -12.22 -9.54
N THR A 88 -46.29 -12.96 -8.78
CA THR A 88 -45.04 -12.43 -8.24
C THR A 88 -44.10 -13.57 -7.87
N TYR A 89 -43.24 -13.32 -6.89
CA TYR A 89 -42.28 -14.34 -6.46
C TYR A 89 -41.87 -14.11 -5.00
N TYR A 90 -42.30 -15.02 -4.14
CA TYR A 90 -41.99 -14.92 -2.71
C TYR A 90 -41.39 -16.22 -2.20
N GLN A 91 -42.17 -17.30 -2.30
CA GLN A 91 -41.73 -18.59 -1.84
C GLN A 91 -40.24 -18.81 -2.17
N THR A 92 -39.65 -19.84 -1.58
CA THR A 92 -38.25 -20.14 -1.80
C THR A 92 -37.44 -18.84 -1.87
N ALA A 93 -37.32 -18.18 -0.72
CA ALA A 93 -36.57 -16.92 -0.65
C ALA A 93 -35.18 -17.16 -0.08
N LEU A 94 -34.86 -18.42 0.22
CA LEU A 94 -33.56 -18.75 0.78
C LEU A 94 -32.46 -18.40 -0.23
N PRO A 95 -31.52 -17.56 0.14
CA PRO A 95 -30.41 -17.16 -0.76
C PRO A 95 -29.42 -18.31 -1.02
N GLY A 96 -29.95 -19.48 -1.34
CA GLY A 96 -29.11 -20.65 -1.60
C GLY A 96 -28.65 -21.29 -0.29
N ASN A 97 -27.69 -22.20 -0.41
CA ASN A 97 -27.15 -22.88 0.77
C ASN A 97 -25.87 -22.22 1.24
N ASP A 98 -24.81 -23.01 1.34
CA ASP A 98 -23.52 -22.51 1.79
C ASP A 98 -22.43 -23.56 1.59
N ARG A 99 -21.20 -23.11 1.35
CA ARG A 99 -20.09 -24.02 1.15
C ARG A 99 -19.70 -24.68 2.47
N TYR A 100 -20.53 -25.59 2.95
CA TYR A 100 -20.24 -26.29 4.20
C TYR A 100 -18.74 -26.47 4.38
N ILE A 101 -18.12 -27.15 3.41
CA ILE A 101 -16.68 -27.40 3.48
C ILE A 101 -15.96 -26.53 2.44
N SER A 102 -14.87 -25.91 2.85
CA SER A 102 -14.10 -25.05 1.96
C SER A 102 -12.82 -24.58 2.62
N VAL A 103 -12.93 -24.10 3.85
CA VAL A 103 -11.77 -23.62 4.58
C VAL A 103 -10.53 -24.41 4.21
N GLY A 104 -9.56 -23.74 3.61
CA GLY A 104 -8.32 -24.40 3.20
C GLY A 104 -7.25 -24.26 4.28
N SER A 105 -6.78 -23.03 4.48
CA SER A 105 -5.75 -22.78 5.48
C SER A 105 -5.19 -21.37 5.33
N GLN A 106 -4.22 -21.24 4.43
CA GLN A 106 -3.57 -19.95 4.17
C GLN A 106 -2.07 -20.14 3.99
N ALA A 107 -1.39 -20.46 5.09
CA ALA A 107 0.06 -20.67 5.05
C ALA A 107 0.75 -19.45 4.45
N ASP A 108 1.60 -19.70 3.45
CA ASP A 108 2.32 -18.60 2.80
C ASP A 108 2.60 -17.48 3.79
N THR A 109 3.45 -17.75 4.78
CA THR A 109 3.79 -16.76 5.78
C THR A 109 5.11 -17.10 6.46
N ASN A 110 6.07 -16.19 6.38
CA ASN A 110 7.38 -16.41 6.98
C ASN A 110 8.19 -15.12 6.90
N VAL A 111 7.54 -14.07 6.45
CA VAL A 111 8.17 -12.77 6.31
C VAL A 111 8.72 -12.26 7.64
N ILE A 112 7.89 -11.51 8.34
CA ILE A 112 8.27 -10.95 9.64
C ILE A 112 9.75 -10.62 9.69
N ASP A 113 10.26 -10.46 10.90
CA ASP A 113 11.66 -10.14 11.10
C ASP A 113 12.23 -10.89 12.30
N LEU A 114 13.50 -11.24 12.23
CA LEU A 114 14.15 -11.97 13.32
C LEU A 114 15.24 -11.11 13.95
N THR A 115 15.83 -10.23 13.15
CA THR A 115 16.89 -9.36 13.64
C THR A 115 16.41 -7.92 13.76
N GLY A 116 15.58 -7.49 12.81
CA GLY A 116 15.05 -6.13 12.84
C GLY A 116 16.17 -5.12 12.99
N ASP A 117 17.15 -5.18 12.10
CA ASP A 117 18.27 -4.25 12.16
C ASP A 117 19.08 -4.31 10.86
N ASP A 118 19.79 -3.22 10.56
CA ASP A 118 20.60 -3.15 9.35
C ASP A 118 21.65 -4.26 9.34
N LYS A 119 22.13 -4.61 8.15
CA LYS A 119 23.12 -5.66 8.02
C LYS A 119 24.53 -5.06 7.97
N ASP A 120 24.60 -3.77 7.64
CA ASP A 120 25.88 -3.09 7.55
C ASP A 120 26.32 -2.55 8.91
N ASP A 121 25.40 -1.87 9.59
CA ASP A 121 25.69 -1.32 10.91
C ASP A 121 26.31 -2.39 11.81
N LEU A 122 25.86 -3.63 11.64
CA LEU A 122 26.38 -4.72 12.45
C LEU A 122 27.89 -4.77 12.32
N GLN A 123 28.37 -4.42 11.14
CA GLN A 123 29.80 -4.39 10.90
C GLN A 123 30.43 -3.49 11.94
N ARG A 124 29.59 -2.65 12.52
CA ARG A 124 30.03 -1.71 13.55
C ARG A 124 30.02 -2.38 14.91
N ALA A 125 29.08 -3.29 15.11
CA ALA A 125 28.96 -3.99 16.38
C ALA A 125 30.22 -4.78 16.71
N ILE A 126 30.61 -5.69 15.83
CA ILE A 126 31.81 -6.51 16.06
C ILE A 126 33.07 -5.70 15.86
N ALA A 127 33.01 -4.75 14.96
CA ALA A 127 34.15 -3.90 14.67
C ALA A 127 34.54 -3.11 15.92
N LEU A 128 33.56 -2.42 16.49
CA LEU A 128 33.80 -1.61 17.69
C LEU A 128 34.37 -2.47 18.82
N SER A 129 33.86 -3.70 18.95
CA SER A 129 34.33 -4.58 20.00
C SER A 129 35.73 -5.09 19.71
N LEU A 130 35.92 -5.69 18.54
CA LEU A 130 37.22 -6.20 18.17
C LEU A 130 38.28 -5.14 18.45
N ALA A 131 37.81 -3.90 18.60
CA ALA A 131 38.70 -2.78 18.88
C ALA A 131 38.93 -2.67 20.37
N GLU A 132 37.86 -2.71 21.15
CA GLU A 132 37.99 -2.62 22.58
C GLU A 132 39.13 -3.50 23.06
N SER A 133 39.46 -4.50 22.24
CA SER A 133 40.54 -5.42 22.59
C SER A 133 41.88 -4.96 22.01
N ASN A 134 41.91 -4.74 20.70
CA ASN A 134 43.16 -4.32 20.05
C ASN A 134 43.90 -3.29 20.89
N ARG A 135 43.22 -2.73 21.90
CA ARG A 135 43.87 -1.74 22.76
C ARG A 135 43.84 -2.21 24.20
N ALA A 136 42.78 -2.91 24.57
CA ALA A 136 42.67 -3.44 25.93
C ALA A 136 43.51 -4.72 26.03
N PHE A 137 44.01 -5.16 24.88
CA PHE A 137 44.83 -6.36 24.82
C PHE A 137 46.06 -6.21 25.71
N ARG A 138 47.23 -6.10 25.09
CA ARG A 138 48.47 -5.95 25.84
C ARG A 138 49.31 -4.82 25.27
N GLU A 139 48.65 -3.72 24.93
CA GLU A 139 49.35 -2.56 24.36
C GLU A 139 49.96 -1.71 25.47
N THR A 140 50.39 -2.36 26.55
CA THR A 140 51.00 -1.65 27.66
C THR A 140 52.32 -1.03 27.25
N GLY A 141 52.96 -0.33 28.18
CA GLY A 141 54.24 0.31 27.90
C GLY A 141 54.09 1.41 26.84
N ILE A 142 54.27 2.65 27.26
CA ILE A 142 54.15 3.78 26.35
C ILE A 142 55.51 4.12 25.73
N THR A 143 56.38 3.13 25.66
CA THR A 143 57.71 3.33 25.09
C THR A 143 58.47 4.40 25.86
N ASP A 144 57.79 5.04 26.80
CA ASP A 144 58.41 6.09 27.61
C ASP A 144 59.37 6.92 26.75
N GLU A 145 58.82 7.90 26.03
CA GLU A 145 59.64 8.76 25.18
C GLU A 145 60.51 9.69 26.03
N GLU A 146 59.87 10.42 26.93
CA GLU A 146 60.59 11.35 27.80
C GLU A 146 61.70 10.62 28.54
N GLN A 147 61.37 9.45 29.08
CA GLN A 147 62.35 8.66 29.83
C GLN A 147 63.47 8.20 28.91
N ALA A 148 63.14 7.98 27.64
CA ALA A 148 64.14 7.54 26.66
C ALA A 148 65.26 8.56 26.56
N ILE A 149 64.99 9.67 25.88
CA ILE A 149 66.00 10.72 25.72
C ILE A 149 66.71 10.97 27.05
N SER A 150 65.93 11.08 28.12
CA SER A 150 66.50 11.33 29.44
C SER A 150 67.49 10.23 29.80
N ARG A 151 67.14 8.99 29.46
CA ARG A 151 68.02 7.86 29.75
C ARG A 151 69.42 8.14 29.23
N VAL A 152 69.50 8.59 27.98
CA VAL A 152 70.79 8.90 27.36
C VAL A 152 71.56 9.90 28.22
N LEU A 153 70.83 10.92 28.70
CA LEU A 153 71.45 11.94 29.54
C LEU A 153 72.17 11.29 30.72
N GLU A 154 71.43 10.51 31.49
CA GLU A 154 72.01 9.84 32.65
C GLU A 154 73.25 9.05 32.23
N ALA A 155 73.20 8.46 31.04
CA ALA A 155 74.33 7.69 30.54
C ALA A 155 75.60 8.53 30.57
N SER A 156 75.47 9.81 30.20
CA SER A 156 76.62 10.70 30.20
C SER A 156 77.03 11.05 31.62
N ILE A 157 76.08 10.94 32.55
CA ILE A 157 76.36 11.25 33.95
C ILE A 157 76.95 10.02 34.65
N ALA A 158 76.60 8.84 34.16
CA ALA A 158 77.10 7.60 34.75
C ALA A 158 76.15 7.11 35.84
N GLU A 159 74.90 6.87 35.48
CA GLU A 159 73.91 6.40 36.42
C GLU A 159 74.41 5.19 37.20
N ASN A 160 75.62 4.73 36.87
CA ASN A 160 76.21 3.59 37.54
C ASN A 160 76.86 4.01 38.86
N LYS A 161 76.04 4.31 39.86
CA LYS A 161 76.56 4.72 41.15
C LYS A 161 77.82 3.95 41.50
N ALA A 162 78.75 4.61 42.19
CA ALA A 162 80.00 3.97 42.57
C ALA A 162 79.80 3.11 43.82
N CYS A 163 79.82 1.80 43.62
CA CYS A 163 79.65 0.86 44.74
C CYS A 163 78.48 1.28 45.62
N LEU A 164 77.41 0.51 45.58
CA LEU A 164 76.22 0.80 46.38
C LEU A 164 76.63 1.23 47.79
N LYS A 165 77.34 0.35 48.49
CA LYS A 165 77.80 0.64 49.84
C LYS A 165 78.67 -0.49 50.38
N ARG A 166 79.91 -0.52 49.93
CA ARG A 166 80.84 -1.57 50.37
C ARG A 166 82.13 -0.94 50.91
#